data_4CY6
#
_entry.id   4CY6
#
_cell.length_a   79.350
_cell.length_b   94.670
_cell.length_c   99.160
_cell.angle_alpha   115.03
_cell.angle_beta   96.09
_cell.angle_gamma   109.59
#
_symmetry.space_group_name_H-M   'P 1'
#
loop_
_entity.id
_entity.type
_entity.pdbx_description
1 polymer 2-HYDROXYBIPHENYL-3-MONOOXYGENASE
2 water water
#
_entity_poly.entity_id   1
_entity_poly.type   'polypeptide(L)'
_entity_poly.pdbx_seq_one_letter_code
;MSNSAETDVLIVGAGPAGAMSATLLASLGIRSLMINRWRSTSPGPRSHIINQRTMEILRDIGLEESAKSLAVPKEYMGEH
VYATSLAGEEFGRIPAWASHPQAHAEHELASPSRYCDLPQLYFEPMVVSEAALRGADVRFLTEYLGHVEDQDGVTARLLD
HVSGAEYEVRAKYIIGADGAHSLVAQNAGLPFEGQMGIGDSGSINIEFSADLSSLCEHRKGDMYWMFRAGSGINGVGVAA
LRMIRPWNKWICVWGYEKSKGTPEITKEEAKKIIHEIIGTDEIPVEVGPISTWTINQQYAVRNTSGRVFCMGDAVHRHTP
MGGLGLNTSVQDAYNLAWKLALVLKGQAAPTLLDSYDAERSPVAKQIVERAFKSLSTFPPVFEALSLPPAPTESEMAEAL
VRLKDASEEGAKRRAALRKAMDATIIGLGGGHGVELNQRYVSRAVFPDGTPDPGFVRDQEFFYQASTRPGAHLPHVWLTE
NQRRISTLDLCGKGRFTLLTGLSGAAWKHEAEQVSQSLGIELKVCVIGPGQEFVDTYGEYAKISEIGESGALLVRPDMFI
AFRAKDASREGLEQLNVAVKSILGRA
;
_entity_poly.pdbx_strand_id   A,B,C,D
#
# COMPACT_ATOMS: atom_id res chain seq x y z
N SER A 4 40.42 -31.80 22.37
CA SER A 4 39.85 -32.49 21.17
C SER A 4 38.29 -32.60 21.15
N ALA A 5 37.74 -32.88 19.95
CA ALA A 5 36.30 -32.87 19.68
C ALA A 5 35.97 -33.76 18.44
N GLU A 6 34.74 -34.26 18.34
CA GLU A 6 34.34 -35.08 17.17
C GLU A 6 33.05 -34.49 16.59
N THR A 7 32.89 -34.53 15.28
CA THR A 7 31.66 -34.11 14.65
C THR A 7 31.64 -34.74 13.27
N ASP A 8 30.51 -34.67 12.57
CA ASP A 8 30.45 -35.23 11.22
C ASP A 8 31.17 -34.38 10.15
N VAL A 9 30.71 -33.16 9.95
CA VAL A 9 31.33 -32.28 9.03
C VAL A 9 31.93 -31.09 9.75
N LEU A 10 33.15 -30.71 9.38
CA LEU A 10 33.77 -29.49 9.84
C LEU A 10 33.70 -28.47 8.74
N ILE A 11 32.98 -27.36 8.95
CA ILE A 11 32.88 -26.29 7.93
C ILE A 11 33.77 -25.10 8.29
N VAL A 12 34.78 -24.82 7.47
CA VAL A 12 35.70 -23.74 7.76
C VAL A 12 35.29 -22.56 6.94
N GLY A 13 34.79 -21.52 7.60
CA GLY A 13 34.27 -20.33 6.90
C GLY A 13 32.78 -20.19 7.19
N ALA A 14 32.37 -18.96 7.46
CA ALA A 14 30.97 -18.68 7.72
C ALA A 14 30.49 -17.56 6.82
N GLY A 15 31.04 -17.53 5.61
CA GLY A 15 30.46 -16.70 4.57
C GLY A 15 29.22 -17.42 4.10
N PRO A 16 28.60 -16.90 3.05
CA PRO A 16 27.31 -17.47 2.65
C PRO A 16 27.31 -18.96 2.31
N ALA A 17 28.39 -19.48 1.75
CA ALA A 17 28.42 -20.88 1.45
C ALA A 17 28.56 -21.77 2.69
N GLY A 18 29.48 -21.45 3.58
CA GLY A 18 29.65 -22.25 4.79
C GLY A 18 28.39 -22.26 5.66
N ALA A 19 27.79 -21.09 5.82
CA ALA A 19 26.59 -20.92 6.64
C ALA A 19 25.45 -21.71 6.05
N MET A 20 25.22 -21.52 4.76
CA MET A 20 24.19 -22.27 4.09
C MET A 20 24.44 -23.78 4.26
N SER A 21 25.68 -24.20 4.05
CA SER A 21 26.05 -25.58 4.32
C SER A 21 25.63 -26.02 5.70
N ALA A 22 25.96 -25.23 6.72
CA ALA A 22 25.60 -25.62 8.12
C ALA A 22 24.09 -25.77 8.33
N THR A 23 23.34 -24.80 7.80
CA THR A 23 21.91 -24.82 7.90
C THR A 23 21.32 -26.10 7.31
N LEU A 24 21.72 -26.40 6.08
CA LEU A 24 21.17 -27.53 5.36
C LEU A 24 21.55 -28.86 6.02
N LEU A 25 22.81 -29.01 6.43
CA LEU A 25 23.23 -30.23 7.13
C LEU A 25 22.52 -30.37 8.49
N ALA A 26 22.37 -29.25 9.22
CA ALA A 26 21.60 -29.31 10.45
C ALA A 26 20.16 -29.68 10.15
N SER A 27 19.56 -29.18 9.06
CA SER A 27 18.15 -29.54 8.73
C SER A 27 17.98 -30.99 8.40
N LEU A 28 19.03 -31.67 7.93
CA LEU A 28 18.97 -33.10 7.58
C LEU A 28 19.53 -33.99 8.69
N GLY A 29 19.64 -33.47 9.91
CA GLY A 29 20.10 -34.32 11.01
C GLY A 29 21.59 -34.66 11.07
N ILE A 30 22.44 -33.81 10.52
CA ILE A 30 23.86 -34.08 10.48
C ILE A 30 24.59 -33.10 11.35
N ARG A 31 25.54 -33.60 12.13
CA ARG A 31 26.29 -32.79 13.08
C ARG A 31 27.39 -32.04 12.39
N SER A 32 27.28 -30.72 12.36
CA SER A 32 28.34 -29.89 11.86
C SER A 32 28.93 -28.96 12.94
N LEU A 33 30.25 -28.73 12.88
CA LEU A 33 30.88 -27.60 13.57
C LEU A 33 31.35 -26.59 12.51
N MET A 34 30.76 -25.39 12.53
CA MET A 34 31.18 -24.32 11.64
C MET A 34 32.10 -23.35 12.37
N ILE A 35 33.19 -22.93 11.74
CA ILE A 35 34.16 -22.03 12.37
C ILE A 35 34.56 -20.87 11.47
N ASN A 36 35.17 -19.87 12.09
CA ASN A 36 35.48 -18.61 11.45
C ASN A 36 36.57 -17.88 12.24
N ARG A 37 37.60 -17.39 11.54
CA ARG A 37 38.75 -16.69 12.17
C ARG A 37 38.26 -15.39 12.78
N TRP A 38 37.34 -14.73 12.08
CA TRP A 38 36.95 -13.41 12.51
C TRP A 38 35.99 -13.33 13.69
N ARG A 39 35.91 -12.13 14.29
CA ARG A 39 35.01 -11.85 15.43
C ARG A 39 33.53 -11.80 15.03
N SER A 40 33.25 -11.47 13.77
CA SER A 40 31.87 -11.41 13.27
C SER A 40 31.67 -11.79 11.78
N THR A 41 30.43 -11.64 11.31
CA THR A 41 30.11 -11.80 9.89
C THR A 41 30.76 -10.62 9.13
N SER A 42 30.85 -10.75 7.80
CA SER A 42 31.48 -9.71 6.98
C SER A 42 30.81 -8.34 7.18
N PRO A 43 31.58 -7.35 7.65
CA PRO A 43 31.09 -5.98 7.71
C PRO A 43 31.17 -5.28 6.36
N GLY A 44 32.11 -5.71 5.53
CA GLY A 44 32.57 -4.93 4.40
C GLY A 44 31.55 -4.86 3.30
N PRO A 45 31.77 -3.96 2.35
CA PRO A 45 30.93 -3.92 1.18
C PRO A 45 31.28 -5.10 0.27
N ARG A 46 30.29 -5.94 0.02
CA ARG A 46 30.48 -7.13 -0.78
C ARG A 46 29.26 -7.29 -1.67
N SER A 47 28.74 -8.50 -1.76
CA SER A 47 27.67 -8.84 -2.71
C SER A 47 26.34 -8.30 -2.23
N HIS A 48 25.40 -8.16 -3.16
CA HIS A 48 24.08 -7.70 -2.78
C HIS A 48 22.97 -8.09 -3.71
N ILE A 49 23.26 -8.42 -4.97
CA ILE A 49 22.21 -8.94 -5.88
C ILE A 49 21.91 -10.42 -5.55
N ILE A 50 20.65 -10.67 -5.21
CA ILE A 50 20.14 -11.97 -4.91
C ILE A 50 19.22 -12.38 -6.05
N ASN A 51 19.65 -13.42 -6.76
CA ASN A 51 18.90 -13.88 -7.89
C ASN A 51 17.89 -14.98 -7.52
N GLN A 52 17.10 -15.39 -8.50
CA GLN A 52 16.00 -16.25 -8.25
C GLN A 52 16.41 -17.60 -7.68
N ARG A 53 17.51 -18.15 -8.16
CA ARG A 53 17.94 -19.46 -7.65
C ARG A 53 18.23 -19.43 -6.14
N THR A 54 18.90 -18.39 -5.67
CA THR A 54 19.13 -18.26 -4.27
C THR A 54 17.80 -18.04 -3.50
N MET A 55 16.89 -17.24 -4.05
CA MET A 55 15.61 -17.04 -3.39
C MET A 55 14.81 -18.33 -3.32
N GLU A 56 14.84 -19.14 -4.36
CA GLU A 56 14.18 -20.44 -4.31
C GLU A 56 14.72 -21.27 -3.15
N ILE A 57 16.01 -21.23 -2.92
CA ILE A 57 16.59 -22.03 -1.90
C ILE A 57 16.14 -21.52 -0.51
N LEU A 58 16.13 -20.22 -0.32
CA LEU A 58 15.57 -19.67 0.90
C LEU A 58 14.10 -20.07 1.07
N ARG A 59 13.35 -20.11 -0.02
CA ARG A 59 11.97 -20.51 0.00
C ARG A 59 11.84 -21.97 0.41
N ASP A 60 12.76 -22.83 -0.01
CA ASP A 60 12.78 -24.21 0.46
C ASP A 60 13.03 -24.32 1.98
N ILE A 61 13.88 -23.47 2.52
CA ILE A 61 14.33 -23.47 3.89
C ILE A 61 13.38 -22.65 4.75
N GLY A 62 12.40 -22.01 4.11
CA GLY A 62 11.52 -21.07 4.76
C GLY A 62 12.17 -19.81 5.28
N LEU A 63 13.23 -19.33 4.64
CA LEU A 63 13.74 -18.02 4.95
C LEU A 63 13.42 -16.94 3.92
N GLU A 64 12.58 -17.25 2.95
CA GLU A 64 12.35 -16.29 1.88
C GLU A 64 11.63 -15.02 2.42
N GLU A 65 10.55 -15.17 3.20
CA GLU A 65 9.80 -13.98 3.68
C GLU A 65 10.70 -13.09 4.53
N SER A 66 11.64 -13.67 5.27
CA SER A 66 12.59 -12.84 6.04
C SER A 66 13.50 -12.02 5.16
N ALA A 67 14.12 -12.68 4.19
CA ALA A 67 15.03 -11.97 3.31
C ALA A 67 14.24 -10.86 2.63
N LYS A 68 13.06 -11.16 2.08
CA LYS A 68 12.24 -10.12 1.42
C LYS A 68 11.93 -8.93 2.28
N SER A 69 11.71 -9.17 3.57
CA SER A 69 11.49 -8.09 4.53
C SER A 69 12.66 -7.15 4.64
N LEU A 70 13.88 -7.68 4.68
CA LEU A 70 15.05 -6.82 4.78
C LEU A 70 15.59 -6.37 3.44
N ALA A 71 15.15 -6.96 2.33
CA ALA A 71 15.76 -6.64 1.07
C ALA A 71 15.01 -5.54 0.41
N VAL A 72 15.70 -4.81 -0.45
CA VAL A 72 15.08 -3.87 -1.36
C VAL A 72 14.48 -4.64 -2.53
N PRO A 73 13.23 -4.33 -2.87
CA PRO A 73 12.55 -5.04 -3.97
C PRO A 73 13.06 -4.67 -5.38
N LYS A 74 12.91 -5.60 -6.32
CA LYS A 74 13.09 -5.38 -7.76
C LYS A 74 12.62 -4.01 -8.30
N GLU A 75 11.46 -3.54 -7.84
CA GLU A 75 10.87 -2.29 -8.31
C GLU A 75 11.73 -1.02 -8.10
N TYR A 76 12.60 -1.05 -7.08
CA TYR A 76 13.59 0.00 -6.77
C TYR A 76 14.95 -0.21 -7.44
N MET A 77 15.14 -1.34 -8.09
CA MET A 77 16.42 -1.68 -8.70
C MET A 77 16.50 -1.35 -10.24
N GLY A 78 15.42 -0.88 -10.84
CA GLY A 78 15.31 -0.88 -12.30
C GLY A 78 16.16 0.07 -13.16
N GLU A 79 16.32 1.32 -12.72
CA GLU A 79 17.01 2.37 -13.49
C GLU A 79 18.51 2.42 -13.25
N HIS A 80 19.26 1.88 -14.19
CA HIS A 80 20.70 2.07 -14.21
C HIS A 80 21.01 3.35 -14.99
N VAL A 81 21.57 4.38 -14.34
CA VAL A 81 21.89 5.60 -15.09
C VAL A 81 23.37 5.80 -15.24
N TYR A 82 23.75 6.22 -16.42
CA TYR A 82 25.08 6.58 -16.75
C TYR A 82 25.08 8.12 -16.84
N ALA A 83 26.00 8.76 -16.10
CA ALA A 83 26.03 10.21 -16.13
C ALA A 83 27.40 10.80 -15.89
N THR A 84 27.46 12.12 -15.95
CA THR A 84 28.67 12.87 -15.58
C THR A 84 28.87 12.90 -14.07
N SER A 85 27.76 13.06 -13.35
CA SER A 85 27.68 13.06 -11.88
C SER A 85 26.21 12.89 -11.52
N LEU A 86 25.91 12.56 -10.26
CA LEU A 86 24.51 12.37 -9.88
C LEU A 86 23.66 13.62 -10.12
N ALA A 87 24.24 14.78 -9.86
CA ALA A 87 23.53 16.04 -10.06
C ALA A 87 23.70 16.56 -11.49
N GLY A 88 24.69 16.03 -12.22
CA GLY A 88 24.99 16.44 -13.60
C GLY A 88 24.04 15.90 -14.65
N GLU A 89 24.52 15.81 -15.90
CA GLU A 89 23.72 15.36 -17.04
C GLU A 89 23.87 13.84 -17.30
N GLU A 90 22.74 13.18 -17.60
CA GLU A 90 22.72 11.75 -17.95
C GLU A 90 23.11 11.53 -19.40
N PHE A 91 24.02 10.58 -19.63
CA PHE A 91 24.26 10.06 -20.98
C PHE A 91 23.08 9.20 -21.42
N GLY A 92 22.38 8.58 -20.47
CA GLY A 92 21.28 7.66 -20.80
C GLY A 92 21.07 6.66 -19.70
N ARG A 93 20.07 5.81 -19.88
CA ARG A 93 19.73 4.76 -18.90
C ARG A 93 19.50 3.45 -19.61
N ILE A 94 19.86 2.35 -18.98
CA ILE A 94 19.43 1.04 -19.43
C ILE A 94 18.48 0.43 -18.37
N PRO A 95 17.61 -0.50 -18.80
CA PRO A 95 16.68 -1.18 -17.89
C PRO A 95 17.34 -2.38 -17.20
N ALA A 96 18.00 -2.08 -16.09
CA ALA A 96 18.71 -3.09 -15.32
C ALA A 96 17.81 -3.93 -14.44
N TRP A 97 18.37 -5.08 -14.06
CA TRP A 97 17.72 -6.10 -13.26
C TRP A 97 16.30 -6.43 -13.76
N ALA A 98 16.26 -6.91 -15.01
CA ALA A 98 15.04 -7.28 -15.72
C ALA A 98 13.89 -6.29 -15.60
N SER A 99 14.17 -4.98 -15.54
CA SER A 99 13.10 -3.95 -15.46
C SER A 99 12.35 -3.73 -16.77
N HIS A 100 12.95 -4.12 -17.89
CA HIS A 100 12.25 -4.06 -19.13
C HIS A 100 11.07 -5.05 -19.08
N PRO A 101 9.87 -4.62 -19.49
CA PRO A 101 8.67 -5.46 -19.48
C PRO A 101 8.89 -6.91 -19.96
N GLN A 102 9.52 -7.09 -21.12
CA GLN A 102 9.82 -8.41 -21.62
C GLN A 102 10.82 -9.17 -20.76
N ALA A 103 11.89 -8.51 -20.29
CA ALA A 103 12.86 -9.19 -19.37
C ALA A 103 12.13 -9.61 -18.12
N HIS A 104 11.16 -8.81 -17.72
CA HIS A 104 10.43 -9.07 -16.49
C HIS A 104 9.48 -10.28 -16.66
N ALA A 105 8.89 -10.39 -17.85
CA ALA A 105 8.03 -11.52 -18.18
C ALA A 105 8.84 -12.80 -18.15
N GLU A 106 10.01 -12.79 -18.79
CA GLU A 106 10.89 -13.95 -18.79
C GLU A 106 11.30 -14.28 -17.36
N HIS A 107 11.36 -13.26 -16.51
CA HIS A 107 11.72 -13.43 -15.09
C HIS A 107 10.59 -14.13 -14.30
N GLU A 108 9.36 -13.60 -14.42
CA GLU A 108 8.17 -14.15 -13.76
C GLU A 108 7.91 -15.60 -14.09
N LEU A 109 8.00 -15.93 -15.37
CA LEU A 109 7.81 -17.29 -15.84
C LEU A 109 8.88 -18.27 -15.33
N ALA A 110 10.08 -17.78 -15.09
CA ALA A 110 11.17 -18.67 -14.76
C ALA A 110 11.18 -19.20 -13.34
N SER A 111 10.49 -18.50 -12.44
CA SER A 111 10.53 -18.83 -11.04
C SER A 111 9.40 -18.15 -10.27
N PRO A 112 9.05 -18.71 -9.13
CA PRO A 112 8.17 -17.98 -8.24
C PRO A 112 8.91 -16.85 -7.47
N SER A 113 10.24 -16.89 -7.40
CA SER A 113 11.02 -15.86 -6.71
C SER A 113 11.43 -14.70 -7.61
N ARG A 114 12.01 -13.67 -7.02
CA ARG A 114 12.36 -12.42 -7.73
C ARG A 114 13.66 -11.85 -7.26
N TYR A 115 14.23 -10.98 -8.06
CA TYR A 115 15.48 -10.35 -7.74
C TYR A 115 15.23 -9.51 -6.51
N CYS A 116 16.26 -9.34 -5.70
CA CYS A 116 16.16 -8.30 -4.67
C CYS A 116 17.56 -7.94 -4.18
N ASP A 117 17.71 -6.78 -3.56
CA ASP A 117 19.01 -6.35 -3.13
C ASP A 117 19.04 -6.45 -1.64
N LEU A 118 20.02 -7.19 -1.16
CA LEU A 118 20.18 -7.46 0.25
C LEU A 118 21.68 -7.65 0.53
N PRO A 119 22.33 -6.60 1.03
CA PRO A 119 23.73 -6.61 1.37
C PRO A 119 24.11 -7.84 2.16
N GLN A 120 25.13 -8.51 1.67
CA GLN A 120 25.68 -9.66 2.34
C GLN A 120 25.79 -9.40 3.83
N LEU A 121 26.04 -8.15 4.17
CA LEU A 121 26.05 -7.69 5.54
C LEU A 121 24.85 -8.16 6.41
N TYR A 122 23.65 -8.28 5.82
CA TYR A 122 22.44 -8.76 6.52
C TYR A 122 22.21 -10.22 6.25
N PHE A 123 22.42 -10.61 5.01
CA PHE A 123 22.27 -12.01 4.60
C PHE A 123 23.05 -12.93 5.53
N GLU A 124 24.34 -12.68 5.74
CA GLU A 124 25.17 -13.60 6.52
C GLU A 124 24.61 -13.92 7.90
N PRO A 125 24.40 -12.92 8.73
CA PRO A 125 23.92 -13.25 10.09
C PRO A 125 22.53 -13.91 10.13
N MET A 126 21.70 -13.64 9.11
CA MET A 126 20.41 -14.29 9.01
C MET A 126 20.66 -15.78 8.97
N VAL A 127 21.55 -16.21 8.09
CA VAL A 127 21.78 -17.62 7.85
C VAL A 127 22.61 -18.23 8.96
N VAL A 128 23.55 -17.51 9.52
CA VAL A 128 24.36 -18.07 10.61
C VAL A 128 23.51 -18.36 11.83
N SER A 129 22.55 -17.50 12.10
CA SER A 129 21.69 -17.74 13.25
C SER A 129 20.71 -18.88 12.99
N GLU A 130 20.26 -19.06 11.76
CA GLU A 130 19.34 -20.16 11.47
C GLU A 130 20.05 -21.52 11.57
N ALA A 131 21.27 -21.56 11.10
CA ALA A 131 22.07 -22.76 11.17
C ALA A 131 22.20 -23.22 12.61
N ALA A 132 22.64 -22.31 13.49
CA ALA A 132 22.72 -22.64 14.93
C ALA A 132 21.37 -23.04 15.50
N LEU A 133 20.28 -22.40 15.07
CA LEU A 133 18.93 -22.73 15.56
C LEU A 133 18.50 -24.10 15.14
N ARG A 134 18.83 -24.47 13.92
CA ARG A 134 18.52 -25.80 13.41
C ARG A 134 19.46 -26.92 13.90
N GLY A 135 20.55 -26.58 14.60
CA GLY A 135 21.35 -27.63 15.22
C GLY A 135 22.84 -27.60 15.00
N ALA A 136 23.34 -26.74 14.11
CA ALA A 136 24.79 -26.66 13.91
C ALA A 136 25.48 -25.99 15.09
N ASP A 137 26.69 -26.39 15.39
CA ASP A 137 27.52 -25.70 16.37
C ASP A 137 28.34 -24.66 15.63
N VAL A 138 28.41 -23.45 16.16
CA VAL A 138 29.00 -22.32 15.45
C VAL A 138 29.99 -21.59 16.31
N ARG A 139 31.26 -21.60 15.93
CA ARG A 139 32.29 -20.97 16.75
C ARG A 139 33.14 -19.98 15.97
N PHE A 140 33.00 -18.69 16.30
CA PHE A 140 33.79 -17.60 15.68
C PHE A 140 35.09 -17.41 16.47
N LEU A 141 36.00 -16.58 15.97
CA LEU A 141 37.34 -16.42 16.57
C LEU A 141 38.09 -17.77 16.74
N THR A 142 37.92 -18.68 15.78
CA THR A 142 38.63 -19.93 15.78
C THR A 142 39.27 -20.09 14.40
N GLU A 143 40.58 -20.31 14.38
CA GLU A 143 41.36 -20.39 13.13
C GLU A 143 41.75 -21.83 12.78
N TYR A 144 41.48 -22.21 11.53
CA TYR A 144 41.98 -23.45 10.96
C TYR A 144 43.45 -23.29 10.66
N LEU A 145 44.25 -24.12 11.29
CA LEU A 145 45.68 -24.12 11.05
C LEU A 145 46.12 -25.22 10.07
N GLY A 146 45.34 -26.28 9.95
CA GLY A 146 45.70 -27.39 9.09
C GLY A 146 45.02 -28.68 9.47
N HIS A 147 45.19 -29.70 8.64
CA HIS A 147 44.60 -31.02 8.88
C HIS A 147 45.39 -32.13 8.22
N VAL A 148 45.10 -33.35 8.64
CA VAL A 148 45.62 -34.56 8.01
C VAL A 148 44.44 -35.50 7.78
N GLU A 149 44.44 -36.20 6.65
CA GLU A 149 43.41 -37.20 6.39
C GLU A 149 43.92 -38.60 6.59
N ASP A 150 42.98 -39.53 6.72
CA ASP A 150 43.27 -40.94 6.66
C ASP A 150 42.06 -41.70 6.06
N GLN A 151 42.07 -43.03 6.19
CA GLN A 151 41.03 -43.86 5.58
C GLN A 151 39.70 -43.68 6.31
N ASP A 152 39.73 -43.36 7.59
CA ASP A 152 38.48 -43.23 8.34
C ASP A 152 37.96 -41.78 8.52
N GLY A 153 38.72 -40.77 8.11
CA GLY A 153 38.28 -39.36 8.26
C GLY A 153 39.42 -38.35 8.33
N VAL A 154 39.16 -37.18 8.90
CA VAL A 154 40.17 -36.16 8.99
C VAL A 154 40.30 -35.59 10.37
N THR A 155 41.50 -35.11 10.68
CA THR A 155 41.79 -34.43 11.93
C THR A 155 42.41 -33.08 11.63
N ALA A 156 41.74 -32.03 12.12
CA ALA A 156 42.22 -30.66 11.92
C ALA A 156 42.73 -30.04 13.22
N ARG A 157 43.66 -29.09 13.09
CA ARG A 157 44.17 -28.36 14.25
C ARG A 157 43.58 -26.94 14.23
N LEU A 158 42.95 -26.54 15.34
CA LEU A 158 42.34 -25.23 15.44
C LEU A 158 43.00 -24.41 16.52
N LEU A 159 43.01 -23.09 16.30
CA LEU A 159 43.54 -22.14 17.28
C LEU A 159 42.43 -21.21 17.72
N ASP A 160 42.16 -21.19 19.01
CA ASP A 160 41.09 -20.39 19.59
C ASP A 160 41.59 -19.02 20.04
N HIS A 161 41.12 -17.97 19.38
CA HIS A 161 41.63 -16.62 19.65
C HIS A 161 41.03 -15.98 20.91
N VAL A 162 40.15 -16.66 21.61
CA VAL A 162 39.63 -16.12 22.84
C VAL A 162 40.43 -16.73 23.97
N SER A 163 40.32 -18.03 24.13
CA SER A 163 41.02 -18.75 25.19
C SER A 163 42.54 -18.81 24.94
N GLY A 164 42.98 -18.76 23.68
CA GLY A 164 44.38 -18.93 23.34
C GLY A 164 44.78 -20.39 23.03
N ALA A 165 43.94 -21.34 23.41
CA ALA A 165 44.23 -22.77 23.27
C ALA A 165 44.21 -23.28 21.84
N GLU A 166 45.01 -24.30 21.57
CA GLU A 166 44.91 -25.11 20.33
C GLU A 166 44.34 -26.48 20.65
N TYR A 167 43.44 -26.96 19.82
CA TYR A 167 42.81 -28.26 20.02
C TYR A 167 42.57 -28.94 18.67
N GLU A 168 42.22 -30.21 18.72
CA GLU A 168 42.04 -30.99 17.50
C GLU A 168 40.58 -31.27 17.30
N VAL A 169 40.17 -31.42 16.04
CA VAL A 169 38.80 -31.80 15.74
C VAL A 169 38.82 -32.95 14.76
N ARG A 170 38.13 -34.01 15.12
CA ARG A 170 38.01 -35.20 14.29
C ARG A 170 36.68 -35.07 13.51
N ALA A 171 36.72 -35.36 12.23
CA ALA A 171 35.50 -35.29 11.43
C ALA A 171 35.53 -36.27 10.28
N LYS A 172 34.35 -36.66 9.81
CA LYS A 172 34.26 -37.54 8.65
C LYS A 172 34.57 -36.72 7.33
N TYR A 173 34.12 -35.46 7.24
CA TYR A 173 34.48 -34.59 6.09
C TYR A 173 34.81 -33.14 6.45
N ILE A 174 35.40 -32.39 5.51
CA ILE A 174 35.71 -30.97 5.69
C ILE A 174 35.27 -30.15 4.50
N ILE A 175 34.55 -29.07 4.78
CA ILE A 175 34.12 -28.16 3.74
C ILE A 175 34.95 -26.90 3.88
N GLY A 176 35.76 -26.65 2.87
CA GLY A 176 36.54 -25.43 2.78
C GLY A 176 35.69 -24.32 2.18
N ALA A 177 35.16 -23.50 3.04
CA ALA A 177 34.42 -22.33 2.63
C ALA A 177 35.08 -21.06 3.23
N ASP A 178 36.40 -21.07 3.46
CA ASP A 178 37.14 -19.81 3.71
C ASP A 178 37.05 -19.06 2.39
N GLY A 179 37.60 -17.88 2.30
CA GLY A 179 37.30 -17.06 1.12
C GLY A 179 38.19 -17.33 -0.08
N ALA A 180 38.55 -16.23 -0.74
CA ALA A 180 39.43 -16.25 -1.86
C ALA A 180 40.90 -16.53 -1.53
N HIS A 181 41.28 -16.61 -0.26
CA HIS A 181 42.67 -17.00 0.05
C HIS A 181 42.67 -18.29 0.83
N SER A 182 41.72 -19.16 0.49
CA SER A 182 41.47 -20.35 1.26
C SER A 182 42.75 -21.13 1.58
N LEU A 183 43.08 -21.26 2.86
CA LEU A 183 44.11 -22.17 3.28
C LEU A 183 43.67 -23.64 3.14
N VAL A 184 42.39 -23.91 3.33
CA VAL A 184 41.86 -25.27 3.14
C VAL A 184 42.10 -25.75 1.69
N ALA A 185 41.94 -24.86 0.71
CA ALA A 185 42.20 -25.21 -0.72
C ALA A 185 43.68 -25.44 -0.95
N GLN A 186 44.51 -24.67 -0.25
CA GLN A 186 45.96 -24.79 -0.37
C GLN A 186 46.36 -26.15 0.16
N ASN A 187 45.87 -26.54 1.33
CA ASN A 187 46.27 -27.84 1.88
C ASN A 187 45.74 -29.04 1.10
N ALA A 188 44.50 -28.98 0.64
CA ALA A 188 43.94 -30.05 -0.19
C ALA A 188 44.66 -30.21 -1.52
N GLY A 189 45.42 -29.19 -1.91
CA GLY A 189 46.19 -29.24 -3.14
C GLY A 189 45.38 -29.05 -4.40
N LEU A 190 44.36 -28.20 -4.38
CA LEU A 190 43.52 -28.06 -5.58
C LEU A 190 44.23 -27.24 -6.62
N PRO A 191 44.08 -27.62 -7.90
CA PRO A 191 44.61 -26.87 -9.04
C PRO A 191 43.70 -25.75 -9.46
N PHE A 192 44.30 -24.58 -9.71
CA PHE A 192 43.58 -23.41 -10.20
C PHE A 192 44.05 -22.98 -11.57
N GLU A 193 43.19 -22.31 -12.31
CA GLU A 193 43.56 -21.70 -13.59
C GLU A 193 43.13 -20.26 -13.46
N GLY A 194 43.90 -19.35 -14.05
CA GLY A 194 43.69 -17.89 -13.93
C GLY A 194 44.53 -17.16 -12.89
N GLN A 195 44.50 -15.83 -12.96
CA GLN A 195 45.36 -14.95 -12.15
C GLN A 195 44.52 -14.21 -11.11
N MET A 196 45.16 -13.51 -10.17
CA MET A 196 44.44 -12.80 -9.10
C MET A 196 44.47 -11.27 -9.08
N GLY A 197 45.51 -10.63 -9.60
CA GLY A 197 45.44 -9.19 -9.87
C GLY A 197 45.73 -9.05 -11.34
N ILE A 198 44.73 -8.74 -12.15
CA ILE A 198 44.95 -8.76 -13.59
C ILE A 198 45.81 -7.57 -14.10
N GLY A 199 45.36 -6.34 -13.90
CA GLY A 199 46.14 -5.19 -14.34
C GLY A 199 46.82 -4.46 -13.17
N ASP A 200 46.94 -3.14 -13.32
CA ASP A 200 47.40 -2.22 -12.26
C ASP A 200 46.20 -1.49 -11.64
N GLY A 202 42.74 -1.82 -9.98
CA GLY A 202 41.66 -2.24 -9.07
C GLY A 202 40.71 -1.09 -8.72
N SER A 203 40.19 -1.10 -7.50
CA SER A 203 39.14 -0.16 -7.10
C SER A 203 39.17 0.17 -5.59
N ILE A 204 38.68 1.34 -5.24
CA ILE A 204 38.65 1.79 -3.87
C ILE A 204 37.20 1.96 -3.43
N ASN A 205 36.80 1.37 -2.31
CA ASN A 205 35.37 1.38 -1.91
C ASN A 205 35.06 2.25 -0.71
N ILE A 206 34.58 3.46 -0.97
CA ILE A 206 34.28 4.41 0.10
C ILE A 206 32.82 4.28 0.52
N GLU A 207 32.59 3.80 1.73
CA GLU A 207 31.24 3.74 2.27
C GLU A 207 30.91 5.10 2.84
N PHE A 208 29.67 5.55 2.65
CA PHE A 208 29.24 6.84 3.20
C PHE A 208 27.74 6.96 3.32
N SER A 209 27.31 8.06 3.92
CA SER A 209 25.94 8.25 4.29
C SER A 209 25.55 9.66 3.84
N ALA A 210 24.31 9.85 3.42
CA ALA A 210 23.88 11.11 2.81
C ALA A 210 22.49 10.98 2.18
N ASP A 211 21.59 11.91 2.45
CA ASP A 211 20.23 11.80 1.94
C ASP A 211 20.16 12.29 0.49
N LEU A 212 20.17 11.35 -0.45
CA LEU A 212 20.13 11.66 -1.87
C LEU A 212 18.77 11.39 -2.47
N SER A 213 17.71 11.36 -1.67
CA SER A 213 16.39 11.06 -2.23
C SER A 213 15.98 12.03 -3.34
N SER A 214 16.28 13.32 -3.18
CA SER A 214 15.97 14.31 -4.24
C SER A 214 16.62 14.01 -5.62
N LEU A 215 17.76 13.30 -5.61
CA LEU A 215 18.43 12.93 -6.84
C LEU A 215 18.07 11.53 -7.38
N CYS A 216 17.49 10.68 -6.52
CA CYS A 216 17.24 9.25 -6.86
C CYS A 216 15.78 8.78 -6.86
N GLU A 217 14.91 9.35 -6.02
CA GLU A 217 13.55 8.82 -5.86
C GLU A 217 12.76 8.90 -7.18
N HIS A 218 13.01 9.90 -8.03
CA HIS A 218 12.32 9.98 -9.35
C HIS A 218 12.89 9.04 -10.41
N ARG A 219 13.93 8.29 -10.06
CA ARG A 219 14.57 7.39 -11.01
C ARG A 219 15.31 6.31 -10.23
N LYS A 220 14.52 5.43 -9.64
CA LYS A 220 15.04 4.46 -8.69
C LYS A 220 15.92 3.42 -9.37
N GLY A 221 17.12 3.28 -8.86
CA GLY A 221 18.02 2.23 -9.31
C GLY A 221 18.92 1.77 -8.18
N ASP A 222 19.53 0.64 -8.43
CA ASP A 222 20.47 0.00 -7.53
C ASP A 222 21.81 0.71 -7.60
N MET A 223 22.17 1.16 -8.82
CA MET A 223 23.44 1.82 -9.12
C MET A 223 23.32 3.01 -10.06
N TYR A 224 24.33 3.88 -9.96
CA TYR A 224 24.44 5.09 -10.74
C TYR A 224 25.90 5.22 -11.15
N TRP A 225 26.19 5.05 -12.43
CA TRP A 225 27.58 5.03 -12.88
C TRP A 225 27.98 6.32 -13.56
N MET A 226 29.18 6.80 -13.23
CA MET A 226 29.68 8.09 -13.71
C MET A 226 30.88 7.91 -14.55
N PHE A 227 30.92 8.58 -15.71
CA PHE A 227 32.13 8.67 -16.54
C PHE A 227 32.77 10.05 -16.31
N ARG A 228 34.03 10.06 -15.86
CA ARG A 228 34.60 11.24 -15.16
C ARG A 228 35.91 11.71 -15.74
N VAL A 236 41.33 6.72 -13.11
CA VAL A 236 40.41 5.73 -13.74
C VAL A 236 39.32 6.43 -14.54
N GLY A 237 38.95 5.91 -15.72
CA GLY A 237 37.82 6.49 -16.46
C GLY A 237 36.46 6.44 -15.75
N VAL A 238 36.22 5.35 -15.02
CA VAL A 238 34.90 5.07 -14.45
C VAL A 238 34.80 4.85 -12.94
N ALA A 239 33.70 5.35 -12.42
CA ALA A 239 33.32 5.29 -11.02
C ALA A 239 31.82 5.02 -10.77
N ALA A 240 31.53 4.27 -9.73
CA ALA A 240 30.17 3.80 -9.51
C ALA A 240 29.64 4.26 -8.19
N LEU A 241 28.34 4.46 -8.17
CA LEU A 241 27.67 4.86 -6.97
C LEU A 241 26.51 3.90 -6.77
N ARG A 242 26.64 3.06 -5.75
CA ARG A 242 25.68 1.97 -5.48
C ARG A 242 24.91 2.19 -4.20
N MET A 243 23.61 1.98 -4.27
CA MET A 243 22.71 2.18 -3.13
C MET A 243 22.79 0.99 -2.19
N ILE A 244 22.96 1.26 -0.89
CA ILE A 244 22.90 0.24 0.16
C ILE A 244 21.56 0.23 0.91
N ARG A 245 20.98 1.39 1.17
CA ARG A 245 19.68 1.49 1.78
C ARG A 245 19.02 2.67 1.10
N PRO A 246 17.79 2.49 0.58
CA PRO A 246 17.16 3.41 -0.37
C PRO A 246 17.29 4.87 0.02
N TRP A 247 18.26 5.48 -0.66
CA TRP A 247 18.51 6.93 -0.87
C TRP A 247 19.28 7.61 0.27
N ASN A 248 20.13 6.84 0.92
CA ASN A 248 20.46 7.11 2.29
C ASN A 248 21.83 6.58 2.82
N LYS A 249 22.06 5.27 2.70
CA LYS A 249 23.35 4.65 2.95
C LYS A 249 23.91 4.17 1.58
N TRP A 250 25.22 4.27 1.39
CA TRP A 250 25.85 4.20 0.06
C TRP A 250 27.28 3.69 0.10
N ILE A 251 27.75 3.15 -1.03
CA ILE A 251 29.21 3.10 -1.34
C ILE A 251 29.49 3.75 -2.65
N CYS A 252 30.68 4.34 -2.75
CA CYS A 252 31.22 4.86 -3.98
C CYS A 252 32.38 3.97 -4.35
N VAL A 253 32.61 3.72 -5.64
CA VAL A 253 33.60 2.70 -5.98
C VAL A 253 34.87 3.16 -6.65
N TRP A 254 34.84 4.10 -7.57
CA TRP A 254 36.13 4.66 -8.10
C TRP A 254 37.09 3.63 -8.76
N GLU A 268 41.73 10.72 3.83
CA GLU A 268 40.77 10.55 4.93
C GLU A 268 39.56 11.53 4.84
N GLU A 269 39.82 12.81 4.56
CA GLU A 269 38.80 13.75 4.07
C GLU A 269 39.12 14.06 2.59
N ALA A 270 40.18 13.47 2.06
CA ALA A 270 40.36 13.31 0.61
C ALA A 270 39.18 12.54 -0.03
N LYS A 271 38.42 11.79 0.78
CA LYS A 271 37.13 11.27 0.33
C LYS A 271 36.09 12.41 0.27
N LYS A 272 36.39 13.43 -0.52
CA LYS A 272 35.38 14.19 -1.20
C LYS A 272 35.70 14.04 -2.72
N ILE A 273 36.44 12.98 -3.07
CA ILE A 273 36.26 12.32 -4.37
C ILE A 273 34.75 12.23 -4.53
N ILE A 274 34.10 11.72 -3.49
CA ILE A 274 32.61 11.67 -3.36
C ILE A 274 31.85 12.89 -3.84
N HIS A 275 32.21 14.07 -3.33
CA HIS A 275 31.51 15.26 -3.71
C HIS A 275 31.57 15.39 -5.22
N GLU A 276 32.74 15.07 -5.81
CA GLU A 276 32.90 15.05 -7.27
C GLU A 276 31.90 14.10 -7.98
N ILE A 277 31.70 12.93 -7.41
CA ILE A 277 30.80 11.91 -7.97
C ILE A 277 29.32 12.28 -7.84
N ILE A 278 28.91 12.80 -6.69
CA ILE A 278 27.56 13.33 -6.53
C ILE A 278 27.43 14.59 -7.37
N GLY A 279 28.55 15.29 -7.52
CA GLY A 279 28.59 16.54 -8.24
C GLY A 279 28.10 17.76 -7.43
N THR A 280 28.20 17.75 -6.11
CA THR A 280 27.80 18.94 -5.32
C THR A 280 28.31 18.94 -3.85
N ASP A 281 28.65 20.13 -3.35
CA ASP A 281 28.94 20.40 -1.92
C ASP A 281 27.69 20.40 -1.07
N GLU A 282 26.56 20.81 -1.65
CA GLU A 282 25.36 21.14 -0.88
C GLU A 282 24.87 20.02 0.04
N ILE A 283 25.01 18.75 -0.37
CA ILE A 283 24.47 17.63 0.42
C ILE A 283 25.48 17.15 1.44
N PRO A 284 25.16 17.27 2.74
CA PRO A 284 26.05 16.79 3.79
C PRO A 284 26.31 15.29 3.72
N VAL A 285 27.53 14.89 4.11
CA VAL A 285 28.04 13.54 3.91
C VAL A 285 28.85 13.02 5.11
N GLU A 286 28.46 11.91 5.74
CA GLU A 286 29.33 11.24 6.72
C GLU A 286 30.09 10.10 6.03
N VAL A 287 31.41 10.11 6.09
CA VAL A 287 32.24 9.05 5.51
C VAL A 287 32.39 7.86 6.43
N GLY A 288 32.05 6.68 5.94
CA GLY A 288 32.33 5.41 6.64
C GLY A 288 33.67 4.79 6.25
N PRO A 289 33.83 3.48 6.46
CA PRO A 289 35.08 2.80 6.11
C PRO A 289 35.38 2.78 4.64
N ILE A 290 36.66 2.69 4.30
CA ILE A 290 37.08 2.56 2.91
C ILE A 290 37.87 1.27 2.78
N SER A 291 37.86 0.66 1.61
CA SER A 291 38.58 -0.59 1.37
C SER A 291 38.99 -0.69 -0.08
N THR A 292 39.69 -1.78 -0.45
CA THR A 292 40.19 -1.97 -1.82
C THR A 292 39.79 -3.30 -2.46
N TRP A 293 39.45 -3.27 -3.76
CA TRP A 293 39.16 -4.46 -4.55
C TRP A 293 40.21 -4.54 -5.67
N THR A 294 40.53 -5.75 -6.10
CA THR A 294 41.41 -6.04 -7.25
C THR A 294 40.59 -6.72 -8.36
N ILE A 295 41.16 -6.94 -9.53
CA ILE A 295 40.43 -7.68 -10.57
C ILE A 295 40.91 -9.15 -10.65
N ASN A 296 40.02 -10.11 -10.36
CA ASN A 296 40.42 -11.53 -10.40
C ASN A 296 39.72 -12.31 -11.49
N GLN A 297 40.40 -13.35 -11.98
CA GLN A 297 39.78 -14.32 -12.89
C GLN A 297 40.48 -15.63 -12.63
N GLN A 298 40.10 -16.29 -11.54
CA GLN A 298 40.75 -17.56 -11.15
C GLN A 298 39.75 -18.51 -10.56
N TYR A 299 39.78 -19.75 -11.00
CA TYR A 299 38.85 -20.74 -10.48
C TYR A 299 39.56 -22.05 -10.31
N ALA A 300 39.02 -22.90 -9.47
CA ALA A 300 39.60 -24.22 -9.27
C ALA A 300 39.05 -25.16 -10.36
N VAL A 301 39.93 -25.95 -10.93
CA VAL A 301 39.59 -26.89 -11.98
C VAL A 301 38.96 -28.10 -11.37
N ARG A 302 39.11 -28.25 -10.07
CA ARG A 302 38.66 -29.42 -9.40
C ARG A 302 38.47 -28.96 -7.96
N ASN A 303 37.30 -29.24 -7.39
CA ASN A 303 36.89 -28.68 -6.08
C ASN A 303 36.91 -29.68 -4.95
N THR A 304 37.35 -30.89 -5.21
CA THR A 304 37.30 -31.96 -4.22
C THR A 304 38.68 -32.66 -4.21
N SER A 305 39.10 -33.09 -3.05
CA SER A 305 40.33 -33.83 -2.93
C SER A 305 40.15 -34.67 -1.68
N GLY A 306 40.03 -35.98 -1.89
CA GLY A 306 39.59 -36.95 -0.87
C GLY A 306 39.15 -36.42 0.46
N ARG A 307 37.85 -36.30 0.65
CA ARG A 307 37.35 -35.89 1.98
C ARG A 307 37.34 -34.38 2.23
N VAL A 308 37.99 -33.59 1.40
CA VAL A 308 37.90 -32.14 1.50
C VAL A 308 37.15 -31.54 0.33
N PHE A 309 36.08 -30.80 0.63
CA PHE A 309 35.25 -30.19 -0.38
C PHE A 309 35.33 -28.70 -0.24
N CYS A 310 35.69 -28.00 -1.31
CA CYS A 310 35.76 -26.54 -1.27
C CYS A 310 34.65 -25.92 -2.04
N MET A 311 34.26 -24.73 -1.60
CA MET A 311 32.93 -24.25 -1.88
C MET A 311 32.77 -22.92 -2.60
N GLY A 312 33.00 -21.77 -1.97
CA GLY A 312 32.49 -20.51 -2.61
C GLY A 312 33.53 -19.69 -3.36
N ASP A 313 33.85 -18.52 -2.84
CA ASP A 313 35.05 -17.79 -3.25
C ASP A 313 36.31 -18.64 -3.16
N ALA A 314 36.31 -19.68 -2.34
CA ALA A 314 37.48 -20.56 -2.28
C ALA A 314 37.80 -21.26 -3.61
N VAL A 315 36.81 -21.44 -4.47
CA VAL A 315 37.03 -22.10 -5.74
C VAL A 315 36.62 -21.26 -6.92
N HIS A 316 35.98 -20.12 -6.70
CA HIS A 316 35.76 -19.19 -7.82
C HIS A 316 35.94 -17.77 -7.31
N ARG A 317 36.95 -17.09 -7.85
CA ARG A 317 37.24 -15.72 -7.45
C ARG A 317 37.26 -14.85 -8.69
N HIS A 318 36.46 -13.80 -8.65
CA HIS A 318 36.04 -13.12 -9.86
C HIS A 318 35.60 -11.72 -9.48
N THR A 319 35.30 -10.90 -10.48
CA THR A 319 34.91 -9.53 -10.27
C THR A 319 33.43 -9.51 -9.93
N PRO A 320 32.95 -8.37 -9.48
CA PRO A 320 31.53 -8.28 -9.12
C PRO A 320 30.52 -8.19 -10.28
N MET A 321 30.96 -8.21 -11.52
CA MET A 321 30.00 -8.01 -12.62
C MET A 321 28.94 -9.11 -12.81
N GLY A 322 27.73 -8.88 -12.33
CA GLY A 322 26.57 -9.74 -12.62
C GLY A 322 25.84 -10.40 -11.45
N GLY A 323 26.32 -10.22 -10.22
CA GLY A 323 25.68 -10.80 -9.02
C GLY A 323 26.02 -12.25 -8.74
N LEU A 324 26.95 -12.78 -9.49
CA LEU A 324 27.12 -14.21 -9.57
C LEU A 324 27.82 -14.87 -8.43
N GLY A 325 28.58 -14.10 -7.66
CA GLY A 325 29.45 -14.67 -6.59
C GLY A 325 28.69 -15.32 -5.45
N LEU A 326 27.86 -14.55 -4.80
CA LEU A 326 27.14 -15.05 -3.67
C LEU A 326 26.16 -16.12 -4.10
N ASN A 327 25.45 -15.84 -5.18
CA ASN A 327 24.43 -16.77 -5.68
C ASN A 327 25.00 -18.13 -6.06
N THR A 328 26.16 -18.13 -6.70
CA THR A 328 26.82 -19.38 -6.97
C THR A 328 27.36 -20.11 -5.74
N SER A 329 27.82 -19.36 -4.76
CA SER A 329 28.28 -19.97 -3.55
C SER A 329 27.17 -20.70 -2.75
N VAL A 330 25.96 -20.15 -2.74
CA VAL A 330 24.85 -20.75 -2.01
C VAL A 330 24.40 -21.98 -2.73
N GLN A 331 24.43 -21.91 -4.04
CA GLN A 331 24.04 -23.07 -4.82
C GLN A 331 25.06 -24.20 -4.77
N ASP A 332 26.34 -23.87 -4.51
CA ASP A 332 27.38 -24.89 -4.30
C ASP A 332 26.99 -25.68 -3.04
N ALA A 333 26.57 -24.97 -2.01
CA ALA A 333 26.20 -25.61 -0.74
C ALA A 333 24.95 -26.48 -0.86
N TYR A 334 23.98 -26.00 -1.64
CA TYR A 334 22.71 -26.73 -1.86
C TYR A 334 22.89 -28.03 -2.63
N ASN A 335 23.83 -28.05 -3.57
CA ASN A 335 24.21 -29.24 -4.30
C ASN A 335 24.88 -30.31 -3.40
N LEU A 336 25.66 -29.91 -2.40
CA LEU A 336 26.46 -30.85 -1.67
C LEU A 336 25.80 -31.44 -0.42
N ALA A 337 24.98 -30.66 0.25
CA ALA A 337 24.56 -31.01 1.60
C ALA A 337 23.84 -32.33 1.58
N TRP A 338 22.86 -32.43 0.69
CA TRP A 338 22.00 -33.57 0.66
C TRP A 338 22.78 -34.80 0.32
N LYS A 339 23.82 -34.64 -0.48
CA LYS A 339 24.64 -35.76 -0.89
C LYS A 339 25.48 -36.24 0.28
N LEU A 340 26.00 -35.31 1.04
CA LEU A 340 26.80 -35.61 2.23
C LEU A 340 25.92 -36.30 3.28
N ALA A 341 24.70 -35.79 3.45
CA ALA A 341 23.75 -36.37 4.36
C ALA A 341 23.47 -37.83 4.02
N LEU A 342 23.09 -38.08 2.78
CA LEU A 342 22.86 -39.44 2.33
C LEU A 342 24.08 -40.36 2.58
N VAL A 343 25.29 -39.88 2.29
CA VAL A 343 26.45 -40.74 2.44
C VAL A 343 26.74 -41.03 3.89
N LEU A 344 26.74 -40.00 4.71
CA LEU A 344 26.93 -40.19 6.14
C LEU A 344 25.86 -41.07 6.82
N LYS A 345 24.70 -41.23 6.20
CA LYS A 345 23.67 -42.11 6.77
C LYS A 345 23.64 -43.50 6.13
N GLY A 346 24.65 -43.82 5.32
CA GLY A 346 24.71 -45.09 4.62
C GLY A 346 23.61 -45.36 3.61
N GLN A 347 22.81 -44.36 3.28
CA GLN A 347 21.84 -44.49 2.23
C GLN A 347 22.43 -44.33 0.83
N ALA A 348 23.71 -43.97 0.75
CA ALA A 348 24.35 -43.77 -0.52
C ALA A 348 25.82 -44.07 -0.40
N ALA A 349 26.42 -44.53 -1.50
CA ALA A 349 27.85 -44.78 -1.52
C ALA A 349 28.64 -43.47 -1.67
N PRO A 350 29.86 -43.42 -1.10
CA PRO A 350 30.70 -42.27 -1.25
C PRO A 350 30.87 -41.80 -2.69
N THR A 351 30.72 -42.69 -3.67
CA THR A 351 30.69 -42.31 -5.08
C THR A 351 29.85 -41.10 -5.43
N LEU A 352 28.70 -41.00 -4.79
CA LEU A 352 27.79 -39.88 -4.98
C LEU A 352 28.43 -38.49 -4.77
N LEU A 353 29.44 -38.41 -3.91
CA LEU A 353 30.10 -37.14 -3.66
C LEU A 353 30.96 -36.65 -4.84
N ASP A 354 31.36 -37.55 -5.73
CA ASP A 354 32.05 -37.13 -6.94
C ASP A 354 31.22 -36.19 -7.82
N SER A 355 29.89 -36.25 -7.74
CA SER A 355 29.05 -35.44 -8.66
C SER A 355 29.08 -33.99 -8.30
N TYR A 356 29.49 -33.70 -7.06
CA TYR A 356 29.72 -32.34 -6.65
C TYR A 356 30.73 -31.71 -7.60
N ASP A 357 31.86 -32.35 -7.83
CA ASP A 357 32.84 -31.79 -8.75
C ASP A 357 32.34 -31.76 -10.18
N ALA A 358 31.68 -32.83 -10.62
CA ALA A 358 31.19 -32.90 -11.98
C ALA A 358 30.20 -31.81 -12.28
N GLU A 359 29.30 -31.53 -11.33
CA GLU A 359 28.20 -30.65 -11.59
C GLU A 359 28.59 -29.22 -11.30
N ARG A 360 29.49 -29.03 -10.33
CA ARG A 360 29.74 -27.69 -9.78
C ARG A 360 31.00 -26.96 -10.36
N SER A 361 32.07 -27.70 -10.62
CA SER A 361 33.29 -27.11 -11.18
C SER A 361 33.10 -26.41 -12.54
N PRO A 362 32.32 -27.00 -13.45
CA PRO A 362 31.95 -26.21 -14.64
C PRO A 362 31.31 -24.83 -14.32
N VAL A 363 30.30 -24.81 -13.47
CA VAL A 363 29.64 -23.55 -13.13
C VAL A 363 30.66 -22.52 -12.60
N ALA A 364 31.70 -22.96 -11.86
CA ALA A 364 32.75 -22.06 -11.34
C ALA A 364 33.56 -21.40 -12.43
N LYS A 365 33.97 -22.20 -13.39
CA LYS A 365 34.70 -21.70 -14.52
C LYS A 365 33.83 -20.74 -15.31
N GLN A 366 32.59 -21.13 -15.55
CA GLN A 366 31.66 -20.31 -16.29
C GLN A 366 31.47 -18.93 -15.66
N ILE A 367 31.33 -18.90 -14.34
CA ILE A 367 31.02 -17.69 -13.60
C ILE A 367 32.19 -16.72 -13.65
N VAL A 368 33.38 -17.25 -13.45
CA VAL A 368 34.59 -16.47 -13.48
C VAL A 368 34.82 -15.85 -14.87
N GLU A 369 34.77 -16.66 -15.90
CA GLU A 369 34.90 -16.15 -17.25
C GLU A 369 33.83 -15.12 -17.58
N ARG A 370 32.60 -15.34 -17.15
CA ARG A 370 31.55 -14.39 -17.47
C ARG A 370 31.81 -13.07 -16.79
N ALA A 371 32.12 -13.09 -15.50
CA ALA A 371 32.29 -11.83 -14.80
C ALA A 371 33.40 -10.96 -15.40
N PHE A 372 34.47 -11.59 -15.85
CA PHE A 372 35.62 -10.85 -16.38
C PHE A 372 35.30 -10.29 -17.76
N LYS A 373 34.69 -11.13 -18.58
CA LYS A 373 34.28 -10.73 -19.88
C LYS A 373 33.29 -9.57 -19.86
N SER A 374 32.55 -9.40 -18.78
CA SER A 374 31.60 -8.30 -18.65
C SER A 374 32.30 -6.92 -18.48
N LEU A 375 33.57 -6.93 -18.07
CA LEU A 375 34.35 -5.72 -18.05
C LEU A 375 34.72 -5.18 -19.43
N SER A 376 34.73 -6.02 -20.45
CA SER A 376 34.99 -5.54 -21.80
C SER A 376 33.88 -4.68 -22.34
N THR A 377 32.72 -4.69 -21.71
CA THR A 377 31.61 -3.98 -22.27
C THR A 377 31.73 -2.50 -22.05
N PHE A 378 32.63 -2.08 -21.15
CA PHE A 378 32.81 -0.66 -20.81
C PHE A 378 33.70 0.19 -21.72
N PRO A 379 34.92 -0.24 -22.05
CA PRO A 379 35.73 0.54 -22.94
C PRO A 379 35.01 0.97 -24.21
N PRO A 380 34.24 0.07 -24.84
CA PRO A 380 33.54 0.54 -26.03
C PRO A 380 32.65 1.78 -25.83
N VAL A 381 32.33 2.11 -24.58
CA VAL A 381 31.60 3.32 -24.29
C VAL A 381 32.51 4.49 -24.62
N PHE A 382 33.73 4.49 -24.09
CA PHE A 382 34.70 5.52 -24.45
C PHE A 382 34.97 5.57 -25.95
N GLU A 383 35.15 4.43 -26.61
CA GLU A 383 35.31 4.50 -28.05
C GLU A 383 34.16 5.28 -28.70
N ALA A 384 32.92 5.05 -28.30
CA ALA A 384 31.77 5.75 -28.94
C ALA A 384 31.82 7.25 -28.75
N LEU A 385 32.42 7.71 -27.65
CA LEU A 385 32.59 9.13 -27.40
C LEU A 385 33.92 9.69 -27.92
N SER A 386 34.65 8.93 -28.73
CA SER A 386 36.06 9.21 -29.02
C SER A 386 36.80 9.74 -27.79
N LEU A 387 37.03 8.87 -26.83
CA LEU A 387 37.82 9.21 -25.68
C LEU A 387 38.90 8.16 -25.44
N PRO A 388 40.07 8.60 -24.99
CA PRO A 388 41.05 7.62 -24.57
C PRO A 388 40.65 7.18 -23.18
N PRO A 389 41.14 6.02 -22.74
CA PRO A 389 40.82 5.64 -21.36
C PRO A 389 41.50 6.63 -20.45
N ALA A 390 40.95 6.81 -19.26
CA ALA A 390 41.44 7.80 -18.29
C ALA A 390 41.52 9.25 -18.87
N PRO A 391 40.46 9.70 -19.54
CA PRO A 391 40.50 10.97 -20.22
C PRO A 391 40.60 12.16 -19.27
N THR A 392 40.75 13.34 -19.83
CA THR A 392 40.88 14.54 -19.05
C THR A 392 39.65 15.45 -19.17
N GLU A 393 39.41 16.23 -18.12
CA GLU A 393 38.22 17.05 -18.02
C GLU A 393 37.91 17.83 -19.29
N SER A 394 38.91 18.24 -20.03
CA SER A 394 38.61 18.95 -21.27
C SER A 394 38.02 17.99 -22.26
N GLU A 395 38.75 16.90 -22.52
CA GLU A 395 38.36 15.92 -23.55
C GLU A 395 36.93 15.43 -23.35
N MET A 396 36.59 15.24 -22.07
CA MET A 396 35.27 14.83 -21.64
C MET A 396 34.25 15.87 -22.05
N ALA A 397 34.50 17.10 -21.64
CA ALA A 397 33.65 18.19 -21.99
C ALA A 397 33.44 18.30 -23.51
N GLU A 398 34.48 18.08 -24.32
CA GLU A 398 34.32 18.05 -25.82
C GLU A 398 33.36 16.96 -26.27
N ALA A 399 33.51 15.78 -25.68
CA ALA A 399 32.65 14.65 -26.04
C ALA A 399 31.20 14.92 -25.70
N LEU A 400 30.98 15.54 -24.57
CA LEU A 400 29.62 15.88 -24.21
C LEU A 400 28.96 16.84 -25.21
N VAL A 401 29.69 17.78 -25.74
CA VAL A 401 29.06 18.76 -26.60
C VAL A 401 28.92 18.24 -28.00
N ARG A 402 29.79 17.33 -28.40
CA ARG A 402 29.57 16.62 -29.66
C ARG A 402 28.28 15.83 -29.61
N LEU A 403 27.99 15.31 -28.43
CA LEU A 403 26.81 14.50 -28.27
C LEU A 403 25.58 15.33 -28.50
N LYS A 404 25.64 16.61 -28.13
CA LYS A 404 24.49 17.49 -28.27
C LYS A 404 24.37 18.13 -29.65
N ASP A 405 25.25 17.73 -30.56
CA ASP A 405 25.45 18.41 -31.82
C ASP A 405 24.31 18.13 -32.78
N ALA A 406 23.68 19.14 -33.34
CA ALA A 406 22.61 18.94 -34.33
C ALA A 406 23.10 18.57 -35.72
N SER A 407 24.16 17.80 -35.85
CA SER A 407 24.64 17.37 -37.17
C SER A 407 24.36 15.89 -37.38
N GLU A 408 24.68 15.38 -38.56
CA GLU A 408 24.70 13.92 -38.80
C GLU A 408 25.91 13.26 -38.11
N GLU A 409 26.99 13.97 -37.86
CA GLU A 409 28.10 13.32 -37.15
C GLU A 409 27.60 13.00 -35.76
N GLY A 410 26.93 13.99 -35.16
CA GLY A 410 26.36 13.85 -33.82
C GLY A 410 25.29 12.78 -33.66
N ALA A 411 24.56 12.53 -34.73
CA ALA A 411 23.59 11.43 -34.75
C ALA A 411 24.30 10.09 -34.67
N LYS A 412 25.39 9.97 -35.41
CA LYS A 412 26.16 8.74 -35.42
C LYS A 412 26.73 8.44 -34.03
N ARG A 413 27.21 9.50 -33.36
CA ARG A 413 27.81 9.41 -32.01
C ARG A 413 26.72 8.91 -31.01
N ARG A 414 25.62 9.64 -30.97
CA ARG A 414 24.45 9.20 -30.23
C ARG A 414 24.13 7.70 -30.38
N ALA A 415 23.98 7.25 -31.61
CA ALA A 415 23.71 5.83 -31.89
C ALA A 415 24.83 4.89 -31.45
N ALA A 416 26.07 5.30 -31.62
CA ALA A 416 27.21 4.50 -31.19
C ALA A 416 27.17 4.28 -29.69
N LEU A 417 26.84 5.36 -29.01
CA LEU A 417 26.78 5.33 -27.55
C LEU A 417 25.65 4.39 -27.08
N ARG A 418 24.51 4.47 -27.75
CA ARG A 418 23.39 3.62 -27.44
C ARG A 418 23.80 2.19 -27.63
N LYS A 419 24.37 1.86 -28.78
CA LYS A 419 24.81 0.47 -29.02
C LYS A 419 25.79 0.03 -27.93
N ALA A 420 26.68 0.92 -27.52
CA ALA A 420 27.64 0.58 -26.50
C ALA A 420 26.98 0.35 -25.15
N MET A 421 26.12 1.29 -24.75
CA MET A 421 25.47 1.21 -23.42
C MET A 421 24.64 -0.05 -23.30
N ASP A 422 23.83 -0.34 -24.32
CA ASP A 422 22.96 -1.51 -24.28
C ASP A 422 23.71 -2.80 -24.04
N ALA A 423 24.84 -2.92 -24.70
CA ALA A 423 25.70 -4.08 -24.52
C ALA A 423 26.20 -4.31 -23.10
N THR A 424 26.20 -3.27 -22.27
CA THR A 424 26.67 -3.48 -20.89
C THR A 424 25.66 -4.23 -20.03
N ILE A 425 24.42 -4.35 -20.52
CA ILE A 425 23.35 -4.91 -19.73
C ILE A 425 23.59 -6.38 -19.33
N ILE A 426 24.43 -7.10 -20.09
CA ILE A 426 24.76 -8.48 -19.76
C ILE A 426 25.31 -8.60 -18.35
N GLY A 427 26.06 -7.59 -17.91
CA GLY A 427 26.61 -7.58 -16.58
C GLY A 427 25.65 -7.05 -15.52
N LEU A 428 24.47 -6.60 -15.92
CA LEU A 428 23.57 -5.82 -15.07
C LEU A 428 22.14 -6.31 -15.12
N GLY A 429 21.96 -7.61 -15.25
CA GLY A 429 20.62 -8.18 -15.21
C GLY A 429 20.15 -8.93 -16.45
N GLY A 430 20.83 -8.71 -17.56
CA GLY A 430 20.46 -9.36 -18.82
C GLY A 430 20.86 -10.82 -18.92
N GLY A 431 21.79 -11.26 -18.06
CA GLY A 431 22.35 -12.62 -18.16
C GLY A 431 21.55 -13.66 -17.43
N HIS A 432 20.29 -13.81 -17.88
CA HIS A 432 19.33 -14.65 -17.18
C HIS A 432 19.67 -16.14 -17.43
N GLY A 433 20.09 -16.43 -18.65
CA GLY A 433 20.57 -17.74 -19.00
C GLY A 433 21.73 -18.18 -18.14
N VAL A 434 22.71 -17.30 -17.91
CA VAL A 434 23.87 -17.70 -17.10
C VAL A 434 23.39 -18.11 -15.72
N GLU A 435 22.41 -17.37 -15.23
CA GLU A 435 21.88 -17.58 -13.88
C GLU A 435 21.17 -18.93 -13.72
N LEU A 436 20.45 -19.38 -14.74
CA LEU A 436 19.47 -20.44 -14.55
C LEU A 436 19.69 -21.65 -15.38
N ASN A 437 20.36 -21.51 -16.52
CA ASN A 437 20.53 -22.63 -17.43
C ASN A 437 21.59 -23.66 -17.02
N GLN A 438 21.72 -24.03 -15.74
CA GLN A 438 22.61 -25.13 -15.40
C GLN A 438 22.12 -26.38 -16.16
N ARG A 439 23.06 -27.17 -16.68
CA ARG A 439 22.82 -28.55 -17.20
C ARG A 439 23.83 -29.53 -16.59
N TYR A 440 23.43 -30.23 -15.57
CA TYR A 440 24.35 -31.13 -14.93
C TYR A 440 24.57 -32.35 -15.82
N VAL A 441 25.79 -32.89 -15.79
CA VAL A 441 26.03 -34.22 -16.29
C VAL A 441 26.98 -35.00 -15.34
N SER A 442 26.46 -36.05 -14.74
CA SER A 442 27.11 -36.77 -13.67
C SER A 442 26.39 -38.08 -13.35
N ARG A 443 27.01 -38.87 -12.47
CA ARG A 443 26.43 -40.15 -12.02
C ARG A 443 25.08 -39.95 -11.30
N ALA A 444 24.82 -38.71 -10.90
CA ALA A 444 23.64 -38.37 -10.19
C ALA A 444 22.54 -37.89 -11.10
N VAL A 445 22.70 -38.06 -12.41
CA VAL A 445 21.55 -37.93 -13.29
C VAL A 445 21.47 -39.12 -14.24
N PHE A 446 20.25 -39.65 -14.36
CA PHE A 446 19.97 -40.80 -15.15
C PHE A 446 19.33 -40.42 -16.46
N PRO A 447 20.06 -40.62 -17.53
CA PRO A 447 19.61 -40.22 -18.87
C PRO A 447 18.39 -40.99 -19.34
N ASP A 448 17.55 -40.34 -20.10
CA ASP A 448 16.28 -40.92 -20.45
C ASP A 448 16.26 -41.42 -21.87
N GLY A 449 17.31 -41.18 -22.60
CA GLY A 449 17.29 -41.59 -24.02
C GLY A 449 16.46 -40.65 -24.88
N THR A 450 16.52 -39.40 -24.50
CA THR A 450 16.11 -38.31 -25.34
C THR A 450 17.32 -37.66 -25.94
N PRO A 451 17.21 -37.25 -27.20
CA PRO A 451 18.31 -36.44 -27.74
C PRO A 451 18.43 -35.12 -26.99
N ASP A 452 19.65 -34.67 -26.78
CA ASP A 452 19.93 -33.36 -26.25
C ASP A 452 19.24 -32.33 -27.15
N PRO A 453 18.34 -31.50 -26.60
CA PRO A 453 18.04 -30.35 -27.45
C PRO A 453 19.07 -29.31 -27.12
N GLY A 454 19.26 -28.36 -27.99
CA GLY A 454 20.20 -27.30 -27.67
C GLY A 454 19.43 -26.20 -26.97
N PHE A 455 19.77 -24.97 -27.32
CA PHE A 455 19.00 -23.82 -26.95
C PHE A 455 18.52 -23.17 -28.25
N VAL A 456 17.22 -22.84 -28.30
CA VAL A 456 16.68 -22.07 -29.41
C VAL A 456 17.32 -20.68 -29.45
N ARG A 457 17.35 -20.00 -28.30
CA ARG A 457 17.92 -18.68 -28.16
C ARG A 457 19.20 -18.63 -27.32
N ASP A 458 19.88 -17.52 -27.38
CA ASP A 458 21.16 -17.38 -26.69
C ASP A 458 21.09 -17.82 -25.24
N GLN A 459 21.94 -18.77 -24.89
CA GLN A 459 21.94 -19.40 -23.58
C GLN A 459 22.57 -18.59 -22.45
N GLU A 460 23.23 -17.49 -22.76
CA GLU A 460 23.65 -16.57 -21.69
C GLU A 460 22.53 -15.59 -21.34
N PHE A 461 21.88 -15.06 -22.37
CA PHE A 461 20.83 -14.05 -22.16
C PHE A 461 19.49 -14.64 -21.76
N PHE A 462 19.17 -15.82 -22.28
CA PHE A 462 17.86 -16.44 -22.07
C PHE A 462 17.85 -17.83 -21.39
N TYR A 463 17.02 -17.93 -20.36
CA TYR A 463 16.67 -19.18 -19.70
C TYR A 463 15.78 -20.02 -20.58
N GLN A 464 16.08 -21.30 -20.65
CA GLN A 464 15.23 -22.26 -21.32
C GLN A 464 14.86 -23.35 -20.34
N ALA A 465 13.57 -23.37 -20.01
CA ALA A 465 13.01 -24.44 -19.19
C ALA A 465 13.23 -25.77 -19.91
N SER A 466 13.69 -26.76 -19.17
CA SER A 466 13.82 -28.10 -19.65
C SER A 466 13.46 -29.05 -18.53
N THR A 467 12.93 -30.19 -18.92
CA THR A 467 12.47 -31.18 -17.98
C THR A 467 13.30 -32.47 -18.16
N ARG A 468 14.31 -32.35 -19.02
CA ARG A 468 15.22 -33.41 -19.33
C ARG A 468 16.14 -33.58 -18.15
N PRO A 469 16.57 -34.82 -17.84
CA PRO A 469 17.37 -35.00 -16.64
C PRO A 469 18.64 -34.22 -16.73
N GLY A 470 19.08 -33.67 -15.60
CA GLY A 470 20.23 -32.78 -15.53
C GLY A 470 19.83 -31.30 -15.51
N ALA A 471 18.59 -30.98 -15.94
CA ALA A 471 18.03 -29.60 -15.85
C ALA A 471 17.29 -29.36 -14.57
N HIS A 472 17.08 -28.08 -14.26
CA HIS A 472 16.40 -27.68 -13.06
C HIS A 472 14.90 -27.75 -13.32
N LEU A 473 14.14 -28.18 -12.30
CA LEU A 473 12.72 -28.39 -12.45
C LEU A 473 12.09 -27.06 -12.80
N PRO A 474 11.33 -27.02 -13.89
CA PRO A 474 10.68 -25.78 -14.21
C PRO A 474 9.66 -25.42 -13.18
N HIS A 475 9.38 -24.14 -13.09
CA HIS A 475 8.30 -23.60 -12.30
C HIS A 475 7.08 -23.42 -13.18
N VAL A 476 5.94 -23.88 -12.68
CA VAL A 476 4.63 -23.42 -13.13
C VAL A 476 3.68 -23.38 -11.93
N TRP A 477 2.58 -22.63 -12.04
CA TRP A 477 1.61 -22.53 -10.96
C TRP A 477 0.61 -23.64 -11.03
N LEU A 478 0.47 -24.34 -9.91
CA LEU A 478 -0.59 -25.29 -9.67
C LEU A 478 -1.50 -24.61 -8.70
N THR A 479 -2.53 -25.30 -8.23
CA THR A 479 -3.36 -24.87 -7.09
C THR A 479 -3.44 -26.01 -6.05
N GLU A 480 -3.35 -25.61 -4.78
CA GLU A 480 -3.75 -26.41 -3.64
C GLU A 480 -4.82 -25.60 -2.89
N ASN A 481 -6.03 -26.14 -2.82
CA ASN A 481 -7.18 -25.45 -2.26
C ASN A 481 -7.46 -24.14 -2.94
N GLN A 482 -7.37 -24.15 -4.27
CA GLN A 482 -7.66 -22.96 -5.09
C GLN A 482 -6.66 -21.84 -4.92
N ARG A 483 -5.60 -22.10 -4.16
CA ARG A 483 -4.59 -21.11 -3.89
C ARG A 483 -3.39 -21.52 -4.70
N ARG A 484 -2.71 -20.56 -5.34
CA ARG A 484 -1.53 -20.86 -6.12
C ARG A 484 -0.38 -21.42 -5.31
N ILE A 485 0.24 -22.46 -5.85
CA ILE A 485 1.44 -23.02 -5.31
C ILE A 485 2.38 -23.32 -6.47
N SER A 486 3.64 -23.14 -6.24
CA SER A 486 4.60 -23.44 -7.29
C SER A 486 4.88 -24.93 -7.34
N THR A 487 5.13 -25.39 -8.55
CA THR A 487 5.64 -26.71 -8.74
C THR A 487 6.88 -26.97 -7.86
N LEU A 488 7.65 -25.94 -7.59
CA LEU A 488 8.87 -26.09 -6.80
C LEU A 488 8.57 -26.28 -5.34
N ASP A 489 7.39 -25.84 -4.93
CA ASP A 489 6.98 -25.98 -3.54
C ASP A 489 6.53 -27.40 -3.20
N LEU A 490 6.27 -28.23 -4.21
CA LEU A 490 6.08 -29.66 -3.97
C LEU A 490 7.38 -30.41 -3.66
N CYS A 491 8.58 -29.79 -3.72
CA CYS A 491 9.75 -30.57 -4.05
C CYS A 491 11.03 -30.59 -3.23
N GLY A 492 11.18 -29.78 -2.24
CA GLY A 492 12.50 -29.77 -1.62
C GLY A 492 12.60 -30.67 -0.41
N LYS A 493 12.77 -30.03 0.73
CA LYS A 493 12.55 -30.63 2.01
C LYS A 493 13.52 -31.80 2.27
N GLY A 494 14.70 -31.73 1.68
CA GLY A 494 15.73 -32.75 1.85
C GLY A 494 15.38 -34.14 1.33
N ARG A 495 14.49 -34.25 0.35
CA ARG A 495 14.00 -35.54 -0.10
C ARG A 495 13.72 -35.59 -1.59
N PHE A 496 13.79 -36.79 -2.13
CA PHE A 496 13.46 -36.99 -3.54
C PHE A 496 11.97 -36.91 -3.71
N THR A 497 11.53 -36.42 -4.87
CA THR A 497 10.10 -36.25 -5.13
C THR A 497 9.83 -36.76 -6.50
N LEU A 498 8.67 -37.36 -6.71
CA LEU A 498 8.30 -37.86 -8.01
C LEU A 498 6.95 -37.30 -8.46
N LEU A 499 6.87 -36.76 -9.65
CA LEU A 499 5.68 -36.04 -10.05
C LEU A 499 5.00 -36.70 -11.20
N THR A 500 3.66 -36.66 -11.21
CA THR A 500 2.86 -37.37 -12.23
C THR A 500 1.48 -36.81 -12.35
N GLY A 501 0.77 -37.23 -13.41
CA GLY A 501 -0.67 -37.04 -13.50
C GLY A 501 -1.48 -38.28 -13.14
N LEU A 502 -2.79 -38.15 -13.18
CA LEU A 502 -3.69 -39.25 -12.79
C LEU A 502 -3.46 -40.57 -13.53
N SER A 503 -3.22 -40.48 -14.85
CA SER A 503 -2.92 -41.66 -15.64
C SER A 503 -1.70 -42.42 -15.11
N GLY A 504 -0.99 -41.85 -14.11
CA GLY A 504 0.29 -42.40 -13.65
C GLY A 504 0.29 -42.91 -12.22
N ALA A 505 -0.87 -43.17 -11.70
CA ALA A 505 -0.99 -43.67 -10.32
C ALA A 505 -0.05 -44.84 -10.01
N ALA A 506 0.26 -45.64 -11.03
CA ALA A 506 1.14 -46.79 -10.86
C ALA A 506 2.47 -46.39 -10.25
N TRP A 507 2.92 -45.18 -10.53
CA TRP A 507 4.19 -44.74 -9.95
C TRP A 507 4.09 -44.70 -8.41
N LYS A 508 2.93 -44.37 -7.84
CA LYS A 508 2.76 -44.38 -6.37
C LYS A 508 3.27 -45.71 -5.82
N HIS A 509 2.76 -46.80 -6.37
CA HIS A 509 3.07 -48.12 -5.79
C HIS A 509 4.51 -48.45 -6.05
N GLU A 510 4.95 -48.17 -7.27
CA GLU A 510 6.31 -48.43 -7.62
C GLU A 510 7.30 -47.66 -6.75
N ALA A 511 6.92 -46.44 -6.39
CA ALA A 511 7.75 -45.60 -5.56
C ALA A 511 7.87 -46.17 -4.15
N GLU A 512 6.73 -46.55 -3.56
CA GLU A 512 6.74 -47.16 -2.21
C GLU A 512 7.71 -48.34 -2.19
N GLN A 513 7.57 -49.23 -3.16
CA GLN A 513 8.43 -50.40 -3.23
C GLN A 513 9.90 -50.03 -3.20
N VAL A 514 10.25 -48.95 -3.85
CA VAL A 514 11.66 -48.57 -3.92
C VAL A 514 12.14 -47.93 -2.64
N SER A 515 11.32 -47.08 -2.03
CA SER A 515 11.62 -46.56 -0.69
C SER A 515 11.79 -47.70 0.28
N GLN A 516 10.87 -48.67 0.27
CA GLN A 516 11.02 -49.81 1.18
C GLN A 516 12.34 -50.52 0.85
N SER A 517 12.50 -50.91 -0.41
CA SER A 517 13.68 -51.63 -0.85
C SER A 517 15.02 -50.96 -0.47
N LEU A 518 15.27 -49.72 -0.90
CA LEU A 518 16.46 -48.94 -0.51
C LEU A 518 15.93 -48.09 0.58
N GLY A 519 16.73 -47.59 1.49
CA GLY A 519 16.09 -47.00 2.67
C GLY A 519 15.83 -45.52 2.58
N ILE A 520 15.06 -45.03 1.61
CA ILE A 520 14.93 -43.56 1.45
C ILE A 520 13.51 -43.06 1.23
N GLU A 521 13.29 -41.82 1.65
CA GLU A 521 11.99 -41.21 1.55
C GLU A 521 11.75 -40.81 0.11
N LEU A 522 10.54 -40.98 -0.37
CA LEU A 522 10.27 -40.61 -1.73
C LEU A 522 8.84 -40.15 -1.90
N LYS A 523 8.61 -38.84 -1.73
CA LYS A 523 7.28 -38.28 -1.88
C LYS A 523 6.86 -38.49 -3.30
N VAL A 524 5.57 -38.77 -3.44
CA VAL A 524 4.94 -38.84 -4.74
C VAL A 524 3.74 -37.92 -4.80
N CYS A 525 3.74 -37.01 -5.78
CA CYS A 525 2.59 -36.17 -6.05
C CYS A 525 1.93 -36.57 -7.35
N VAL A 526 0.65 -36.93 -7.27
CA VAL A 526 -0.18 -37.15 -8.45
C VAL A 526 -0.99 -35.90 -8.75
N ILE A 527 -0.61 -35.14 -9.76
CA ILE A 527 -1.24 -33.85 -10.02
C ILE A 527 -2.45 -34.11 -10.91
N GLY A 528 -3.61 -33.55 -10.52
CA GLY A 528 -4.80 -33.54 -11.38
C GLY A 528 -6.09 -33.15 -10.70
N PRO A 529 -7.21 -33.14 -11.47
CA PRO A 529 -8.51 -32.58 -11.11
C PRO A 529 -9.04 -32.98 -9.75
N GLY A 530 -9.01 -34.25 -9.43
CA GLY A 530 -9.49 -34.61 -8.11
C GLY A 530 -8.58 -34.22 -6.96
N GLN A 531 -7.27 -34.13 -7.21
CA GLN A 531 -6.24 -34.43 -6.22
C GLN A 531 -5.99 -33.21 -5.30
N GLU A 532 -5.01 -33.30 -4.41
CA GLU A 532 -4.57 -32.16 -3.57
C GLU A 532 -4.03 -31.03 -4.47
N PHE A 533 -2.93 -31.32 -5.15
CA PHE A 533 -2.38 -30.38 -6.12
C PHE A 533 -3.09 -30.64 -7.44
N VAL A 534 -3.59 -29.61 -8.10
CA VAL A 534 -4.20 -29.75 -9.41
C VAL A 534 -3.61 -28.70 -10.34
N ASP A 535 -3.51 -28.91 -11.65
CA ASP A 535 -3.07 -27.75 -12.42
C ASP A 535 -4.23 -27.07 -13.08
N THR A 536 -4.83 -26.18 -12.30
CA THR A 536 -5.87 -25.36 -12.79
C THR A 536 -5.55 -24.59 -14.09
N TYR A 537 -4.29 -24.25 -14.38
CA TYR A 537 -4.01 -23.52 -15.68
C TYR A 537 -3.50 -24.38 -16.86
N GLY A 538 -3.22 -25.66 -16.64
CA GLY A 538 -2.70 -26.49 -17.72
C GLY A 538 -1.24 -26.29 -17.99
N GLU A 539 -0.58 -25.49 -17.15
CA GLU A 539 0.82 -25.21 -17.35
C GLU A 539 1.66 -26.46 -17.15
N TYR A 540 1.22 -27.37 -16.28
CA TYR A 540 2.05 -28.55 -16.05
C TYR A 540 2.00 -29.46 -17.28
N ALA A 541 0.80 -29.75 -17.76
CA ALA A 541 0.62 -30.43 -19.05
C ALA A 541 1.44 -29.80 -20.16
N LYS A 542 1.32 -28.47 -20.34
CA LYS A 542 2.09 -27.74 -21.37
C LYS A 542 3.62 -27.85 -21.18
N ILE A 543 4.11 -27.74 -19.95
CA ILE A 543 5.53 -27.51 -19.73
C ILE A 543 6.32 -28.81 -19.80
N SER A 544 5.85 -29.88 -19.15
CA SER A 544 6.55 -31.17 -19.19
C SER A 544 6.53 -31.66 -20.62
N GLU A 545 7.56 -32.39 -21.02
CA GLU A 545 7.71 -32.72 -22.43
C GLU A 545 7.34 -34.21 -22.59
N ILE A 546 6.18 -34.57 -22.03
CA ILE A 546 5.93 -35.89 -21.38
C ILE A 546 4.40 -36.02 -21.27
N GLY A 547 3.88 -37.23 -21.43
CA GLY A 547 2.44 -37.44 -21.33
C GLY A 547 1.97 -37.48 -19.88
N GLU A 548 0.68 -37.40 -19.66
CA GLU A 548 0.16 -37.41 -18.31
C GLU A 548 0.73 -38.55 -17.45
N SER A 549 0.79 -39.77 -17.96
CA SER A 549 1.27 -40.93 -17.14
C SER A 549 2.77 -40.94 -16.87
N GLY A 550 3.51 -40.06 -17.53
CA GLY A 550 4.96 -40.00 -17.34
C GLY A 550 5.33 -39.51 -15.96
N ALA A 551 6.61 -39.45 -15.64
CA ALA A 551 7.02 -38.97 -14.33
C ALA A 551 8.34 -38.31 -14.33
N LEU A 552 8.52 -37.38 -13.39
CA LEU A 552 9.80 -36.72 -13.15
C LEU A 552 10.29 -37.03 -11.77
N LEU A 553 11.50 -37.55 -11.66
CA LEU A 553 12.13 -37.71 -10.36
C LEU A 553 13.00 -36.49 -10.11
N VAL A 554 12.67 -35.76 -9.05
CA VAL A 554 13.38 -34.55 -8.68
C VAL A 554 14.26 -34.80 -7.47
N ARG A 555 15.49 -34.30 -7.54
CA ARG A 555 16.42 -34.39 -6.45
C ARG A 555 16.09 -33.41 -5.32
N PRO A 556 16.66 -33.63 -4.11
CA PRO A 556 16.54 -32.65 -3.05
C PRO A 556 16.92 -31.29 -3.50
N ASP A 557 17.97 -31.18 -4.30
CA ASP A 557 18.38 -29.85 -4.77
C ASP A 557 17.63 -29.37 -6.01
N MET A 558 16.48 -29.96 -6.31
CA MET A 558 15.52 -29.42 -7.28
C MET A 558 15.82 -29.71 -8.75
N PHE A 559 16.85 -30.52 -8.98
CA PHE A 559 17.24 -30.93 -10.31
C PHE A 559 16.62 -32.27 -10.61
N ILE A 560 16.16 -32.42 -11.84
CA ILE A 560 15.56 -33.65 -12.32
C ILE A 560 16.65 -34.71 -12.58
N ALA A 561 16.53 -35.87 -11.95
CA ALA A 561 17.49 -36.95 -12.14
C ALA A 561 16.96 -38.07 -13.01
N PHE A 562 15.68 -38.06 -13.34
CA PHE A 562 15.08 -39.15 -14.04
C PHE A 562 13.75 -38.68 -14.61
N ARG A 563 13.45 -39.13 -15.83
CA ARG A 563 12.19 -38.86 -16.49
C ARG A 563 11.69 -40.07 -17.26
N ALA A 564 10.40 -40.37 -17.19
CA ALA A 564 9.80 -41.46 -18.00
C ALA A 564 8.64 -40.96 -18.88
N LYS A 565 8.60 -41.39 -20.13
CA LYS A 565 7.60 -40.96 -21.10
C LYS A 565 6.20 -41.18 -20.57
N ASP A 566 6.01 -42.34 -19.95
CA ASP A 566 4.69 -42.94 -19.63
C ASP A 566 4.82 -43.91 -18.46
N ALA A 567 3.71 -44.52 -18.06
CA ALA A 567 3.74 -45.49 -16.96
C ALA A 567 3.70 -46.96 -17.40
N SER A 568 4.22 -47.27 -18.57
CA SER A 568 4.33 -48.64 -19.02
C SER A 568 5.21 -49.40 -18.05
N ARG A 569 5.12 -50.72 -18.08
CA ARG A 569 5.91 -51.55 -17.16
C ARG A 569 7.45 -51.43 -17.47
N GLU A 570 7.83 -51.21 -18.74
CA GLU A 570 9.26 -50.99 -19.07
C GLU A 570 9.75 -49.72 -18.39
N GLY A 571 8.89 -48.68 -18.36
CA GLY A 571 9.21 -47.41 -17.70
C GLY A 571 9.28 -47.58 -16.20
N LEU A 572 8.33 -48.32 -15.66
CA LEU A 572 8.27 -48.52 -14.23
C LEU A 572 9.43 -49.33 -13.65
N GLU A 573 9.94 -50.28 -14.43
CA GLU A 573 11.07 -51.10 -13.99
C GLU A 573 12.31 -50.25 -13.84
N GLN A 574 12.47 -49.30 -14.76
CA GLN A 574 13.65 -48.44 -14.79
C GLN A 574 13.89 -47.66 -13.49
N LEU A 575 12.84 -47.27 -12.80
CA LEU A 575 12.94 -46.36 -11.67
C LEU A 575 13.92 -46.87 -10.63
N ASN A 576 13.66 -48.08 -10.19
CA ASN A 576 14.48 -48.76 -9.23
C ASN A 576 15.96 -48.82 -9.64
N VAL A 577 16.21 -48.92 -10.93
CA VAL A 577 17.59 -48.95 -11.40
C VAL A 577 18.21 -47.55 -11.37
N ALA A 578 17.47 -46.58 -11.92
CA ALA A 578 17.89 -45.18 -11.85
C ALA A 578 18.25 -44.79 -10.45
N VAL A 579 17.42 -45.16 -9.48
CA VAL A 579 17.71 -44.81 -8.12
C VAL A 579 18.95 -45.50 -7.52
N LYS A 580 19.04 -46.81 -7.63
CA LYS A 580 20.26 -47.53 -7.18
C LYS A 580 21.52 -46.90 -7.87
N SER A 581 21.40 -46.54 -9.14
CA SER A 581 22.52 -45.97 -9.87
C SER A 581 22.92 -44.59 -9.35
N ILE A 582 21.93 -43.74 -9.15
CA ILE A 582 22.17 -42.39 -8.70
C ILE A 582 22.90 -42.43 -7.37
N LEU A 583 22.49 -43.33 -6.49
CA LEU A 583 23.09 -43.43 -5.14
C LEU A 583 24.31 -44.35 -5.05
N GLY A 584 24.69 -44.99 -6.15
CA GLY A 584 25.91 -45.79 -6.19
C GLY A 584 25.79 -47.15 -5.58
N ARG A 585 24.63 -47.74 -5.74
CA ARG A 585 24.26 -48.99 -5.04
C ARG A 585 23.70 -50.13 -5.95
N SER B 4 43.89 -18.62 29.63
CA SER B 4 43.41 -17.32 30.22
C SER B 4 43.25 -16.16 29.21
N ALA B 5 42.49 -15.14 29.61
CA ALA B 5 42.06 -14.03 28.75
C ALA B 5 41.74 -12.77 29.60
N GLU B 6 41.82 -11.58 29.02
CA GLU B 6 41.48 -10.34 29.76
C GLU B 6 40.49 -9.53 28.92
N THR B 7 39.56 -8.87 29.58
CA THR B 7 38.66 -7.99 28.88
C THR B 7 38.13 -7.02 29.93
N ASP B 8 37.42 -5.97 29.51
CA ASP B 8 36.80 -5.07 30.48
C ASP B 8 35.59 -5.65 31.22
N VAL B 9 34.54 -5.95 30.47
CA VAL B 9 33.35 -6.52 31.05
C VAL B 9 33.16 -7.94 30.52
N LEU B 10 32.81 -8.85 31.41
CA LEU B 10 32.39 -10.17 31.04
C LEU B 10 30.89 -10.27 31.17
N ILE B 11 30.18 -10.51 30.06
CA ILE B 11 28.70 -10.62 30.09
C ILE B 11 28.31 -12.10 30.00
N VAL B 12 27.70 -12.64 31.06
CA VAL B 12 27.29 -14.02 31.05
C VAL B 12 25.83 -14.07 30.68
N GLY B 13 25.51 -14.61 29.51
CA GLY B 13 24.14 -14.67 29.01
C GLY B 13 24.01 -13.81 27.75
N ALA B 14 23.29 -14.33 26.77
CA ALA B 14 23.07 -13.63 25.53
C ALA B 14 21.60 -13.56 25.22
N GLY B 15 20.79 -13.48 26.26
CA GLY B 15 19.38 -13.16 26.07
C GLY B 15 19.35 -11.70 25.74
N PRO B 16 18.15 -11.13 25.71
CA PRO B 16 18.08 -9.74 25.26
C PRO B 16 18.88 -8.75 26.11
N ALA B 17 18.98 -8.96 27.40
CA ALA B 17 19.71 -8.00 28.23
C ALA B 17 21.23 -8.07 28.06
N GLY B 18 21.79 -9.26 28.06
CA GLY B 18 23.24 -9.43 27.83
C GLY B 18 23.67 -8.93 26.45
N ALA B 19 22.88 -9.28 25.42
CA ALA B 19 23.17 -8.85 24.04
C ALA B 19 23.13 -7.36 23.93
N MET B 20 22.06 -6.77 24.42
CA MET B 20 21.93 -5.32 24.38
C MET B 20 23.10 -4.69 25.15
N SER B 21 23.43 -5.23 26.34
CA SER B 21 24.61 -4.78 27.07
C SER B 21 25.85 -4.82 26.18
N ALA B 22 26.10 -5.91 25.49
CA ALA B 22 27.28 -5.99 24.63
C ALA B 22 27.30 -4.93 23.54
N THR B 23 26.15 -4.74 22.90
CA THR B 23 26.01 -3.80 21.80
C THR B 23 26.38 -2.41 22.26
N LEU B 24 25.78 -2.01 23.37
CA LEU B 24 25.97 -0.66 23.89
C LEU B 24 27.41 -0.45 24.39
N LEU B 25 27.97 -1.41 25.12
CA LEU B 25 29.36 -1.30 25.55
C LEU B 25 30.32 -1.28 24.34
N ALA B 26 30.05 -2.08 23.33
CA ALA B 26 30.86 -2.01 22.12
C ALA B 26 30.73 -0.67 21.44
N SER B 27 29.54 -0.10 21.41
CA SER B 27 29.33 1.20 20.75
C SER B 27 30.05 2.32 21.48
N LEU B 28 30.33 2.17 22.78
CA LEU B 28 31.03 3.20 23.56
C LEU B 28 32.50 2.85 23.76
N GLY B 29 33.03 1.96 22.94
CA GLY B 29 34.47 1.70 23.00
C GLY B 29 34.97 0.87 24.15
N ILE B 30 34.13 0.01 24.70
CA ILE B 30 34.50 -0.79 25.84
C ILE B 30 34.59 -2.24 25.38
N ARG B 31 35.63 -2.95 25.82
CA ARG B 31 35.85 -4.34 25.45
C ARG B 31 35.00 -5.28 26.29
N SER B 32 34.07 -5.97 25.64
CA SER B 32 33.28 -6.98 26.30
C SER B 32 33.49 -8.37 25.68
N LEU B 33 33.47 -9.40 26.53
CA LEU B 33 33.31 -10.79 26.11
C LEU B 33 31.95 -11.27 26.56
N MET B 34 31.08 -11.59 25.60
CA MET B 34 29.77 -12.14 25.94
C MET B 34 29.77 -13.65 25.77
N ILE B 35 29.19 -14.39 26.72
CA ILE B 35 29.14 -15.86 26.64
C ILE B 35 27.77 -16.42 26.90
N ASN B 36 27.62 -17.70 26.57
CA ASN B 36 26.32 -18.38 26.57
C ASN B 36 26.52 -19.91 26.57
N ARG B 37 25.89 -20.60 27.51
CA ARG B 37 26.04 -22.07 27.66
C ARG B 37 25.51 -22.73 26.39
N TRP B 38 24.45 -22.18 25.84
CA TRP B 38 23.74 -22.88 24.78
C TRP B 38 24.37 -22.74 23.39
N ARG B 39 23.96 -23.63 22.50
CA ARG B 39 24.47 -23.66 21.13
C ARG B 39 23.96 -22.46 20.32
N SER B 40 22.79 -21.90 20.69
CA SER B 40 22.19 -20.81 19.95
C SER B 40 21.35 -19.85 20.78
N THR B 41 20.71 -18.90 20.10
CA THR B 41 19.75 -17.99 20.73
C THR B 41 18.51 -18.80 21.11
N SER B 42 17.64 -18.25 21.95
CA SER B 42 16.43 -18.98 22.35
C SER B 42 15.55 -19.38 21.16
N PRO B 43 15.33 -20.70 20.99
CA PRO B 43 14.34 -21.19 20.03
C PRO B 43 12.90 -21.08 20.56
N ARG B 46 8.47 -17.60 23.89
CA ARG B 46 8.83 -16.67 24.94
C ARG B 46 8.19 -15.29 24.64
N SER B 47 8.90 -14.17 24.82
CA SER B 47 8.34 -12.84 24.67
C SER B 47 8.11 -12.45 23.24
N HIS B 48 7.21 -11.50 23.03
CA HIS B 48 6.95 -11.00 21.68
C HIS B 48 6.41 -9.58 21.58
N ILE B 49 5.81 -9.07 22.64
CA ILE B 49 5.37 -7.68 22.62
C ILE B 49 6.59 -6.80 22.86
N ILE B 50 6.81 -5.90 21.89
CA ILE B 50 7.84 -4.88 21.95
C ILE B 50 7.18 -3.54 22.17
N ASN B 51 7.45 -2.94 23.34
CA ASN B 51 6.83 -1.67 23.67
C ASN B 51 7.69 -0.47 23.24
N GLN B 52 7.15 0.71 23.42
CA GLN B 52 7.76 1.91 22.90
C GLN B 52 9.16 2.19 23.46
N ARG B 53 9.37 1.92 24.75
CA ARG B 53 10.68 2.19 25.33
C ARG B 53 11.76 1.35 24.68
N THR B 54 11.51 0.08 24.45
CA THR B 54 12.47 -0.72 23.74
C THR B 54 12.67 -0.22 22.31
N MET B 55 11.58 0.17 21.63
CA MET B 55 11.72 0.65 20.25
C MET B 55 12.54 1.92 20.22
N GLU B 56 12.32 2.81 21.19
CA GLU B 56 13.14 4.02 21.28
C GLU B 56 14.60 3.65 21.39
N ILE B 57 14.93 2.63 22.16
CA ILE B 57 16.34 2.26 22.30
C ILE B 57 16.91 1.70 21.00
N LEU B 58 16.14 0.86 20.32
CA LEU B 58 16.57 0.44 18.97
C LEU B 58 16.71 1.62 17.99
N ARG B 59 15.85 2.61 18.12
CA ARG B 59 15.97 3.81 17.35
C ARG B 59 17.25 4.56 17.67
N ASP B 60 17.66 4.61 18.93
CA ASP B 60 18.92 5.25 19.28
C ASP B 60 20.13 4.52 18.70
N ILE B 61 20.06 3.20 18.64
CA ILE B 61 21.14 2.33 18.15
C ILE B 61 21.10 2.18 16.61
N GLY B 62 20.06 2.75 15.99
CA GLY B 62 19.78 2.50 14.58
C GLY B 62 19.37 1.09 14.21
N LEU B 63 18.72 0.35 15.08
CA LEU B 63 18.11 -0.92 14.66
C LEU B 63 16.58 -0.88 14.53
N GLU B 64 15.97 0.28 14.63
CA GLU B 64 14.50 0.33 14.66
C GLU B 64 13.90 -0.14 13.33
N GLU B 65 14.39 0.37 12.21
CA GLU B 65 13.88 0.01 10.89
C GLU B 65 13.99 -1.51 10.64
N SER B 66 15.05 -2.12 11.13
CA SER B 66 15.16 -3.59 10.99
C SER B 66 14.09 -4.31 11.76
N ALA B 67 13.94 -3.98 13.04
CA ALA B 67 12.96 -4.66 13.85
C ALA B 67 11.57 -4.47 13.21
N LYS B 68 11.20 -3.24 12.84
CA LYS B 68 9.91 -3.01 12.18
C LYS B 68 9.69 -3.82 10.93
N SER B 69 10.75 -4.05 10.17
CA SER B 69 10.67 -4.92 8.99
C SER B 69 10.25 -6.34 9.31
N LEU B 70 10.83 -6.92 10.36
CA LEU B 70 10.49 -8.28 10.71
C LEU B 70 9.27 -8.38 11.62
N ALA B 71 8.81 -7.28 12.21
CA ALA B 71 7.78 -7.37 13.23
C ALA B 71 6.47 -7.19 12.60
N VAL B 72 5.44 -7.73 13.24
CA VAL B 72 4.06 -7.46 12.89
C VAL B 72 3.68 -6.11 13.46
N PRO B 73 3.02 -5.29 12.64
CA PRO B 73 2.61 -3.96 13.11
C PRO B 73 1.41 -3.95 14.07
N LYS B 74 1.35 -2.91 14.90
CA LYS B 74 0.20 -2.58 15.74
C LYS B 74 -1.20 -2.83 15.10
N GLU B 75 -1.36 -2.47 13.82
CA GLU B 75 -2.66 -2.61 13.09
C GLU B 75 -3.22 -4.04 13.05
N TYR B 76 -2.35 -5.04 13.10
CA TYR B 76 -2.69 -6.48 13.16
C TYR B 76 -2.81 -7.04 14.59
N MET B 77 -2.49 -6.22 15.59
CA MET B 77 -2.50 -6.66 16.98
C MET B 77 -3.79 -6.28 17.74
N GLY B 78 -4.71 -5.59 17.10
CA GLY B 78 -5.81 -4.94 17.84
C GLY B 78 -6.95 -5.73 18.52
N GLU B 79 -7.49 -6.75 17.83
CA GLU B 79 -8.69 -7.49 18.27
C GLU B 79 -8.38 -8.69 19.14
N HIS B 80 -8.56 -8.52 20.44
CA HIS B 80 -8.48 -9.63 21.39
C HIS B 80 -9.84 -10.26 21.51
N VAL B 81 -10.00 -11.52 21.11
CA VAL B 81 -11.34 -12.12 21.18
C VAL B 81 -11.37 -13.23 22.21
N TYR B 82 -12.49 -13.25 22.91
CA TYR B 82 -12.81 -14.28 23.88
C TYR B 82 -13.93 -15.11 23.28
N ALA B 83 -13.75 -16.42 23.26
CA ALA B 83 -14.73 -17.26 22.64
C ALA B 83 -14.74 -18.65 23.19
N THR B 84 -15.65 -19.46 22.67
CA THR B 84 -15.73 -20.86 22.98
C THR B 84 -14.62 -21.64 22.26
N SER B 85 -14.37 -21.27 21.01
CA SER B 85 -13.31 -21.82 20.15
C SER B 85 -13.15 -20.84 18.99
N LEU B 86 -12.05 -20.94 18.24
CA LEU B 86 -11.85 -20.02 17.11
C LEU B 86 -13.00 -20.06 16.11
N ALA B 87 -13.50 -21.27 15.87
CA ALA B 87 -14.61 -21.46 14.93
C ALA B 87 -15.97 -21.29 15.60
N GLY B 88 -16.02 -21.36 16.93
CA GLY B 88 -17.25 -21.22 17.71
C GLY B 88 -17.78 -19.81 17.88
N GLU B 89 -18.56 -19.57 18.94
CA GLU B 89 -19.17 -18.24 19.21
C GLU B 89 -18.30 -17.37 20.15
N GLU B 90 -18.19 -16.08 19.82
CA GLU B 90 -17.49 -15.08 20.63
C GLU B 90 -18.35 -14.65 21.84
N PHE B 91 -17.74 -14.65 23.03
CA PHE B 91 -18.30 -13.93 24.18
C PHE B 91 -18.18 -12.41 23.98
N GLY B 92 -17.16 -11.96 23.23
CA GLY B 92 -16.94 -10.53 23.00
C GLY B 92 -15.49 -10.25 22.65
N ARG B 93 -15.17 -8.98 22.43
CA ARG B 93 -13.82 -8.55 22.14
C ARG B 93 -13.43 -7.33 22.96
N ILE B 94 -12.16 -7.21 23.33
CA ILE B 94 -11.63 -5.95 23.85
C ILE B 94 -10.63 -5.36 22.85
N PRO B 95 -10.41 -4.03 22.88
CA PRO B 95 -9.41 -3.37 22.04
C PRO B 95 -8.00 -3.41 22.63
N ALA B 96 -7.29 -4.48 22.30
CA ALA B 96 -5.95 -4.73 22.85
C ALA B 96 -4.88 -3.97 22.13
N TRP B 97 -3.73 -3.87 22.84
CA TRP B 97 -2.55 -3.16 22.37
C TRP B 97 -2.88 -1.77 21.81
N ALA B 98 -3.45 -0.95 22.68
CA ALA B 98 -3.89 0.41 22.40
C ALA B 98 -4.66 0.60 21.09
N SER B 99 -5.49 -0.37 20.69
CA SER B 99 -6.27 -0.26 19.43
C SER B 99 -7.48 0.67 19.55
N HIS B 100 -7.94 0.92 20.76
CA HIS B 100 -8.99 1.91 20.96
C HIS B 100 -8.45 3.29 20.57
N PRO B 101 -9.21 4.05 19.79
CA PRO B 101 -8.80 5.36 19.32
C PRO B 101 -8.12 6.26 20.36
N GLN B 102 -8.73 6.38 21.54
CA GLN B 102 -8.11 7.13 22.66
C GLN B 102 -6.82 6.51 23.19
N ALA B 103 -6.76 5.19 23.35
CA ALA B 103 -5.52 4.51 23.77
C ALA B 103 -4.44 4.75 22.75
N HIS B 104 -4.83 4.80 21.50
CA HIS B 104 -3.87 4.99 20.42
C HIS B 104 -3.32 6.39 20.41
N ALA B 105 -4.18 7.36 20.72
CA ALA B 105 -3.78 8.76 20.80
C ALA B 105 -2.76 8.91 21.93
N GLU B 106 -3.05 8.36 23.09
CA GLU B 106 -2.13 8.44 24.23
C GLU B 106 -0.82 7.75 23.85
N HIS B 107 -0.88 6.76 22.97
CA HIS B 107 0.28 6.02 22.49
C HIS B 107 1.14 6.89 21.60
N GLU B 108 0.52 7.50 20.58
CA GLU B 108 1.20 8.40 19.61
C GLU B 108 1.92 9.56 20.30
N LEU B 109 1.24 10.23 21.20
CA LEU B 109 1.78 11.37 21.93
C LEU B 109 2.93 11.02 22.87
N ALA B 110 2.95 9.79 23.37
CA ALA B 110 3.98 9.37 24.33
C ALA B 110 5.36 9.15 23.74
N SER B 111 5.43 8.87 22.45
CA SER B 111 6.67 8.41 21.82
C SER B 111 6.60 8.45 20.31
N PRO B 112 7.76 8.52 19.66
CA PRO B 112 7.78 8.35 18.21
C PRO B 112 7.68 6.88 17.77
N SER B 113 7.93 5.96 18.70
CA SER B 113 7.83 4.54 18.42
C SER B 113 6.45 3.95 18.68
N ARG B 114 6.26 2.70 18.28
CA ARG B 114 4.97 2.02 18.35
C ARG B 114 5.10 0.57 18.77
N TYR B 115 4.02 -0.01 19.23
CA TYR B 115 3.99 -1.39 19.63
C TYR B 115 4.25 -2.20 18.37
N CYS B 116 4.86 -3.37 18.53
CA CYS B 116 4.88 -4.31 17.44
C CYS B 116 5.18 -5.70 17.98
N ASP B 117 4.85 -6.73 17.22
CA ASP B 117 5.05 -8.05 17.70
C ASP B 117 6.22 -8.64 16.95
N LEU B 118 7.21 -9.09 17.71
CA LEU B 118 8.42 -9.63 17.14
C LEU B 118 8.99 -10.66 18.10
N PRO B 119 8.73 -11.93 17.78
CA PRO B 119 9.15 -13.02 18.60
C PRO B 119 10.62 -12.85 19.02
N GLN B 120 10.87 -13.00 20.30
CA GLN B 120 12.21 -13.05 20.85
C GLN B 120 13.14 -13.91 19.99
N LEU B 121 12.56 -14.92 19.39
CA LEU B 121 13.23 -15.77 18.42
C LEU B 121 14.00 -15.02 17.30
N TYR B 122 13.49 -13.89 16.84
CA TYR B 122 14.16 -13.08 15.83
C TYR B 122 14.93 -11.97 16.49
N PHE B 123 14.32 -11.37 17.50
CA PHE B 123 14.96 -10.27 18.22
C PHE B 123 16.39 -10.66 18.66
N GLU B 124 16.55 -11.77 19.35
CA GLU B 124 17.88 -12.12 19.91
C GLU B 124 18.99 -12.12 18.93
N PRO B 125 18.88 -12.91 17.88
CA PRO B 125 20.00 -12.91 16.89
C PRO B 125 20.26 -11.56 16.17
N MET B 126 19.23 -10.74 16.02
CA MET B 126 19.42 -9.42 15.46
C MET B 126 20.45 -8.68 16.30
N VAL B 127 20.22 -8.66 17.61
CA VAL B 127 21.05 -7.91 18.52
C VAL B 127 22.40 -8.59 18.77
N VAL B 128 22.45 -9.92 18.79
CA VAL B 128 23.74 -10.60 19.00
C VAL B 128 24.67 -10.35 17.84
N SER B 129 24.12 -10.32 16.63
CA SER B 129 24.97 -10.04 15.48
C SER B 129 25.42 -8.55 15.39
N GLU B 130 24.60 -7.62 15.85
CA GLU B 130 25.04 -6.24 15.89
C GLU B 130 26.15 -6.00 16.92
N ALA B 131 26.02 -6.62 18.08
CA ALA B 131 27.01 -6.50 19.15
C ALA B 131 28.37 -6.92 18.61
N ALA B 132 28.44 -8.12 18.01
CA ALA B 132 29.69 -8.60 17.40
C ALA B 132 30.18 -7.67 16.31
N LEU B 133 29.26 -7.10 15.51
CA LEU B 133 29.65 -6.14 14.45
C LEU B 133 30.24 -4.86 14.99
N ARG B 134 29.70 -4.40 16.11
CA ARG B 134 30.18 -3.18 16.75
C ARG B 134 31.44 -3.38 17.57
N GLY B 135 31.87 -4.61 17.79
CA GLY B 135 33.14 -4.82 18.50
C GLY B 135 33.18 -5.80 19.65
N ALA B 136 32.03 -6.31 20.10
CA ALA B 136 32.03 -7.29 21.20
C ALA B 136 32.48 -8.66 20.73
N ASP B 137 33.16 -9.39 21.62
CA ASP B 137 33.54 -10.77 21.35
C ASP B 137 32.41 -11.63 21.88
N VAL B 138 31.98 -12.61 21.10
CA VAL B 138 30.79 -13.37 21.42
C VAL B 138 31.05 -14.86 21.29
N ARG B 139 30.97 -15.58 22.41
CA ARG B 139 31.26 -17.00 22.38
C ARG B 139 30.13 -17.84 22.98
N PHE B 140 29.48 -18.64 22.15
CA PHE B 140 28.41 -19.58 22.58
C PHE B 140 29.05 -20.92 23.01
N LEU B 141 28.25 -21.82 23.57
CA LEU B 141 28.75 -23.10 24.12
C LEU B 141 29.89 -22.92 25.12
N THR B 142 29.80 -21.87 25.91
CA THR B 142 30.78 -21.61 26.94
C THR B 142 30.05 -21.35 28.25
N GLU B 143 30.40 -22.13 29.26
CA GLU B 143 29.65 -22.14 30.52
C GLU B 143 30.42 -21.45 31.65
N TYR B 144 29.74 -20.53 32.33
CA TYR B 144 30.27 -19.91 33.53
C TYR B 144 30.19 -20.91 34.66
N LEU B 145 31.32 -21.22 35.25
CA LEU B 145 31.37 -22.13 36.39
C LEU B 145 31.46 -21.40 37.70
N GLY B 146 32.01 -20.19 37.70
CA GLY B 146 32.21 -19.46 38.95
C GLY B 146 33.27 -18.40 38.83
N HIS B 147 33.38 -17.56 39.87
CA HIS B 147 34.33 -16.46 39.87
C HIS B 147 34.75 -16.08 41.26
N VAL B 148 35.84 -15.34 41.32
CA VAL B 148 36.30 -14.75 42.59
C VAL B 148 36.60 -13.29 42.31
N GLU B 149 36.25 -12.42 43.23
CA GLU B 149 36.58 -10.99 43.10
C GLU B 149 37.79 -10.65 43.95
N ASP B 150 38.41 -9.53 43.62
CA ASP B 150 39.38 -8.90 44.48
C ASP B 150 39.30 -7.38 44.30
N GLN B 151 40.30 -6.66 44.82
CA GLN B 151 40.27 -5.21 44.83
C GLN B 151 40.45 -4.65 43.42
N ASP B 152 41.14 -5.36 42.54
CA ASP B 152 41.39 -4.85 41.19
C ASP B 152 40.46 -5.39 40.13
N GLY B 153 39.60 -6.37 40.44
CA GLY B 153 38.67 -6.95 39.44
C GLY B 153 38.21 -8.37 39.74
N VAL B 154 37.76 -9.08 38.71
CA VAL B 154 37.25 -10.43 38.93
C VAL B 154 37.84 -11.41 37.95
N THR B 155 37.95 -12.66 38.41
CA THR B 155 38.45 -13.77 37.59
C THR B 155 37.38 -14.85 37.62
N ALA B 156 36.90 -15.21 36.43
CA ALA B 156 35.88 -16.25 36.28
C ALA B 156 36.48 -17.49 35.62
N ARG B 157 35.88 -18.64 35.91
CA ARG B 157 36.29 -19.88 35.34
C ARG B 157 35.22 -20.28 34.32
N LEU B 158 35.64 -20.55 33.09
CA LEU B 158 34.72 -20.96 32.03
C LEU B 158 35.04 -22.38 31.54
N LEU B 159 34.00 -23.08 31.10
CA LEU B 159 34.12 -24.40 30.51
C LEU B 159 33.62 -24.33 29.08
N ASP B 160 34.49 -24.69 28.15
CA ASP B 160 34.19 -24.65 26.74
C ASP B 160 33.64 -26.01 26.26
N HIS B 161 32.38 -26.02 25.84
CA HIS B 161 31.72 -27.27 25.42
C HIS B 161 32.06 -27.76 23.99
N VAL B 162 32.92 -27.06 23.28
CA VAL B 162 33.36 -27.54 22.00
C VAL B 162 34.71 -28.19 22.19
N SER B 163 35.68 -27.41 22.62
CA SER B 163 37.04 -27.91 22.84
C SER B 163 37.14 -28.81 24.05
N GLY B 164 36.27 -28.62 25.03
CA GLY B 164 36.37 -29.36 26.29
C GLY B 164 37.19 -28.64 27.37
N ALA B 165 37.96 -27.64 26.99
CA ALA B 165 38.89 -26.96 27.87
C ALA B 165 38.23 -26.06 28.90
N GLU B 166 38.88 -25.93 30.07
CA GLU B 166 38.54 -24.90 31.06
C GLU B 166 39.61 -23.83 31.07
N TYR B 167 39.20 -22.57 31.13
CA TYR B 167 40.14 -21.44 31.14
C TYR B 167 39.61 -20.31 32.01
N GLU B 168 40.46 -19.32 32.28
CA GLU B 168 40.10 -18.24 33.15
C GLU B 168 39.92 -16.98 32.35
N VAL B 169 39.06 -16.09 32.85
CA VAL B 169 38.90 -14.78 32.25
C VAL B 169 39.01 -13.73 33.33
N ARG B 170 39.91 -12.77 33.11
CA ARG B 170 40.10 -11.65 34.00
C ARG B 170 39.27 -10.45 33.47
N ALA B 171 38.53 -9.79 34.35
CA ALA B 171 37.71 -8.65 33.91
C ALA B 171 37.54 -7.63 35.02
N LYS B 172 37.31 -6.38 34.63
CA LYS B 172 37.08 -5.33 35.62
C LYS B 172 35.64 -5.52 36.21
N TYR B 173 34.64 -5.90 35.40
CA TYR B 173 33.26 -6.14 35.91
C TYR B 173 32.59 -7.37 35.29
N ILE B 174 31.50 -7.83 35.92
CA ILE B 174 30.70 -8.97 35.40
C ILE B 174 29.20 -8.68 35.42
N ILE B 175 28.57 -8.93 34.29
CA ILE B 175 27.14 -8.71 34.16
C ILE B 175 26.50 -10.05 34.09
N GLY B 176 25.72 -10.35 35.12
CA GLY B 176 24.96 -11.59 35.18
C GLY B 176 23.65 -11.43 34.45
N ALA B 177 23.62 -11.90 33.23
CA ALA B 177 22.44 -11.87 32.42
C ALA B 177 22.05 -13.31 32.00
N ASP B 178 22.43 -14.31 32.79
CA ASP B 178 21.89 -15.67 32.61
C ASP B 178 20.44 -15.53 32.94
N GLY B 179 19.66 -16.59 32.83
CA GLY B 179 18.21 -16.39 32.87
C GLY B 179 17.68 -16.40 34.30
N ALA B 180 16.55 -17.06 34.43
CA ALA B 180 15.85 -17.16 35.69
C ALA B 180 16.49 -18.14 36.66
N HIS B 181 17.51 -18.88 36.26
CA HIS B 181 18.21 -19.73 37.24
C HIS B 181 19.65 -19.28 37.42
N SER B 182 19.85 -17.98 37.33
CA SER B 182 21.17 -17.39 37.21
C SER B 182 22.12 -17.95 38.28
N LEU B 183 23.18 -18.60 37.85
CA LEU B 183 24.24 -18.97 38.76
C LEU B 183 25.06 -17.76 39.20
N VAL B 184 25.18 -16.77 38.30
CA VAL B 184 25.88 -15.55 38.64
C VAL B 184 25.22 -14.85 39.81
N ALA B 185 23.88 -14.83 39.85
CA ALA B 185 23.14 -14.22 40.96
C ALA B 185 23.35 -15.05 42.25
N GLN B 186 23.46 -16.36 42.08
CA GLN B 186 23.66 -17.24 43.22
C GLN B 186 25.01 -16.94 43.79
N ASN B 187 26.05 -16.87 42.98
CA ASN B 187 27.36 -16.61 43.54
C ASN B 187 27.51 -15.22 44.17
N ALA B 188 26.94 -14.20 43.52
CA ALA B 188 26.99 -12.84 44.04
C ALA B 188 26.23 -12.68 45.36
N GLY B 189 25.37 -13.65 45.66
CA GLY B 189 24.66 -13.70 46.94
C GLY B 189 23.49 -12.76 47.00
N LEU B 190 22.81 -12.52 45.89
CA LEU B 190 21.76 -11.52 45.89
C LEU B 190 20.56 -12.09 46.60
N PRO B 191 19.85 -11.26 47.36
CA PRO B 191 18.62 -11.61 48.02
C PRO B 191 17.42 -11.47 47.11
N PHE B 192 16.55 -12.47 47.15
CA PHE B 192 15.28 -12.48 46.40
C PHE B 192 14.07 -12.50 47.33
N GLU B 193 12.93 -11.96 46.89
CA GLU B 193 11.66 -12.17 47.58
C GLU B 193 10.75 -12.79 46.51
N GLY B 194 9.84 -13.67 46.95
CA GLY B 194 8.91 -14.37 46.07
C GLY B 194 9.28 -15.80 45.74
N GLN B 195 8.32 -16.53 45.18
CA GLN B 195 8.45 -17.97 44.92
C GLN B 195 8.56 -18.21 43.41
N MET B 196 8.89 -19.45 43.02
CA MET B 196 9.08 -19.78 41.60
C MET B 196 8.03 -20.72 40.95
N GLY B 197 7.36 -21.59 41.70
CA GLY B 197 6.18 -22.28 41.16
C GLY B 197 5.06 -21.97 42.12
N ILE B 198 4.11 -21.15 41.72
CA ILE B 198 3.12 -20.68 42.70
C ILE B 198 2.07 -21.76 43.07
N GLY B 199 1.31 -22.26 42.11
CA GLY B 199 0.25 -23.24 42.39
C GLY B 199 0.58 -24.64 41.95
N SER B 201 -0.94 -25.49 38.94
CA SER B 201 -1.17 -25.35 37.50
C SER B 201 -0.13 -24.40 36.93
N GLY B 202 0.59 -24.92 35.94
CA GLY B 202 1.39 -24.11 35.06
C GLY B 202 0.67 -24.03 33.73
N SER B 203 1.43 -24.13 32.65
CA SER B 203 0.87 -24.11 31.30
C SER B 203 1.72 -24.95 30.32
N ILE B 204 1.09 -25.44 29.26
CA ILE B 204 1.74 -26.26 28.26
C ILE B 204 1.72 -25.55 26.90
N ASN B 205 2.87 -25.39 26.25
CA ASN B 205 2.94 -24.54 25.04
C ASN B 205 3.16 -25.30 23.78
N ILE B 206 2.07 -25.58 23.06
CA ILE B 206 2.13 -26.37 21.85
C ILE B 206 2.29 -25.48 20.64
N GLU B 207 3.46 -25.54 20.01
CA GLU B 207 3.68 -24.77 18.81
C GLU B 207 3.12 -25.55 17.63
N PHE B 208 2.55 -24.86 16.66
CA PHE B 208 1.99 -25.52 15.48
C PHE B 208 1.76 -24.57 14.33
N SER B 209 1.39 -25.16 13.20
CA SER B 209 1.35 -24.47 11.93
C SER B 209 0.01 -24.81 11.29
N ALA B 210 -0.59 -23.87 10.58
CA ALA B 210 -1.96 -24.05 10.04
C ALA B 210 -2.51 -22.73 9.47
N ASP B 211 -3.09 -22.76 8.27
CA ASP B 211 -3.61 -21.51 7.67
C ASP B 211 -5.00 -21.17 8.23
N LEU B 212 -5.04 -20.27 9.20
CA LEU B 212 -6.29 -19.87 9.85
C LEU B 212 -6.76 -18.50 9.35
N SER B 213 -6.33 -18.07 8.17
CA SER B 213 -6.72 -16.74 7.68
C SER B 213 -8.23 -16.56 7.64
N SER B 214 -8.94 -17.57 7.17
CA SER B 214 -10.42 -17.52 7.12
C SER B 214 -11.09 -17.23 8.50
N LEU B 215 -10.42 -17.59 9.57
CA LEU B 215 -10.96 -17.34 10.89
C LEU B 215 -10.42 -16.04 11.54
N CYS B 216 -9.30 -15.51 11.03
CA CYS B 216 -8.61 -14.37 11.68
C CYS B 216 -8.50 -13.07 10.88
N GLU B 217 -8.44 -13.15 9.54
CA GLU B 217 -8.16 -11.93 8.73
C GLU B 217 -9.27 -10.87 8.90
N HIS B 218 -10.52 -11.27 9.11
CA HIS B 218 -11.62 -10.31 9.34
C HIS B 218 -11.68 -9.71 10.77
N ARG B 219 -10.77 -10.17 11.64
CA ARG B 219 -10.72 -9.72 13.02
C ARG B 219 -9.31 -9.89 13.57
N LYS B 220 -8.39 -9.08 13.05
CA LYS B 220 -6.95 -9.29 13.28
C LYS B 220 -6.58 -9.02 14.73
N GLY B 221 -5.95 -10.00 15.35
CA GLY B 221 -5.44 -9.83 16.69
C GLY B 221 -4.18 -10.65 16.88
N ASP B 222 -3.49 -10.30 17.94
CA ASP B 222 -2.28 -10.98 18.38
C ASP B 222 -2.63 -12.32 19.04
N MET B 223 -3.76 -12.32 19.78
CA MET B 223 -4.25 -13.47 20.55
C MET B 223 -5.76 -13.69 20.47
N TYR B 224 -6.15 -14.93 20.77
CA TYR B 224 -7.54 -15.41 20.74
C TYR B 224 -7.74 -16.36 21.90
N TRP B 225 -8.49 -15.94 22.89
CA TRP B 225 -8.59 -16.70 24.15
C TRP B 225 -9.89 -17.46 24.24
N MET B 226 -9.81 -18.71 24.69
CA MET B 226 -10.96 -19.61 24.76
C MET B 226 -11.29 -20.01 26.18
N PHE B 227 -12.56 -19.94 26.55
CA PHE B 227 -13.07 -20.53 27.81
C PHE B 227 -13.75 -21.86 27.50
N ARG B 228 -13.33 -22.94 28.15
CA ARG B 228 -13.73 -24.32 27.72
C ARG B 228 -14.07 -25.26 28.91
N ALA B 239 -7.58 -21.48 28.24
CA ALA B 239 -6.60 -21.65 27.15
C ALA B 239 -6.45 -20.54 26.02
N ALA B 240 -5.23 -20.33 25.53
CA ALA B 240 -4.96 -19.21 24.64
C ALA B 240 -4.40 -19.65 23.31
N LEU B 241 -4.72 -18.87 22.30
CA LEU B 241 -4.21 -19.10 20.96
C LEU B 241 -3.56 -17.81 20.41
N ARG B 242 -2.23 -17.81 20.30
CA ARG B 242 -1.43 -16.62 20.01
C ARG B 242 -0.77 -16.74 18.67
N MET B 243 -0.87 -15.67 17.88
CA MET B 243 -0.32 -15.62 16.54
C MET B 243 1.19 -15.37 16.60
N ILE B 244 1.96 -16.18 15.88
CA ILE B 244 3.42 -15.98 15.70
C ILE B 244 3.78 -15.34 14.35
N ARG B 245 3.09 -15.71 13.28
CA ARG B 245 3.27 -15.13 11.98
C ARG B 245 1.89 -15.07 11.37
N PRO B 246 1.47 -13.89 10.88
CA PRO B 246 0.05 -13.58 10.58
C PRO B 246 -0.69 -14.66 9.80
N TRP B 247 -1.45 -15.42 10.60
CA TRP B 247 -2.56 -16.35 10.23
C TRP B 247 -2.08 -17.73 9.82
N ASN B 248 -0.95 -18.14 10.40
CA ASN B 248 -0.11 -19.11 9.75
C ASN B 248 0.79 -19.98 10.66
N LYS B 249 1.62 -19.32 11.46
CA LYS B 249 2.42 -19.99 12.47
C LYS B 249 1.83 -19.55 13.83
N TRP B 250 1.78 -20.49 14.80
CA TRP B 250 0.98 -20.33 16.04
C TRP B 250 1.56 -21.06 17.25
N ILE B 251 1.18 -20.60 18.45
CA ILE B 251 1.23 -21.46 19.65
C ILE B 251 -0.14 -21.52 20.25
N CYS B 252 -0.42 -22.65 20.89
CA CYS B 252 -1.57 -22.83 21.76
C CYS B 252 -1.04 -22.94 23.19
N VAL B 253 -1.76 -22.43 24.20
CA VAL B 253 -1.15 -22.38 25.53
C VAL B 253 -1.75 -23.24 26.64
N TRP B 254 -3.06 -23.40 26.74
CA TRP B 254 -3.62 -24.41 27.70
C TRP B 254 -3.30 -24.27 29.20
N GLU B 268 1.56 -36.76 22.34
CA GLU B 268 2.37 -36.43 21.14
C GLU B 268 1.49 -36.11 19.90
N GLU B 269 0.46 -36.92 19.66
CA GLU B 269 -0.68 -36.55 18.79
C GLU B 269 -1.91 -36.30 19.68
N ALA B 270 -1.74 -36.47 21.01
CA ALA B 270 -2.66 -35.92 22.02
C ALA B 270 -2.76 -34.37 21.88
N LYS B 271 -1.78 -33.76 21.22
CA LYS B 271 -1.94 -32.39 20.75
C LYS B 271 -2.92 -32.31 19.54
N LYS B 272 -4.14 -32.79 19.76
CA LYS B 272 -5.30 -32.25 19.08
C LYS B 272 -6.25 -31.79 20.21
N ILE B 273 -5.68 -31.56 21.40
CA ILE B 273 -6.18 -30.51 22.29
C ILE B 273 -6.43 -29.33 21.34
N ILE B 274 -5.43 -29.00 20.51
CA ILE B 274 -5.51 -28.01 19.41
C ILE B 274 -6.80 -27.98 18.61
N HIS B 275 -7.18 -29.12 18.07
CA HIS B 275 -8.40 -29.16 17.26
C HIS B 275 -9.57 -28.66 18.12
N GLU B 276 -9.59 -29.03 19.41
CA GLU B 276 -10.59 -28.52 20.38
C GLU B 276 -10.57 -26.98 20.51
N ILE B 277 -9.37 -26.40 20.57
CA ILE B 277 -9.18 -24.94 20.71
C ILE B 277 -9.54 -24.15 19.39
N ILE B 278 -9.15 -24.66 18.23
CA ILE B 278 -9.63 -24.11 16.95
C ILE B 278 -11.13 -24.41 16.81
N GLY B 279 -11.56 -25.53 17.39
CA GLY B 279 -12.92 -26.01 17.30
C GLY B 279 -13.05 -26.84 16.04
N ASP B 281 -11.72 -30.22 12.98
CA ASP B 281 -10.92 -31.14 12.21
C ASP B 281 -10.51 -30.60 10.88
N GLU B 282 -11.40 -29.83 10.25
CA GLU B 282 -11.27 -29.46 8.83
C GLU B 282 -9.93 -28.82 8.43
N ILE B 283 -9.32 -28.00 9.31
CA ILE B 283 -8.08 -27.29 8.96
C ILE B 283 -6.87 -28.15 9.31
N PRO B 284 -6.07 -28.51 8.29
CA PRO B 284 -4.86 -29.30 8.54
C PRO B 284 -3.84 -28.57 9.43
N VAL B 285 -3.09 -29.34 10.22
CA VAL B 285 -2.22 -28.83 11.28
C VAL B 285 -0.91 -29.61 11.41
N GLU B 286 0.25 -28.97 11.27
CA GLU B 286 1.52 -29.63 11.64
C GLU B 286 1.92 -29.21 13.04
N VAL B 287 2.14 -30.18 13.92
CA VAL B 287 2.57 -29.90 15.31
C VAL B 287 4.08 -29.68 15.40
N GLY B 288 4.50 -28.54 15.96
CA GLY B 288 5.90 -28.29 16.33
C GLY B 288 6.23 -28.69 17.77
N PRO B 289 7.30 -28.12 18.34
CA PRO B 289 7.71 -28.45 19.72
C PRO B 289 6.69 -28.02 20.77
N ILE B 290 6.71 -28.72 21.90
CA ILE B 290 5.87 -28.37 23.03
C ILE B 290 6.78 -28.11 24.20
N SER B 291 6.34 -27.27 25.13
CA SER B 291 7.14 -26.95 26.32
C SER B 291 6.22 -26.63 27.48
N THR B 292 6.80 -26.35 28.63
CA THR B 292 6.02 -26.03 29.83
C THR B 292 6.43 -24.70 30.48
N TRP B 293 5.44 -23.95 30.92
CA TRP B 293 5.67 -22.73 31.71
C TRP B 293 5.11 -22.99 33.12
N THR B 294 5.73 -22.38 34.12
CA THR B 294 5.26 -22.38 35.50
C THR B 294 4.83 -20.95 35.82
N ILE B 295 4.24 -20.73 36.98
CA ILE B 295 3.89 -19.35 37.38
C ILE B 295 4.91 -18.83 38.39
N ASN B 296 5.64 -17.76 38.05
CA ASN B 296 6.65 -17.20 38.98
C ASN B 296 6.30 -15.80 39.43
N GLN B 297 6.77 -15.48 40.61
CA GLN B 297 6.66 -14.14 41.16
C GLN B 297 7.83 -14.00 42.09
N GLN B 298 9.01 -13.78 41.52
CA GLN B 298 10.23 -13.60 42.32
C GLN B 298 11.16 -12.56 41.74
N TYR B 299 11.69 -11.69 42.57
CA TYR B 299 12.58 -10.65 42.08
C TYR B 299 13.69 -10.43 43.08
N ALA B 300 14.79 -9.87 42.61
CA ALA B 300 15.89 -9.56 43.47
C ALA B 300 15.68 -8.19 44.11
N VAL B 301 15.93 -8.14 45.40
CA VAL B 301 15.76 -6.92 46.21
C VAL B 301 16.91 -5.98 45.96
N ARG B 302 17.98 -6.51 45.44
CA ARG B 302 19.18 -5.78 45.26
C ARG B 302 19.85 -6.50 44.10
N ASN B 303 20.24 -5.75 43.07
CA ASN B 303 20.77 -6.30 41.82
C ASN B 303 22.30 -6.16 41.64
N THR B 304 23.01 -5.67 42.65
CA THR B 304 24.44 -5.42 42.53
C THR B 304 25.13 -5.99 43.75
N SER B 305 26.34 -6.49 43.59
CA SER B 305 27.13 -6.98 44.71
C SER B 305 28.59 -6.89 44.26
N GLY B 306 29.31 -5.96 44.89
CA GLY B 306 30.60 -5.47 44.43
C GLY B 306 31.13 -6.02 43.15
N ARG B 307 31.02 -5.27 42.08
CA ARG B 307 31.63 -5.69 40.79
C ARG B 307 30.79 -6.70 39.97
N VAL B 308 29.76 -7.28 40.55
CA VAL B 308 28.81 -8.08 39.80
C VAL B 308 27.48 -7.36 39.68
N PHE B 309 27.01 -7.18 38.45
CA PHE B 309 25.73 -6.58 38.17
C PHE B 309 24.84 -7.58 37.48
N CYS B 310 23.66 -7.81 38.05
CA CYS B 310 22.70 -8.73 37.42
C CYS B 310 21.54 -7.99 36.76
N MET B 311 21.00 -8.59 35.70
CA MET B 311 20.28 -7.85 34.72
C MET B 311 18.85 -8.24 34.42
N GLY B 312 18.57 -9.32 33.72
CA GLY B 312 17.20 -9.47 33.15
C GLY B 312 16.28 -10.40 33.95
N ASP B 313 15.87 -11.52 33.34
CA ASP B 313 15.21 -12.59 34.09
C ASP B 313 16.05 -12.99 35.31
N ALA B 314 17.34 -12.70 35.32
CA ALA B 314 18.16 -13.04 36.48
C ALA B 314 17.71 -12.33 37.73
N VAL B 315 17.07 -11.17 37.58
CA VAL B 315 16.62 -10.40 38.76
C VAL B 315 15.15 -10.10 38.76
N HIS B 316 14.44 -10.44 37.70
CA HIS B 316 12.96 -10.39 37.75
C HIS B 316 12.38 -11.55 36.96
N ARG B 317 11.73 -12.46 37.67
CA ARG B 317 11.13 -13.64 37.04
C ARG B 317 9.64 -13.69 37.32
N HIS B 318 8.85 -13.77 36.26
CA HIS B 318 7.46 -13.40 36.34
C HIS B 318 6.75 -14.08 35.18
N THR B 319 5.42 -13.94 35.15
CA THR B 319 4.57 -14.55 34.12
C THR B 319 4.61 -13.65 32.91
N PRO B 320 4.12 -14.14 31.79
CA PRO B 320 4.08 -13.34 30.57
C PRO B 320 3.03 -12.21 30.47
N MET B 321 2.20 -12.00 31.49
CA MET B 321 1.11 -11.01 31.34
C MET B 321 1.57 -9.56 31.22
N GLY B 322 1.59 -9.05 29.99
CA GLY B 322 1.74 -7.60 29.75
C GLY B 322 2.90 -7.17 28.86
N GLY B 323 3.73 -8.12 28.42
CA GLY B 323 4.92 -7.80 27.60
C GLY B 323 6.20 -7.34 28.35
N LEU B 324 6.16 -7.37 29.67
CA LEU B 324 7.07 -6.57 30.46
C LEU B 324 8.48 -7.13 30.61
N GLY B 325 8.63 -8.44 30.39
CA GLY B 325 9.90 -9.12 30.65
C GLY B 325 11.05 -8.66 29.77
N LEU B 326 10.87 -8.81 28.47
CA LEU B 326 11.88 -8.44 27.55
C LEU B 326 12.14 -6.96 27.57
N ASN B 327 11.08 -6.18 27.56
CA ASN B 327 11.20 -4.70 27.55
C ASN B 327 11.92 -4.16 28.78
N THR B 328 11.63 -4.70 29.94
CA THR B 328 12.38 -4.34 31.14
C THR B 328 13.85 -4.79 31.13
N SER B 329 14.12 -5.94 30.53
CA SER B 329 15.47 -6.42 30.46
C SER B 329 16.36 -5.51 29.60
N VAL B 330 15.81 -4.98 28.52
CA VAL B 330 16.60 -4.18 27.59
C VAL B 330 16.85 -2.85 28.22
N GLN B 331 15.86 -2.37 28.92
CA GLN B 331 16.03 -1.11 29.62
C GLN B 331 16.99 -1.21 30.82
N ASP B 332 17.11 -2.37 31.44
CA ASP B 332 18.12 -2.59 32.48
C ASP B 332 19.48 -2.35 31.83
N ALA B 333 19.69 -2.90 30.63
CA ALA B 333 21.00 -2.82 29.96
C ALA B 333 21.33 -1.39 29.53
N TYR B 334 20.31 -0.68 29.07
CA TYR B 334 20.48 0.72 28.66
C TYR B 334 20.86 1.63 29.80
N ASN B 335 20.32 1.35 30.99
CA ASN B 335 20.64 2.12 32.20
C ASN B 335 22.10 1.93 32.64
N LEU B 336 22.65 0.76 32.45
CA LEU B 336 23.95 0.42 33.03
C LEU B 336 25.16 0.70 32.12
N ALA B 337 24.97 0.54 30.82
CA ALA B 337 26.11 0.54 29.93
C ALA B 337 26.89 1.83 30.01
N TRP B 338 26.17 2.93 29.88
CA TRP B 338 26.80 4.23 29.80
C TRP B 338 27.52 4.53 31.08
N LYS B 339 26.99 4.03 32.18
CA LYS B 339 27.57 4.29 33.50
C LYS B 339 28.89 3.53 33.63
N LEU B 340 28.88 2.29 33.18
CA LEU B 340 30.06 1.43 33.22
C LEU B 340 31.13 2.08 32.34
N ALA B 341 30.71 2.53 31.16
CA ALA B 341 31.63 3.11 30.21
C ALA B 341 32.34 4.28 30.89
N LEU B 342 31.55 5.21 31.42
CA LEU B 342 32.11 6.37 32.09
C LEU B 342 33.11 5.97 33.20
N VAL B 343 32.75 4.97 34.00
CA VAL B 343 33.59 4.61 35.12
C VAL B 343 34.89 3.98 34.63
N LEU B 344 34.79 3.01 33.73
CA LEU B 344 35.96 2.42 33.12
C LEU B 344 36.89 3.43 32.40
N LYS B 345 36.40 4.60 32.02
CA LYS B 345 37.25 5.62 31.38
C LYS B 345 37.76 6.68 32.34
N GLY B 346 37.55 6.46 33.64
CA GLY B 346 37.86 7.46 34.66
C GLY B 346 37.10 8.79 34.61
N GLN B 347 36.07 8.91 33.76
CA GLN B 347 35.26 10.13 33.69
C GLN B 347 34.22 10.18 34.80
N ALA B 348 34.12 9.10 35.57
CA ALA B 348 33.16 9.07 36.66
C ALA B 348 33.64 8.17 37.75
N ALA B 349 33.25 8.47 38.97
CA ALA B 349 33.62 7.65 40.11
C ALA B 349 32.76 6.41 40.24
N PRO B 350 33.33 5.32 40.79
CA PRO B 350 32.58 4.05 40.87
C PRO B 350 31.25 4.20 41.60
N THR B 351 31.12 5.23 42.43
CA THR B 351 29.84 5.61 43.05
C THR B 351 28.64 5.66 42.10
N LEU B 352 28.85 6.18 40.89
CA LEU B 352 27.84 6.18 39.86
C LEU B 352 27.15 4.84 39.59
N LEU B 353 27.85 3.73 39.79
CA LEU B 353 27.28 2.41 39.52
C LEU B 353 26.23 2.01 40.56
N ASP B 354 26.27 2.63 41.73
CA ASP B 354 25.21 2.40 42.71
C ASP B 354 23.82 2.80 42.20
N SER B 355 23.74 3.74 41.26
CA SER B 355 22.42 4.20 40.81
C SER B 355 21.70 3.14 39.96
N TYR B 356 22.45 2.18 39.43
CA TYR B 356 21.83 1.07 38.77
C TYR B 356 20.87 0.41 39.75
N ASP B 357 21.30 0.11 40.96
CA ASP B 357 20.40 -0.54 41.91
C ASP B 357 19.26 0.35 42.37
N ALA B 358 19.56 1.60 42.62
CA ALA B 358 18.55 2.53 43.04
C ALA B 358 17.47 2.69 41.99
N GLU B 359 17.84 2.77 40.73
CA GLU B 359 16.91 3.12 39.69
C GLU B 359 16.22 1.88 39.19
N ARG B 360 16.91 0.74 39.22
CA ARG B 360 16.44 -0.43 38.48
C ARG B 360 15.75 -1.50 39.31
N SER B 361 16.19 -1.69 40.53
CA SER B 361 15.54 -2.64 41.44
C SER B 361 14.06 -2.38 41.71
N PRO B 362 13.67 -1.13 41.90
CA PRO B 362 12.24 -0.88 42.04
C PRO B 362 11.44 -1.38 40.81
N VAL B 363 11.91 -1.05 39.62
CA VAL B 363 11.22 -1.45 38.44
C VAL B 363 11.02 -2.98 38.41
N ALA B 364 11.99 -3.73 38.93
CA ALA B 364 11.93 -5.21 38.91
C ALA B 364 10.83 -5.76 39.80
N LYS B 365 10.74 -5.19 40.99
CA LYS B 365 9.69 -5.52 41.89
C LYS B 365 8.33 -5.16 41.27
N GLN B 366 8.23 -3.99 40.71
CA GLN B 366 7.00 -3.50 40.12
C GLN B 366 6.51 -4.44 39.04
N ILE B 367 7.45 -4.85 38.20
CA ILE B 367 7.13 -5.68 37.03
C ILE B 367 6.61 -7.05 37.42
N VAL B 368 7.28 -7.64 38.39
CA VAL B 368 6.92 -8.95 38.88
C VAL B 368 5.55 -8.95 39.55
N GLU B 369 5.33 -8.02 40.46
CA GLU B 369 4.01 -7.86 41.06
C GLU B 369 2.92 -7.54 40.03
N ARG B 370 3.20 -6.71 39.04
CA ARG B 370 2.18 -6.43 38.05
C ARG B 370 1.81 -7.69 37.27
N ALA B 371 2.79 -8.44 36.78
CA ALA B 371 2.47 -9.55 35.88
C ALA B 371 1.63 -10.60 36.58
N PHE B 372 1.88 -10.80 37.87
CA PHE B 372 1.15 -11.81 38.64
C PHE B 372 -0.27 -11.35 38.92
N LYS B 373 -0.38 -10.11 39.35
CA LYS B 373 -1.66 -9.53 39.62
C LYS B 373 -2.58 -9.55 38.40
N SER B 374 -2.01 -9.55 37.20
CA SER B 374 -2.79 -9.56 35.96
C SER B 374 -3.51 -10.90 35.72
N LEU B 375 -3.03 -11.96 36.36
CA LEU B 375 -3.74 -13.26 36.36
C LEU B 375 -5.06 -13.26 37.13
N SER B 376 -5.22 -12.37 38.10
CA SER B 376 -6.48 -12.27 38.80
C SER B 376 -7.59 -11.75 37.94
N THR B 377 -7.29 -11.18 36.78
CA THR B 377 -8.35 -10.54 36.00
C THR B 377 -9.19 -11.55 35.22
N PHE B 378 -8.71 -12.80 35.15
CA PHE B 378 -9.49 -13.88 34.50
C PHE B 378 -10.60 -14.60 35.28
N PRO B 379 -10.35 -15.07 36.52
CA PRO B 379 -11.44 -15.64 37.26
C PRO B 379 -12.70 -14.81 37.25
N PRO B 380 -12.57 -13.52 37.35
CA PRO B 380 -13.86 -12.78 37.42
C PRO B 380 -14.74 -12.96 36.21
N VAL B 381 -14.17 -13.47 35.15
CA VAL B 381 -14.95 -13.76 33.97
C VAL B 381 -15.88 -14.92 34.30
N PHE B 382 -15.35 -16.00 34.87
CA PHE B 382 -16.22 -17.08 35.38
C PHE B 382 -17.24 -16.59 36.41
N GLU B 383 -16.85 -15.81 37.41
CA GLU B 383 -17.90 -15.25 38.32
C GLU B 383 -19.06 -14.60 37.49
N ALA B 384 -18.76 -13.84 36.45
CA ALA B 384 -19.86 -13.20 35.69
C ALA B 384 -20.78 -14.16 34.98
N LEU B 385 -20.28 -15.33 34.64
CA LEU B 385 -21.12 -16.35 34.06
C LEU B 385 -21.74 -17.31 35.09
N SER B 386 -21.67 -16.99 36.37
CA SER B 386 -21.86 -17.97 37.45
C SER B 386 -21.26 -19.32 37.10
N LEU B 387 -19.94 -19.41 37.11
CA LEU B 387 -19.27 -20.66 36.92
C LEU B 387 -18.23 -20.86 38.02
N PRO B 388 -18.06 -22.10 38.48
CA PRO B 388 -16.90 -22.36 39.30
C PRO B 388 -15.67 -22.47 38.40
N PRO B 389 -14.47 -22.30 38.96
CA PRO B 389 -13.29 -22.55 38.11
C PRO B 389 -13.25 -24.01 37.68
N ALA B 390 -12.62 -24.28 36.53
CA ALA B 390 -12.56 -25.63 35.94
C ALA B 390 -13.97 -26.24 35.77
N PRO B 391 -14.92 -25.47 35.24
CA PRO B 391 -16.29 -25.94 35.12
C PRO B 391 -16.46 -27.14 34.19
N THR B 392 -17.68 -27.69 34.16
CA THR B 392 -17.98 -28.85 33.34
C THR B 392 -18.86 -28.50 32.15
N GLU B 393 -18.71 -29.26 31.06
CA GLU B 393 -19.37 -28.95 29.79
C GLU B 393 -20.82 -28.63 29.99
N SER B 394 -21.48 -29.21 31.00
CA SER B 394 -22.90 -28.88 31.22
C SER B 394 -23.04 -27.46 31.70
N GLU B 395 -22.37 -27.18 32.82
CA GLU B 395 -22.43 -25.87 33.46
C GLU B 395 -22.11 -24.71 32.49
N MET B 396 -21.16 -24.97 31.60
CA MET B 396 -20.77 -24.03 30.56
C MET B 396 -21.95 -23.80 29.63
N ALA B 397 -22.46 -24.89 29.07
CA ALA B 397 -23.58 -24.82 28.18
C ALA B 397 -24.74 -24.03 28.79
N GLU B 398 -25.03 -24.21 30.09
CA GLU B 398 -26.08 -23.41 30.78
C GLU B 398 -25.77 -21.91 30.77
N ALA B 399 -24.53 -21.57 31.10
CA ALA B 399 -24.12 -20.18 31.16
C ALA B 399 -24.28 -19.53 29.78
N LEU B 400 -23.90 -20.25 28.74
CA LEU B 400 -23.98 -19.70 27.38
C LEU B 400 -25.46 -19.40 27.01
N VAL B 401 -26.42 -20.22 27.44
CA VAL B 401 -27.81 -19.95 27.06
C VAL B 401 -28.43 -18.94 27.97
N ARG B 402 -27.97 -18.86 29.21
CA ARG B 402 -28.40 -17.78 30.11
C ARG B 402 -27.95 -16.44 29.51
N LEU B 403 -26.82 -16.43 28.83
CA LEU B 403 -26.31 -15.21 28.22
C LEU B 403 -27.26 -14.73 27.14
N LYS B 404 -27.88 -15.66 26.42
CA LYS B 404 -28.76 -15.33 25.30
C LYS B 404 -30.21 -15.10 25.78
N ASP B 405 -30.41 -15.08 27.09
CA ASP B 405 -31.75 -15.05 27.71
C ASP B 405 -32.41 -13.67 27.64
N ALA B 406 -33.64 -13.57 27.17
CA ALA B 406 -34.35 -12.28 27.12
C ALA B 406 -34.95 -11.82 28.43
N SER B 407 -34.31 -12.12 29.55
CA SER B 407 -34.81 -11.69 30.85
C SER B 407 -33.95 -10.58 31.41
N GLU B 408 -34.35 -10.04 32.55
CA GLU B 408 -33.50 -9.12 33.31
C GLU B 408 -32.33 -9.86 33.99
N GLU B 409 -32.46 -11.15 34.29
CA GLU B 409 -31.29 -11.87 34.88
C GLU B 409 -30.20 -11.90 33.83
N GLY B 410 -30.61 -12.25 32.61
CA GLY B 410 -29.72 -12.28 31.45
C GLY B 410 -29.07 -10.95 31.08
N ALA B 411 -29.76 -9.84 31.31
CA ALA B 411 -29.19 -8.53 31.14
C ALA B 411 -28.06 -8.30 32.14
N LYS B 412 -28.30 -8.70 33.37
CA LYS B 412 -27.29 -8.52 34.41
C LYS B 412 -26.05 -9.27 34.08
N ARG B 413 -26.24 -10.48 33.55
CA ARG B 413 -25.09 -11.31 33.20
C ARG B 413 -24.27 -10.68 32.10
N ARG B 414 -24.94 -10.38 31.00
CA ARG B 414 -24.32 -9.65 29.93
C ARG B 414 -23.45 -8.49 30.38
N ALA B 415 -24.02 -7.63 31.21
CA ALA B 415 -23.23 -6.52 31.81
C ALA B 415 -22.08 -6.97 32.69
N ALA B 416 -22.31 -8.01 33.49
CA ALA B 416 -21.27 -8.50 34.39
C ALA B 416 -20.06 -8.97 33.59
N LEU B 417 -20.38 -9.63 32.48
CA LEU B 417 -19.37 -10.19 31.61
C LEU B 417 -18.56 -9.06 30.97
N ARG B 418 -19.25 -8.00 30.55
CA ARG B 418 -18.59 -6.83 29.99
C ARG B 418 -17.65 -6.24 31.01
N LYS B 419 -18.15 -5.99 32.22
CA LYS B 419 -17.30 -5.39 33.24
C LYS B 419 -16.09 -6.30 33.43
N ALA B 420 -16.30 -7.60 33.41
CA ALA B 420 -15.19 -8.49 33.67
C ALA B 420 -14.16 -8.47 32.55
N MET B 421 -14.64 -8.57 31.31
CA MET B 421 -13.76 -8.62 30.15
C MET B 421 -12.91 -7.35 30.04
N ASP B 422 -13.56 -6.20 30.20
CA ASP B 422 -12.83 -4.92 30.14
C ASP B 422 -11.67 -4.83 31.14
N ALA B 423 -11.90 -5.28 32.35
CA ALA B 423 -10.87 -5.33 33.36
C ALA B 423 -9.61 -6.16 32.99
N THR B 424 -9.73 -7.09 32.04
CA THR B 424 -8.53 -7.86 31.68
C THR B 424 -7.52 -7.06 30.86
N ILE B 425 -7.96 -5.90 30.38
CA ILE B 425 -7.17 -5.14 29.43
C ILE B 425 -5.85 -4.66 30.02
N ILE B 426 -5.79 -4.54 31.34
CA ILE B 426 -4.54 -4.13 31.98
C ILE B 426 -3.35 -5.04 31.62
N GLY B 427 -3.61 -6.33 31.45
CA GLY B 427 -2.58 -7.26 31.07
C GLY B 427 -2.34 -7.29 29.57
N LEU B 428 -3.14 -6.55 28.80
CA LEU B 428 -3.22 -6.70 27.36
C LEU B 428 -3.15 -5.38 26.59
N GLY B 429 -2.36 -4.43 27.09
CA GLY B 429 -2.10 -3.19 26.36
C GLY B 429 -2.54 -1.95 27.07
N GLY B 430 -3.37 -2.11 28.10
CA GLY B 430 -3.86 -0.98 28.86
C GLY B 430 -2.89 -0.41 29.87
N GLY B 431 -1.83 -1.16 30.22
CA GLY B 431 -0.86 -0.74 31.24
C GLY B 431 0.26 0.12 30.69
N HIS B 432 -0.12 1.27 30.15
CA HIS B 432 0.79 2.19 29.50
C HIS B 432 1.65 2.89 30.54
N GLY B 433 1.02 3.27 31.64
CA GLY B 433 1.72 3.86 32.78
C GLY B 433 2.82 2.96 33.33
N VAL B 434 2.54 1.67 33.49
CA VAL B 434 3.58 0.76 34.01
C VAL B 434 4.76 0.78 33.07
N GLU B 435 4.46 0.83 31.78
CA GLU B 435 5.49 0.77 30.75
C GLU B 435 6.41 2.02 30.75
N LEU B 436 5.87 3.21 31.03
CA LEU B 436 6.60 4.44 30.72
C LEU B 436 6.88 5.32 31.91
N ASN B 437 6.06 5.23 32.94
CA ASN B 437 6.17 6.16 34.05
C ASN B 437 7.29 5.87 35.01
N GLN B 438 8.47 5.45 34.55
CA GLN B 438 9.60 5.34 35.47
C GLN B 438 9.87 6.73 36.11
N ARG B 439 10.18 6.74 37.41
CA ARG B 439 10.68 7.94 38.14
C ARG B 439 11.93 7.59 38.98
N TYR B 440 13.09 7.88 38.44
CA TYR B 440 14.30 7.49 39.13
C TYR B 440 14.56 8.43 40.28
N VAL B 441 15.10 7.91 41.36
CA VAL B 441 15.65 8.76 42.39
C VAL B 441 16.97 8.14 42.90
N SER B 442 18.05 8.86 42.63
CA SER B 442 19.40 8.36 42.83
C SER B 442 20.41 9.51 42.71
N ARG B 443 21.67 9.20 43.01
CA ARG B 443 22.73 10.21 42.98
C ARG B 443 22.94 10.67 41.51
N ALA B 444 22.35 9.95 40.56
CA ALA B 444 22.45 10.28 39.16
C ALA B 444 21.32 11.15 38.66
N VAL B 445 20.49 11.65 39.57
CA VAL B 445 19.60 12.74 39.20
C VAL B 445 19.69 13.88 40.20
N PHE B 446 19.81 15.07 39.66
CA PHE B 446 19.99 16.26 40.43
C PHE B 446 18.68 17.01 40.57
N PRO B 447 18.14 17.01 41.79
CA PRO B 447 16.84 17.53 42.06
C PRO B 447 16.84 19.03 41.88
N ASP B 448 15.74 19.56 41.39
CA ASP B 448 15.69 20.96 41.02
C ASP B 448 15.01 21.77 42.09
N GLY B 449 14.54 21.11 43.15
CA GLY B 449 13.85 21.74 44.27
C GLY B 449 12.32 21.73 44.13
N THR B 450 11.81 21.13 43.06
CA THR B 450 10.39 21.13 42.75
C THR B 450 9.75 20.01 43.57
N PRO B 451 8.55 20.25 44.09
CA PRO B 451 7.85 19.15 44.77
C PRO B 451 7.53 18.07 43.76
N ASP B 452 7.59 16.81 44.17
CA ASP B 452 7.16 15.72 43.28
C ASP B 452 5.67 15.92 42.95
N PRO B 453 5.31 16.06 41.66
CA PRO B 453 3.90 16.12 41.45
C PRO B 453 3.54 14.68 41.46
N GLY B 454 2.29 14.39 41.66
CA GLY B 454 1.92 13.01 41.67
C GLY B 454 1.57 12.67 40.25
N PHE B 455 0.48 11.92 40.12
CA PHE B 455 -0.15 11.67 38.86
C PHE B 455 -1.60 12.11 38.95
N VAL B 456 -2.05 12.87 37.96
CA VAL B 456 -3.45 13.27 37.88
C VAL B 456 -4.32 12.04 37.70
N ARG B 457 -3.93 11.17 36.76
CA ARG B 457 -4.65 9.94 36.48
C ARG B 457 -3.88 8.67 36.88
N ASP B 458 -4.58 7.55 36.88
CA ASP B 458 -4.00 6.31 37.34
C ASP B 458 -2.67 6.04 36.69
N GLN B 459 -1.66 5.85 37.52
CA GLN B 459 -0.28 5.68 37.04
C GLN B 459 0.09 4.34 36.45
N GLU B 460 -0.78 3.34 36.58
CA GLU B 460 -0.55 2.09 35.89
C GLU B 460 -1.13 2.13 34.49
N PHE B 461 -2.31 2.71 34.36
CA PHE B 461 -2.97 2.78 33.08
C PHE B 461 -2.46 3.91 32.19
N PHE B 462 -2.06 5.02 32.79
CA PHE B 462 -1.75 6.22 32.03
C PHE B 462 -0.36 6.79 32.26
N TYR B 463 0.30 7.07 31.15
CA TYR B 463 1.56 7.78 31.11
C TYR B 463 1.37 9.25 31.38
N GLN B 464 2.24 9.81 32.21
CA GLN B 464 2.28 11.25 32.43
C GLN B 464 3.65 11.80 32.14
N ALA B 465 3.71 12.54 31.05
CA ALA B 465 4.92 13.21 30.66
C ALA B 465 5.34 14.12 31.82
N SER B 466 6.63 14.07 32.16
CA SER B 466 7.21 14.95 33.14
C SER B 466 8.60 15.30 32.68
N THR B 467 9.00 16.51 33.04
CA THR B 467 10.26 17.06 32.60
C THR B 467 11.11 17.36 33.84
N ARG B 468 10.57 16.93 34.98
CA ARG B 468 11.25 16.99 36.22
C ARG B 468 12.35 15.95 36.27
N PRO B 469 13.48 16.27 36.93
CA PRO B 469 14.58 15.33 36.91
C PRO B 469 14.20 13.98 37.49
N GLY B 470 14.72 12.90 36.92
CA GLY B 470 14.35 11.55 37.28
C GLY B 470 13.30 10.96 36.34
N ALA B 471 12.59 11.81 35.58
CA ALA B 471 11.65 11.34 34.55
C ALA B 471 12.30 11.17 33.20
N HIS B 472 11.63 10.45 32.33
CA HIS B 472 12.11 10.27 30.99
C HIS B 472 11.74 11.50 30.17
N LEU B 473 12.63 11.85 29.25
CA LEU B 473 12.40 12.99 28.42
C LEU B 473 11.16 12.80 27.60
N PRO B 474 10.23 13.75 27.65
CA PRO B 474 9.05 13.64 26.78
C PRO B 474 9.39 13.74 25.33
N HIS B 475 8.56 13.11 24.53
CA HIS B 475 8.64 13.20 23.09
C HIS B 475 7.70 14.33 22.66
N VAL B 476 8.19 15.17 21.76
CA VAL B 476 7.35 15.98 20.89
C VAL B 476 8.05 16.12 19.55
N TRP B 477 7.31 16.50 18.53
CA TRP B 477 7.86 16.67 17.19
C TRP B 477 8.40 18.06 17.03
N LEU B 478 9.65 18.13 16.60
CA LEU B 478 10.29 19.33 16.11
C LEU B 478 10.36 19.16 14.61
N THR B 479 11.02 20.09 13.93
CA THR B 479 11.45 19.92 12.53
C THR B 479 12.96 20.18 12.41
N GLU B 480 13.63 19.38 11.57
CA GLU B 480 14.97 19.67 10.96
C GLU B 480 14.77 19.64 9.47
N ASN B 481 14.95 20.78 8.82
CA ASN B 481 14.73 20.92 7.36
C ASN B 481 13.30 20.65 6.98
N GLN B 482 12.37 21.12 7.79
CA GLN B 482 10.93 20.94 7.52
C GLN B 482 10.47 19.48 7.60
N ARG B 483 11.37 18.60 8.03
CA ARG B 483 11.08 17.19 8.14
C ARG B 483 10.94 16.94 9.66
N ARG B 484 9.93 16.19 10.09
CA ARG B 484 9.73 15.90 11.52
C ARG B 484 10.87 15.09 12.14
N ILE B 485 11.27 15.50 13.34
CA ILE B 485 12.22 14.78 14.13
C ILE B 485 11.77 14.82 15.59
N SER B 486 12.00 13.74 16.29
CA SER B 486 11.57 13.68 17.64
C SER B 486 12.59 14.35 18.52
N THR B 487 12.08 14.90 19.57
CA THR B 487 12.88 15.43 20.61
C THR B 487 13.88 14.37 21.09
N LEU B 488 13.48 13.10 21.01
CA LEU B 488 14.36 12.03 21.48
C LEU B 488 15.51 11.73 20.51
N ASP B 489 15.35 12.14 19.27
CA ASP B 489 16.36 11.95 18.27
C ASP B 489 17.49 12.97 18.43
N LEU B 490 17.29 14.01 19.20
CA LEU B 490 18.38 14.88 19.55
C LEU B 490 19.29 14.32 20.63
N CYS B 491 19.02 13.15 21.20
CA CYS B 491 19.51 12.93 22.54
C CYS B 491 20.34 11.75 22.96
N GLY B 492 20.50 10.75 22.13
CA GLY B 492 21.15 9.55 22.70
C GLY B 492 22.65 9.52 22.50
N LYS B 493 23.06 8.57 21.67
CA LYS B 493 24.38 8.53 21.05
C LYS B 493 25.47 8.44 22.11
N GLY B 494 25.17 7.82 23.25
CA GLY B 494 26.16 7.59 24.33
C GLY B 494 26.68 8.86 24.98
N ARG B 495 25.91 9.95 24.94
CA ARG B 495 26.38 11.24 25.43
C ARG B 495 25.29 12.10 26.11
N PHE B 496 25.72 12.99 26.99
CA PHE B 496 24.79 13.91 27.64
C PHE B 496 24.37 14.97 26.68
N THR B 497 23.14 15.43 26.78
CA THR B 497 22.62 16.44 25.87
C THR B 497 21.89 17.47 26.66
N LEU B 498 21.94 18.72 26.24
CA LEU B 498 21.31 19.81 26.96
C LEU B 498 20.42 20.61 26.03
N LEU B 499 19.18 20.85 26.41
CA LEU B 499 18.21 21.39 25.46
C LEU B 499 17.72 22.73 25.92
N THR B 500 17.47 23.64 24.97
CA THR B 500 17.09 25.01 25.29
C THR B 500 16.42 25.70 24.10
N GLY B 501 15.84 26.88 24.38
CA GLY B 501 15.43 27.82 23.33
C GLY B 501 16.42 28.95 23.10
N LEU B 502 16.12 29.81 22.14
CA LEU B 502 17.00 30.93 21.78
C LEU B 502 17.38 31.82 22.94
N SER B 503 16.42 32.13 23.82
CA SER B 503 16.69 32.96 24.99
C SER B 503 17.76 32.35 25.86
N GLY B 504 18.21 31.12 25.55
CA GLY B 504 19.07 30.35 26.42
C GLY B 504 20.42 30.04 25.82
N ALA B 505 20.81 30.83 24.85
CA ALA B 505 22.12 30.65 24.23
C ALA B 505 23.26 30.54 25.26
N ALA B 506 23.11 31.21 26.40
CA ALA B 506 24.14 31.20 27.41
C ALA B 506 24.53 29.79 27.80
N TRP B 507 23.60 28.88 27.73
CA TRP B 507 23.93 27.52 28.13
C TRP B 507 24.99 26.96 27.20
N LYS B 508 25.01 27.37 25.94
CA LYS B 508 26.04 26.87 24.98
C LYS B 508 27.42 27.05 25.60
N HIS B 509 27.70 28.28 26.03
CA HIS B 509 29.03 28.63 26.47
C HIS B 509 29.27 27.94 27.81
N GLU B 510 28.27 27.95 28.67
CA GLU B 510 28.39 27.29 29.94
C GLU B 510 28.66 25.77 29.83
N ALA B 511 28.04 25.17 28.82
CA ALA B 511 28.21 23.75 28.57
C ALA B 511 29.63 23.44 28.10
N GLU B 512 30.15 24.21 27.15
CA GLU B 512 31.56 24.02 26.66
C GLU B 512 32.52 24.07 27.83
N GLN B 513 32.41 25.11 28.64
CA GLN B 513 33.27 25.23 29.82
C GLN B 513 33.24 23.97 30.69
N VAL B 514 32.09 23.32 30.82
CA VAL B 514 32.00 22.16 31.69
C VAL B 514 32.55 20.91 31.05
N SER B 515 32.29 20.72 29.77
CA SER B 515 32.97 19.67 29.04
C SER B 515 34.47 19.83 29.12
N GLN B 516 34.98 21.03 28.86
CA GLN B 516 36.43 21.24 28.94
C GLN B 516 36.88 20.88 30.37
N SER B 517 36.26 21.51 31.36
CA SER B 517 36.65 21.34 32.75
C SER B 517 36.64 19.87 33.19
N LEU B 518 35.52 19.15 33.05
CA LEU B 518 35.44 17.69 33.33
C LEU B 518 35.59 17.10 31.96
N GLY B 519 36.02 15.87 31.80
CA GLY B 519 36.40 15.49 30.44
C GLY B 519 35.32 14.83 29.65
N ILE B 520 34.18 15.47 29.43
CA ILE B 520 33.06 14.72 28.79
C ILE B 520 32.33 15.48 27.70
N GLU B 521 31.74 14.72 26.78
CA GLU B 521 31.03 15.28 25.61
C GLU B 521 29.71 15.82 26.08
N LEU B 522 29.30 16.98 25.56
CA LEU B 522 28.03 17.51 25.99
C LEU B 522 27.41 18.30 24.87
N LYS B 523 26.61 17.61 24.05
CA LYS B 523 25.90 18.27 22.96
C LYS B 523 24.93 19.27 23.56
N VAL B 524 24.81 20.41 22.87
CA VAL B 524 23.83 21.41 23.20
C VAL B 524 22.98 21.75 22.01
N CYS B 525 21.66 21.60 22.14
CA CYS B 525 20.73 22.00 21.10
C CYS B 525 19.96 23.19 21.54
N VAL B 526 20.05 24.25 20.74
CA VAL B 526 19.24 25.43 20.92
C VAL B 526 18.08 25.37 19.95
N ILE B 527 16.86 25.12 20.46
CA ILE B 527 15.71 24.93 19.60
C ILE B 527 15.07 26.27 19.35
N GLY B 528 14.80 26.58 18.08
CA GLY B 528 14.00 27.76 17.72
C GLY B 528 14.04 28.15 16.24
N PRO B 529 13.31 29.20 15.86
CA PRO B 529 13.03 29.65 14.49
C PRO B 529 14.18 29.69 13.54
N GLY B 530 15.27 30.29 13.92
CA GLY B 530 16.42 30.23 13.01
C GLY B 530 17.10 28.87 12.87
N GLN B 531 17.04 28.03 13.90
CA GLN B 531 18.11 27.09 14.22
C GLN B 531 17.94 25.77 13.40
N GLU B 532 18.81 24.77 13.62
CA GLU B 532 18.75 23.47 12.89
C GLU B 532 17.47 22.74 13.26
N PHE B 533 17.25 22.60 14.56
CA PHE B 533 16.01 22.07 15.09
C PHE B 533 15.14 23.27 15.44
N VAL B 534 13.90 23.27 15.00
CA VAL B 534 12.93 24.32 15.38
C VAL B 534 11.67 23.65 15.89
N ASP B 535 10.88 24.23 16.80
CA ASP B 535 9.58 23.58 17.02
C ASP B 535 8.46 24.25 16.24
N THR B 536 8.36 23.85 14.99
CA THR B 536 7.28 24.31 14.14
C THR B 536 5.87 24.16 14.78
N TYR B 537 5.63 23.22 15.70
CA TYR B 537 4.26 23.12 16.31
C TYR B 537 4.05 23.76 17.70
N GLY B 538 5.10 24.22 18.34
CA GLY B 538 4.93 24.75 19.68
C GLY B 538 4.82 23.71 20.77
N GLU B 539 5.00 22.46 20.42
CA GLU B 539 4.89 21.40 21.39
C GLU B 539 6.00 21.51 22.42
N TYR B 540 7.17 22.00 22.02
CA TYR B 540 8.26 22.00 22.97
C TYR B 540 7.97 23.03 24.01
N ALA B 541 7.58 24.22 23.56
CA ALA B 541 7.08 25.26 24.46
C ALA B 541 6.01 24.74 25.39
N LYS B 542 4.98 24.12 24.82
CA LYS B 542 3.85 23.60 25.62
C LYS B 542 4.31 22.53 26.62
N ILE B 543 5.19 21.62 26.23
CA ILE B 543 5.44 20.42 27.03
C ILE B 543 6.39 20.66 28.20
N SER B 544 7.50 21.36 27.98
CA SER B 544 8.46 21.64 29.07
C SER B 544 7.75 22.51 30.10
N GLU B 545 8.15 22.39 31.37
CA GLU B 545 7.39 23.05 32.41
C GLU B 545 8.21 24.28 32.88
N ILE B 546 8.67 25.07 31.92
CA ILE B 546 9.97 25.76 31.94
C ILE B 546 9.92 26.85 30.85
N GLY B 547 10.55 27.99 31.08
CA GLY B 547 10.55 29.07 30.09
C GLY B 547 11.52 28.82 28.97
N GLU B 548 11.42 29.59 27.90
CA GLU B 548 12.33 29.41 26.77
C GLU B 548 13.82 29.34 27.17
N SER B 549 14.28 30.22 28.05
CA SER B 549 15.69 30.22 28.44
C SER B 549 16.12 29.08 29.36
N GLY B 550 15.17 28.32 29.87
CA GLY B 550 15.49 27.19 30.74
C GLY B 550 16.21 26.09 30.00
N ALA B 551 16.62 25.05 30.72
CA ALA B 551 17.30 23.94 30.07
C ALA B 551 17.07 22.62 30.74
N LEU B 552 17.18 21.55 29.94
CA LEU B 552 17.08 20.18 30.44
C LEU B 552 18.38 19.46 30.13
N LEU B 553 19.01 18.87 31.14
CA LEU B 553 20.14 18.01 30.91
C LEU B 553 19.64 16.59 30.84
N VAL B 554 19.86 15.95 29.69
CA VAL B 554 19.41 14.60 29.43
C VAL B 554 20.60 13.63 29.47
N ARG B 555 20.42 12.52 30.18
CA ARG B 555 21.40 11.44 30.26
C ARG B 555 21.49 10.63 28.96
N PRO B 556 22.55 9.83 28.79
CA PRO B 556 22.69 8.95 27.65
C PRO B 556 21.50 8.04 27.56
N ASP B 557 21.00 7.60 28.70
CA ASP B 557 19.83 6.76 28.68
C ASP B 557 18.51 7.49 28.62
N MET B 558 18.53 8.77 28.22
CA MET B 558 17.30 9.52 27.88
C MET B 558 16.46 10.08 29.06
N PHE B 559 16.99 9.92 30.26
CA PHE B 559 16.38 10.42 31.44
C PHE B 559 16.98 11.78 31.76
N ILE B 560 16.12 12.69 32.22
CA ILE B 560 16.51 14.04 32.62
C ILE B 560 17.22 14.02 33.98
N ALA B 561 18.43 14.55 34.04
CA ALA B 561 19.15 14.56 35.30
C ALA B 561 19.21 15.93 35.91
N PHE B 562 18.77 16.95 35.19
CA PHE B 562 18.92 18.31 35.69
C PHE B 562 18.01 19.22 34.88
N ARG B 563 17.40 20.18 35.57
CA ARG B 563 16.50 21.16 34.94
C ARG B 563 16.65 22.55 35.55
N ALA B 564 16.69 23.58 34.70
CA ALA B 564 16.74 24.96 35.20
C ALA B 564 15.57 25.81 34.64
N LYS B 565 14.94 26.61 35.51
CA LYS B 565 13.79 27.46 35.15
C LYS B 565 14.14 28.36 33.99
N ASP B 566 15.37 28.88 34.00
CA ASP B 566 15.76 30.01 33.15
C ASP B 566 17.27 30.03 32.97
N ALA B 567 17.79 31.00 32.23
CA ALA B 567 19.24 31.13 32.07
C ALA B 567 19.88 32.20 32.97
N SER B 568 19.29 32.46 34.13
CA SER B 568 19.90 33.35 35.07
C SER B 568 21.27 32.82 35.47
N ARG B 569 22.12 33.69 36.01
CA ARG B 569 23.48 33.29 36.41
C ARG B 569 23.44 32.29 37.62
N GLU B 570 22.43 32.39 38.48
CA GLU B 570 22.27 31.40 39.59
C GLU B 570 22.01 30.03 39.01
N GLY B 571 21.20 29.98 37.95
CA GLY B 571 20.90 28.74 37.23
C GLY B 571 22.12 28.19 36.51
N LEU B 572 22.85 29.07 35.83
CA LEU B 572 24.00 28.68 35.07
C LEU B 572 25.16 28.15 35.92
N GLU B 573 25.33 28.68 37.13
CA GLU B 573 26.40 28.18 38.07
C GLU B 573 26.09 26.76 38.51
N GLN B 574 24.80 26.46 38.73
CA GLN B 574 24.35 25.13 39.21
C GLN B 574 24.77 23.94 38.27
N LEU B 575 24.89 24.19 36.97
CA LEU B 575 25.12 23.10 35.99
C LEU B 575 26.36 22.32 36.30
N ASN B 576 27.43 23.05 36.40
CA ASN B 576 28.72 22.47 36.74
C ASN B 576 28.69 21.63 38.03
N VAL B 577 27.88 22.03 38.99
CA VAL B 577 27.79 21.30 40.21
C VAL B 577 26.97 20.04 40.00
N ALA B 578 25.81 20.20 39.37
CA ALA B 578 24.95 19.05 39.03
C ALA B 578 25.74 17.96 38.31
N VAL B 579 26.53 18.36 37.34
CA VAL B 579 27.33 17.39 36.63
C VAL B 579 28.40 16.72 37.50
N LYS B 580 29.23 17.49 38.22
CA LYS B 580 30.21 16.88 39.11
C LYS B 580 29.49 15.89 40.06
N SER B 581 28.33 16.28 40.55
CA SER B 581 27.60 15.48 41.53
C SER B 581 27.10 14.18 40.93
N ILE B 582 26.52 14.28 39.74
CA ILE B 582 25.99 13.13 39.03
C ILE B 582 27.09 12.08 38.79
N LEU B 583 28.28 12.54 38.41
CA LEU B 583 29.40 11.64 38.15
C LEU B 583 30.24 11.28 39.38
N GLY B 584 29.89 11.80 40.54
CA GLY B 584 30.59 11.46 41.79
C GLY B 584 31.94 12.16 41.99
N ARG B 585 32.07 13.40 41.51
CA ARG B 585 33.34 14.13 41.41
C ARG B 585 33.31 15.57 42.00
N SER C 4 -37.54 27.58 -31.76
CA SER C 4 -36.31 27.28 -32.59
C SER C 4 -34.96 27.70 -31.94
N ALA C 5 -33.87 27.14 -32.46
CA ALA C 5 -32.51 27.26 -31.88
C ALA C 5 -31.43 27.00 -32.97
N GLU C 6 -30.23 27.54 -32.80
CA GLU C 6 -29.14 27.30 -33.76
C GLU C 6 -27.91 26.83 -32.99
N THR C 7 -27.14 25.91 -33.56
CA THR C 7 -25.89 25.46 -32.94
C THR C 7 -25.06 24.85 -34.06
N ASP C 8 -23.78 24.57 -33.81
CA ASP C 8 -22.95 23.99 -34.86
C ASP C 8 -23.24 22.52 -35.11
N VAL C 9 -23.05 21.69 -34.09
CA VAL C 9 -23.35 20.28 -34.21
C VAL C 9 -24.49 19.90 -33.26
N LEU C 10 -25.43 19.12 -33.77
CA LEU C 10 -26.47 18.52 -32.94
C LEU C 10 -26.13 17.06 -32.68
N ILE C 11 -25.87 16.67 -31.44
CA ILE C 11 -25.55 15.27 -31.11
C ILE C 11 -26.78 14.56 -30.50
N VAL C 12 -27.31 13.55 -31.19
CA VAL C 12 -28.47 12.86 -30.70
C VAL C 12 -28.01 11.59 -30.04
N GLY C 13 -28.16 11.51 -28.73
CA GLY C 13 -27.67 10.37 -27.94
C GLY C 13 -26.59 10.84 -26.99
N ALA C 14 -26.62 10.34 -25.77
CA ALA C 14 -25.60 10.66 -24.76
C ALA C 14 -25.01 9.40 -24.17
N GLY C 15 -24.90 8.38 -24.99
CA GLY C 15 -24.15 7.20 -24.63
C GLY C 15 -22.70 7.60 -24.74
N PRO C 16 -21.80 6.65 -24.55
CA PRO C 16 -20.40 7.03 -24.54
C PRO C 16 -19.92 7.78 -25.81
N ALA C 17 -20.44 7.45 -26.96
CA ALA C 17 -19.96 8.09 -28.17
C ALA C 17 -20.44 9.54 -28.30
N GLY C 18 -21.74 9.79 -28.10
CA GLY C 18 -22.26 11.15 -28.16
C GLY C 18 -21.58 12.06 -27.13
N ALA C 19 -21.45 11.57 -25.90
CA ALA C 19 -20.86 12.33 -24.80
C ALA C 19 -19.44 12.67 -25.10
N MET C 20 -18.68 11.66 -25.48
CA MET C 20 -17.28 11.88 -25.88
C MET C 20 -17.22 12.91 -27.01
N SER C 21 -18.09 12.76 -28.00
CA SER C 21 -18.20 13.76 -29.07
C SER C 21 -18.42 15.15 -28.51
N ALA C 22 -19.36 15.30 -27.61
CA ALA C 22 -19.62 16.64 -27.05
C ALA C 22 -18.40 17.23 -26.34
N THR C 23 -17.73 16.39 -25.55
CA THR C 23 -16.60 16.81 -24.77
C THR C 23 -15.56 17.35 -25.69
N LEU C 24 -15.24 16.56 -26.73
CA LEU C 24 -14.15 16.90 -27.64
C LEU C 24 -14.46 18.15 -28.46
N LEU C 25 -15.70 18.25 -28.96
CA LEU C 25 -16.11 19.44 -29.70
C LEU C 25 -16.12 20.66 -28.80
N ALA C 26 -16.57 20.50 -27.57
CA ALA C 26 -16.49 21.63 -26.64
C ALA C 26 -15.04 22.00 -26.36
N SER C 27 -14.15 21.04 -26.26
CA SER C 27 -12.74 21.34 -25.99
C SER C 27 -12.07 22.08 -27.13
N LEU C 28 -12.59 21.93 -28.35
CA LEU C 28 -12.03 22.62 -29.55
C LEU C 28 -12.83 23.87 -29.91
N GLY C 29 -13.61 24.39 -29.00
CA GLY C 29 -14.31 25.63 -29.27
C GLY C 29 -15.50 25.56 -30.20
N ILE C 30 -16.15 24.41 -30.29
CA ILE C 30 -17.28 24.24 -31.20
C ILE C 30 -18.55 24.12 -30.39
N ARG C 31 -19.62 24.81 -30.82
CA ARG C 31 -20.91 24.77 -30.13
C ARG C 31 -21.72 23.51 -30.47
N SER C 32 -21.94 22.68 -29.47
CA SER C 32 -22.76 21.50 -29.63
C SER C 32 -24.00 21.54 -28.70
N LEU C 33 -25.12 21.04 -29.19
CA LEU C 33 -26.25 20.67 -28.36
C LEU C 33 -26.37 19.14 -28.36
N MET C 34 -26.19 18.54 -27.20
CA MET C 34 -26.39 17.10 -27.06
C MET C 34 -27.76 16.82 -26.46
N ILE C 35 -28.48 15.84 -27.00
CA ILE C 35 -29.80 15.48 -26.51
C ILE C 35 -29.97 13.97 -26.31
N ASN C 36 -31.04 13.64 -25.59
CA ASN C 36 -31.26 12.28 -25.12
C ASN C 36 -32.73 12.11 -24.75
N ARG C 37 -33.39 11.08 -25.29
CA ARG C 37 -34.81 10.82 -25.04
C ARG C 37 -34.99 10.51 -23.53
N TRP C 38 -34.03 9.83 -22.95
CA TRP C 38 -34.24 9.33 -21.60
C TRP C 38 -34.05 10.36 -20.48
N ARG C 39 -34.53 10.00 -19.30
CA ARG C 39 -34.38 10.84 -18.12
C ARG C 39 -32.94 10.90 -17.62
N SER C 40 -32.14 9.85 -17.89
CA SER C 40 -30.77 9.77 -17.36
C SER C 40 -29.80 8.99 -18.24
N THR C 41 -28.56 8.86 -17.75
CA THR C 41 -27.56 7.99 -18.36
C THR C 41 -28.01 6.52 -18.20
N SER C 42 -27.39 5.61 -18.94
CA SER C 42 -27.75 4.19 -18.86
C SER C 42 -27.61 3.61 -17.41
N PRO C 43 -28.73 3.11 -16.84
CA PRO C 43 -28.68 2.37 -15.58
C PRO C 43 -28.27 0.90 -15.77
N GLY C 44 -28.54 0.36 -16.96
CA GLY C 44 -28.55 -1.08 -17.16
C GLY C 44 -27.18 -1.71 -17.17
N ARG C 46 -24.42 -3.04 -18.89
CA ARG C 46 -23.84 -2.94 -20.23
C ARG C 46 -22.32 -3.23 -20.22
N SER C 47 -21.54 -2.36 -20.89
CA SER C 47 -20.10 -2.53 -21.04
C SER C 47 -19.34 -2.23 -19.79
N HIS C 48 -18.14 -2.79 -19.68
CA HIS C 48 -17.32 -2.53 -18.52
C HIS C 48 -15.84 -2.69 -18.72
N ILE C 49 -15.41 -3.45 -19.72
CA ILE C 49 -13.98 -3.52 -20.03
C ILE C 49 -13.55 -2.24 -20.79
N ILE C 50 -12.58 -1.54 -20.19
CA ILE C 50 -11.97 -0.33 -20.76
C ILE C 50 -10.55 -0.66 -21.20
N ASN C 51 -10.33 -0.62 -22.52
CA ASN C 51 -9.06 -0.99 -23.05
C ASN C 51 -8.13 0.20 -23.22
N GLN C 52 -6.92 -0.06 -23.65
CA GLN C 52 -5.88 0.92 -23.59
C GLN C 52 -6.15 2.10 -24.47
N ARG C 53 -6.72 1.87 -25.62
CA ARG C 53 -7.04 2.99 -26.54
C ARG C 53 -8.04 4.00 -25.94
N THR C 54 -9.08 3.52 -25.29
CA THR C 54 -9.97 4.41 -24.57
C THR C 54 -9.27 5.12 -23.39
N MET C 55 -8.43 4.42 -22.64
CA MET C 55 -7.70 5.08 -21.57
C MET C 55 -6.75 6.12 -22.10
N GLU C 56 -6.06 5.87 -23.20
CA GLU C 56 -5.21 6.90 -23.81
C GLU C 56 -6.05 8.14 -24.09
N ILE C 57 -7.26 7.98 -24.58
CA ILE C 57 -8.07 9.13 -24.93
C ILE C 57 -8.48 9.89 -23.69
N LEU C 58 -8.88 9.18 -22.65
CA LEU C 58 -9.11 9.88 -21.38
C LEU C 58 -7.84 10.61 -20.86
N ARG C 59 -6.68 10.02 -21.06
CA ARG C 59 -5.41 10.63 -20.69
C ARG C 59 -5.18 11.89 -21.47
N ASP C 60 -5.57 11.93 -22.74
CA ASP C 60 -5.47 13.16 -23.53
C ASP C 60 -6.37 14.27 -23.00
N ILE C 61 -7.55 13.91 -22.55
CA ILE C 61 -8.60 14.82 -22.10
C ILE C 61 -8.39 15.16 -20.64
N GLY C 62 -7.41 14.50 -20.01
CA GLY C 62 -7.21 14.59 -18.59
C GLY C 62 -8.30 13.99 -17.73
N LEU C 63 -8.99 12.95 -18.19
CA LEU C 63 -9.90 12.22 -17.32
C LEU C 63 -9.38 10.85 -16.92
N GLU C 64 -8.14 10.54 -17.21
CA GLU C 64 -7.64 9.20 -16.91
C GLU C 64 -7.60 8.94 -15.36
N GLU C 65 -7.05 9.86 -14.56
CA GLU C 65 -6.92 9.64 -13.14
C GLU C 65 -8.27 9.50 -12.46
N SER C 66 -9.28 10.19 -12.96
CA SER C 66 -10.62 9.96 -12.45
C SER C 66 -11.13 8.58 -12.73
N ALA C 67 -11.08 8.17 -13.98
CA ALA C 67 -11.59 6.84 -14.32
C ALA C 67 -10.84 5.80 -13.48
N LYS C 68 -9.52 5.87 -13.41
CA LYS C 68 -8.75 4.92 -12.60
C LYS C 68 -9.18 4.87 -11.16
N SER C 69 -9.54 6.01 -10.60
CA SER C 69 -10.05 6.06 -9.22
C SER C 69 -11.30 5.24 -9.03
N LEU C 70 -12.22 5.30 -9.99
CA LEU C 70 -13.47 4.57 -9.85
C LEU C 70 -13.40 3.17 -10.42
N ALA C 71 -12.37 2.84 -11.19
CA ALA C 71 -12.37 1.57 -11.88
C ALA C 71 -11.65 0.56 -11.07
N VAL C 72 -11.98 -0.70 -11.31
CA VAL C 72 -11.23 -1.83 -10.78
C VAL C 72 -9.97 -2.05 -11.62
N PRO C 73 -8.81 -2.20 -10.96
CA PRO C 73 -7.56 -2.40 -11.69
C PRO C 73 -7.40 -3.77 -12.33
N LYS C 74 -6.61 -3.82 -13.39
CA LYS C 74 -6.15 -5.07 -14.02
C LYS C 74 -5.85 -6.24 -13.05
N GLU C 75 -5.18 -5.95 -11.95
CA GLU C 75 -4.74 -6.96 -10.99
C GLU C 75 -5.88 -7.82 -10.37
N TYR C 76 -7.08 -7.25 -10.32
CA TYR C 76 -8.31 -7.91 -9.87
C TYR C 76 -9.12 -8.56 -11.00
N MET C 77 -8.69 -8.39 -12.23
CA MET C 77 -9.42 -8.91 -13.37
C MET C 77 -8.85 -10.26 -13.91
N GLY C 78 -7.78 -10.78 -13.33
CA GLY C 78 -7.00 -11.83 -14.01
C GLY C 78 -7.55 -13.23 -14.16
N GLU C 79 -8.18 -13.76 -13.09
CA GLU C 79 -8.58 -15.17 -13.02
C GLU C 79 -9.96 -15.42 -13.55
N HIS C 80 -10.03 -15.91 -14.77
CA HIS C 80 -11.30 -16.39 -15.31
C HIS C 80 -11.51 -17.85 -14.95
N VAL C 81 -12.51 -18.18 -14.14
CA VAL C 81 -12.69 -19.58 -13.72
C VAL C 81 -13.96 -20.18 -14.31
N TYR C 82 -13.81 -21.40 -14.76
CA TYR C 82 -14.87 -22.20 -15.30
C TYR C 82 -15.17 -23.26 -14.25
N ALA C 83 -16.43 -23.37 -13.85
CA ALA C 83 -16.76 -24.30 -12.79
C ALA C 83 -18.19 -24.78 -12.87
N THR C 84 -18.53 -25.66 -11.94
CA THR C 84 -19.89 -26.17 -11.79
C THR C 84 -20.78 -25.14 -11.12
N SER C 85 -20.21 -24.46 -10.15
CA SER C 85 -20.83 -23.36 -9.45
C SER C 85 -19.70 -22.62 -8.72
N LEU C 86 -19.96 -21.41 -8.22
CA LEU C 86 -18.91 -20.70 -7.49
C LEU C 86 -18.37 -21.51 -6.31
N ALA C 87 -19.27 -22.20 -5.62
CA ALA C 87 -18.88 -22.96 -4.44
C ALA C 87 -18.47 -24.38 -4.79
N GLY C 88 -18.83 -24.82 -6.00
CA GLY C 88 -18.51 -26.19 -6.48
C GLY C 88 -17.06 -26.42 -6.91
N GLU C 89 -16.84 -27.39 -7.81
CA GLU C 89 -15.48 -27.72 -8.35
C GLU C 89 -15.17 -26.94 -9.67
N GLU C 90 -13.91 -26.47 -9.79
CA GLU C 90 -13.44 -25.81 -11.01
C GLU C 90 -13.04 -26.83 -12.10
N PHE C 91 -13.51 -26.61 -13.32
CA PHE C 91 -12.95 -27.29 -14.47
C PHE C 91 -11.55 -26.77 -14.76
N GLY C 92 -11.27 -25.52 -14.42
CA GLY C 92 -9.97 -24.92 -14.72
C GLY C 92 -10.07 -23.41 -14.81
N ARG C 93 -8.93 -22.75 -15.05
CA ARG C 93 -8.88 -21.31 -15.20
C ARG C 93 -8.06 -20.91 -16.41
N ILE C 94 -8.40 -19.81 -17.06
CA ILE C 94 -7.53 -19.19 -18.06
C ILE C 94 -7.09 -17.83 -17.56
N PRO C 95 -5.94 -17.36 -18.04
CA PRO C 95 -5.44 -16.05 -17.63
C PRO C 95 -6.03 -14.93 -18.48
N ALA C 96 -7.17 -14.43 -18.01
CA ALA C 96 -7.92 -13.39 -18.71
C ALA C 96 -7.35 -12.00 -18.50
N TRP C 97 -7.75 -11.11 -19.43
CA TRP C 97 -7.34 -9.69 -19.44
C TRP C 97 -5.82 -9.50 -19.28
N ALA C 98 -5.09 -10.10 -20.24
CA ALA C 98 -3.64 -10.12 -20.25
C ALA C 98 -2.92 -10.43 -18.89
N SER C 99 -3.48 -11.31 -18.07
CA SER C 99 -2.88 -11.63 -16.77
C SER C 99 -1.69 -12.57 -16.89
N HIS C 100 -1.57 -13.28 -18.01
CA HIS C 100 -0.41 -14.07 -18.22
C HIS C 100 0.80 -13.14 -18.35
N PRO C 101 1.90 -13.44 -17.66
CA PRO C 101 3.12 -12.62 -17.70
C PRO C 101 3.54 -12.08 -19.08
N GLN C 102 3.59 -12.95 -20.07
CA GLN C 102 3.85 -12.54 -21.45
C GLN C 102 2.77 -11.61 -22.04
N ALA C 103 1.49 -11.91 -21.83
CA ALA C 103 0.42 -11.03 -22.31
C ALA C 103 0.54 -9.70 -21.67
N HIS C 104 0.98 -9.70 -20.42
CA HIS C 104 1.09 -8.47 -19.65
C HIS C 104 2.24 -7.62 -20.13
N ALA C 105 3.32 -8.29 -20.49
CA ALA C 105 4.44 -7.58 -21.08
C ALA C 105 4.02 -6.90 -22.40
N GLU C 106 3.36 -7.63 -23.29
CA GLU C 106 2.91 -7.10 -24.56
C GLU C 106 1.95 -5.95 -24.31
N HIS C 107 1.26 -6.00 -23.19
CA HIS C 107 0.32 -4.94 -22.78
C HIS C 107 1.08 -3.66 -22.38
N GLU C 108 2.06 -3.81 -21.47
CA GLU C 108 2.89 -2.66 -20.96
C GLU C 108 3.61 -1.91 -22.06
N LEU C 109 4.25 -2.65 -22.96
CA LEU C 109 4.97 -2.08 -24.10
C LEU C 109 4.06 -1.35 -25.09
N ALA C 110 2.79 -1.77 -25.20
CA ALA C 110 1.92 -1.20 -26.18
C ALA C 110 1.43 0.20 -25.90
N SER C 111 1.44 0.58 -24.62
CA SER C 111 0.75 1.79 -24.19
C SER C 111 1.16 2.18 -22.79
N PRO C 112 1.01 3.47 -22.44
CA PRO C 112 1.17 3.85 -21.07
C PRO C 112 -0.09 3.54 -20.22
N SER C 113 -1.23 3.28 -20.86
CA SER C 113 -2.45 2.93 -20.16
C SER C 113 -2.66 1.42 -19.97
N ARG C 114 -3.68 1.06 -19.19
CA ARG C 114 -3.94 -0.34 -18.79
C ARG C 114 -5.39 -0.68 -18.77
N TYR C 115 -5.69 -1.96 -18.77
CA TYR C 115 -7.06 -2.42 -18.75
C TYR C 115 -7.64 -2.03 -17.42
N CYS C 116 -8.92 -1.75 -17.37
CA CYS C 116 -9.58 -1.64 -16.08
C CYS C 116 -11.06 -1.83 -16.26
N ASP C 117 -11.75 -2.20 -15.19
CA ASP C 117 -13.16 -2.46 -15.28
C ASP C 117 -13.89 -1.31 -14.65
N LEU C 118 -14.79 -0.72 -15.42
CA LEU C 118 -15.53 0.47 -14.99
C LEU C 118 -16.87 0.44 -15.71
N PRO C 119 -17.89 -0.02 -15.00
CA PRO C 119 -19.25 -0.09 -15.51
C PRO C 119 -19.65 1.19 -16.22
N GLN C 120 -20.14 1.02 -17.43
CA GLN C 120 -20.68 2.11 -18.22
C GLN C 120 -21.55 3.02 -17.35
N LEU C 121 -22.20 2.40 -16.39
CA LEU C 121 -22.98 3.09 -15.38
C LEU C 121 -22.28 4.30 -14.71
N TYR C 122 -20.96 4.23 -14.49
CA TYR C 122 -20.17 5.35 -13.95
C TYR C 122 -19.52 6.15 -15.08
N PHE C 123 -19.00 5.45 -16.07
CA PHE C 123 -18.36 6.08 -17.19
C PHE C 123 -19.25 7.17 -17.80
N GLU C 124 -20.48 6.85 -18.15
CA GLU C 124 -21.35 7.84 -18.83
C GLU C 124 -21.49 9.18 -18.14
N PRO C 125 -21.97 9.19 -16.91
CA PRO C 125 -22.09 10.49 -16.25
C PRO C 125 -20.76 11.27 -16.05
N MET C 126 -19.65 10.54 -15.93
CA MET C 126 -18.36 11.20 -15.82
C MET C 126 -18.18 12.08 -17.05
N VAL C 127 -18.39 11.51 -18.22
CA VAL C 127 -18.14 12.18 -19.49
C VAL C 127 -19.26 13.19 -19.81
N VAL C 128 -20.51 12.91 -19.47
CA VAL C 128 -21.55 13.90 -19.74
C VAL C 128 -21.30 15.18 -18.95
N SER C 129 -20.82 15.04 -17.73
CA SER C 129 -20.62 16.22 -16.92
C SER C 129 -19.41 17.02 -17.39
N GLU C 130 -18.40 16.34 -17.90
CA GLU C 130 -17.23 17.05 -18.40
C GLU C 130 -17.59 17.82 -19.66
N ALA C 131 -18.40 17.20 -20.51
CA ALA C 131 -18.83 17.86 -21.75
C ALA C 131 -19.53 19.16 -21.45
N ALA C 132 -20.52 19.11 -20.57
CA ALA C 132 -21.19 20.35 -20.12
C ALA C 132 -20.22 21.35 -19.49
N LEU C 133 -19.23 20.88 -18.70
CA LEU C 133 -18.27 21.78 -18.06
C LEU C 133 -17.40 22.47 -19.05
N ARG C 134 -17.01 21.74 -20.09
CA ARG C 134 -16.18 22.29 -21.17
C ARG C 134 -16.95 23.15 -22.20
N GLY C 135 -18.27 23.18 -22.15
CA GLY C 135 -18.99 24.13 -23.00
C GLY C 135 -20.14 23.60 -23.83
N ALA C 136 -20.37 22.29 -23.85
CA ALA C 136 -21.52 21.75 -24.58
C ALA C 136 -22.83 22.02 -23.83
N ASP C 137 -23.91 22.20 -24.58
CA ASP C 137 -25.26 22.29 -24.00
C ASP C 137 -25.87 20.88 -24.01
N VAL C 138 -26.47 20.47 -22.90
CA VAL C 138 -26.85 19.08 -22.70
C VAL C 138 -28.29 19.00 -22.22
N ARG C 139 -29.17 18.41 -23.02
CA ARG C 139 -30.57 18.36 -22.67
C ARG C 139 -31.13 16.96 -22.74
N PHE C 140 -31.50 16.42 -21.58
CA PHE C 140 -32.14 15.09 -21.48
C PHE C 140 -33.68 15.24 -21.61
N LEU C 141 -34.41 14.12 -21.70
CA LEU C 141 -35.87 14.12 -21.96
C LEU C 141 -36.24 14.91 -23.20
N THR C 142 -35.41 14.86 -24.22
CA THR C 142 -35.69 15.51 -25.47
C THR C 142 -35.51 14.50 -26.59
N GLU C 143 -36.55 14.35 -27.41
CA GLU C 143 -36.61 13.31 -28.43
C GLU C 143 -36.45 13.87 -29.85
N TYR C 144 -35.53 13.26 -30.59
CA TYR C 144 -35.36 13.55 -32.01
C TYR C 144 -36.51 12.89 -32.76
N LEU C 145 -37.30 13.68 -33.43
CA LEU C 145 -38.39 13.18 -34.24
C LEU C 145 -37.99 13.06 -35.73
N GLY C 146 -37.01 13.83 -36.18
CA GLY C 146 -36.66 13.84 -37.59
C GLY C 146 -35.98 15.13 -38.02
N HIS C 147 -35.48 15.15 -39.26
CA HIS C 147 -34.78 16.30 -39.80
C HIS C 147 -34.83 16.36 -41.32
N VAL C 148 -34.49 17.51 -41.86
CA VAL C 148 -34.33 17.70 -43.29
C VAL C 148 -33.00 18.42 -43.50
N GLU C 149 -32.27 18.06 -44.55
CA GLU C 149 -31.02 18.74 -44.89
C GLU C 149 -31.23 19.67 -46.06
N ASP C 150 -30.30 20.58 -46.22
CA ASP C 150 -30.19 21.40 -47.42
C ASP C 150 -28.71 21.74 -47.67
N GLN C 151 -28.46 22.68 -48.58
CA GLN C 151 -27.10 23.01 -48.98
C GLN C 151 -26.33 23.68 -47.85
N ASP C 152 -27.03 24.39 -47.00
CA ASP C 152 -26.34 25.12 -45.96
C ASP C 152 -26.34 24.45 -44.59
N GLY C 153 -27.07 23.35 -44.42
CA GLY C 153 -27.15 22.67 -43.10
C GLY C 153 -28.39 21.81 -42.87
N VAL C 154 -28.71 21.53 -41.62
CA VAL C 154 -29.84 20.69 -41.32
C VAL C 154 -30.75 21.30 -40.27
N THR C 155 -32.03 20.94 -40.38
CA THR C 155 -33.02 21.36 -39.41
C THR C 155 -33.70 20.12 -38.89
N ALA C 156 -33.65 19.94 -37.57
CA ALA C 156 -34.29 18.81 -36.91
C ALA C 156 -35.51 19.27 -36.09
N ARG C 157 -36.44 18.36 -35.88
CA ARG C 157 -37.59 18.62 -35.05
C ARG C 157 -37.42 17.82 -33.73
N LEU C 158 -37.51 18.51 -32.60
CA LEU C 158 -37.39 17.86 -31.30
C LEU C 158 -38.70 17.93 -30.53
N LEU C 159 -38.95 16.92 -29.70
CA LEU C 159 -40.09 16.91 -28.77
C LEU C 159 -39.57 16.88 -27.33
N ASP C 160 -39.96 17.88 -26.55
CA ASP C 160 -39.52 18.02 -25.16
C ASP C 160 -40.48 17.34 -24.18
N HIS C 161 -40.03 16.31 -23.51
CA HIS C 161 -40.91 15.53 -22.64
C HIS C 161 -41.14 16.14 -21.26
N VAL C 162 -40.59 17.31 -20.99
CA VAL C 162 -40.87 17.97 -19.73
C VAL C 162 -41.93 19.01 -20.00
N SER C 163 -41.60 19.98 -20.83
CA SER C 163 -42.53 21.05 -21.19
C SER C 163 -43.68 20.57 -22.09
N GLY C 164 -43.45 19.52 -22.87
CA GLY C 164 -44.44 19.07 -23.85
C GLY C 164 -44.26 19.68 -25.24
N ALA C 165 -43.47 20.75 -25.33
CA ALA C 165 -43.30 21.52 -26.59
C ALA C 165 -42.49 20.84 -27.67
N GLU C 166 -42.81 21.12 -28.92
CA GLU C 166 -41.98 20.73 -30.06
C GLU C 166 -41.31 21.98 -30.61
N TYR C 167 -40.04 21.90 -30.92
CA TYR C 167 -39.30 23.02 -31.49
C TYR C 167 -38.28 22.54 -32.53
N GLU C 168 -37.71 23.48 -33.26
CA GLU C 168 -36.80 23.17 -34.35
C GLU C 168 -35.37 23.55 -33.95
N VAL C 169 -34.38 22.80 -34.45
CA VAL C 169 -32.97 23.11 -34.21
C VAL C 169 -32.23 23.12 -35.54
N ARG C 170 -31.57 24.24 -35.80
CA ARG C 170 -30.79 24.44 -37.00
C ARG C 170 -29.33 24.11 -36.65
N ALA C 171 -28.67 23.35 -37.50
CA ALA C 171 -27.29 22.99 -37.26
C ALA C 171 -26.53 22.77 -38.55
N LYS C 172 -25.22 22.97 -38.50
CA LYS C 172 -24.39 22.70 -39.66
C LYS C 172 -24.24 21.12 -39.83
N TYR C 173 -24.14 20.34 -38.73
CA TYR C 173 -24.06 18.87 -38.84
C TYR C 173 -24.82 18.13 -37.75
N ILE C 174 -25.02 16.84 -37.94
CA ILE C 174 -25.72 15.98 -36.97
C ILE C 174 -24.95 14.69 -36.75
N ILE C 175 -24.73 14.38 -35.49
CA ILE C 175 -24.13 13.12 -35.12
C ILE C 175 -25.22 12.23 -34.56
N GLY C 176 -25.48 11.13 -35.26
CA GLY C 176 -26.38 10.09 -34.76
C GLY C 176 -25.68 9.11 -33.84
N ALA C 177 -25.88 9.31 -32.54
CA ALA C 177 -25.29 8.48 -31.54
C ALA C 177 -26.39 7.95 -30.66
N ASP C 178 -27.61 7.85 -31.18
CA ASP C 178 -28.66 7.05 -30.50
C ASP C 178 -28.16 5.61 -30.56
N GLY C 179 -28.87 4.67 -29.99
CA GLY C 179 -28.24 3.37 -29.78
C GLY C 179 -28.38 2.46 -30.97
N ALA C 180 -28.65 1.20 -30.65
CA ALA C 180 -28.82 0.17 -31.64
C ALA C 180 -30.15 0.24 -32.39
N HIS C 181 -31.06 1.14 -32.03
CA HIS C 181 -32.28 1.29 -32.83
C HIS C 181 -32.33 2.67 -33.44
N SER C 182 -31.15 3.21 -33.76
CA SER C 182 -31.02 4.60 -34.13
C SER C 182 -32.05 5.07 -35.17
N LEU C 183 -32.89 6.03 -34.80
CA LEU C 183 -33.78 6.67 -35.79
C LEU C 183 -32.99 7.56 -36.72
N VAL C 184 -31.92 8.15 -36.21
CA VAL C 184 -31.07 9.01 -37.01
C VAL C 184 -30.46 8.23 -38.16
N ALA C 185 -30.06 6.97 -37.90
CA ALA C 185 -29.54 6.10 -38.97
C ALA C 185 -30.64 5.73 -39.98
N GLN C 186 -31.86 5.57 -39.47
CA GLN C 186 -32.97 5.21 -40.30
C GLN C 186 -33.26 6.37 -41.23
N ASN C 187 -33.34 7.58 -40.73
CA ASN C 187 -33.60 8.70 -41.64
C ASN C 187 -32.49 9.00 -42.64
N ALA C 188 -31.24 8.90 -42.22
CA ALA C 188 -30.10 9.13 -43.13
C ALA C 188 -30.03 8.08 -44.23
N GLY C 189 -30.71 6.96 -44.02
CA GLY C 189 -30.79 5.91 -45.01
C GLY C 189 -29.53 5.08 -45.11
N LEU C 190 -28.87 4.81 -44.00
CA LEU C 190 -27.64 4.06 -44.07
C LEU C 190 -27.97 2.61 -44.32
N PRO C 191 -27.15 1.95 -45.14
CA PRO C 191 -27.23 0.52 -45.36
C PRO C 191 -26.51 -0.33 -44.29
N PHE C 192 -27.17 -1.41 -43.86
CA PHE C 192 -26.62 -2.36 -42.87
C PHE C 192 -26.51 -3.74 -43.45
N GLU C 193 -25.58 -4.52 -42.93
CA GLU C 193 -25.48 -5.93 -43.26
C GLU C 193 -25.54 -6.64 -41.90
N GLY C 194 -26.14 -7.83 -41.88
CA GLY C 194 -26.34 -8.63 -40.67
C GLY C 194 -27.72 -8.56 -40.02
N GLN C 195 -27.98 -9.48 -39.10
CA GLN C 195 -29.26 -9.66 -38.45
C GLN C 195 -29.20 -9.17 -36.99
N MET C 196 -30.36 -9.08 -36.32
CA MET C 196 -30.42 -8.56 -34.95
C MET C 196 -30.80 -9.53 -33.82
N GLY C 197 -31.58 -10.57 -34.11
CA GLY C 197 -31.75 -11.65 -33.15
C GLY C 197 -31.31 -12.90 -33.89
N ILE C 198 -30.13 -13.43 -33.56
CA ILE C 198 -29.53 -14.46 -34.42
C ILE C 198 -30.21 -15.84 -34.28
N GLY C 199 -30.22 -16.43 -33.09
CA GLY C 199 -30.87 -17.75 -32.89
C GLY C 199 -32.23 -17.63 -32.21
N SER C 203 -30.32 -13.93 -23.61
CA SER C 203 -29.82 -14.01 -22.23
C SER C 203 -30.64 -13.12 -21.28
N ILE C 204 -30.67 -13.49 -20.01
CA ILE C 204 -31.38 -12.76 -18.99
C ILE C 204 -30.37 -12.22 -17.95
N ASN C 205 -30.40 -10.94 -17.63
CA ASN C 205 -29.38 -10.33 -16.76
C ASN C 205 -29.90 -9.96 -15.39
N ILE C 206 -29.68 -10.81 -14.42
CA ILE C 206 -30.13 -10.56 -13.06
C ILE C 206 -29.06 -9.83 -12.25
N GLU C 207 -29.31 -8.56 -11.89
CA GLU C 207 -28.36 -7.81 -11.03
C GLU C 207 -28.69 -8.17 -9.57
N PHE C 208 -27.66 -8.29 -8.76
CA PHE C 208 -27.84 -8.61 -7.37
C PHE C 208 -26.65 -8.28 -6.52
N SER C 209 -26.83 -8.43 -5.22
CA SER C 209 -25.89 -7.96 -4.23
C SER C 209 -25.67 -9.09 -3.23
N ALA C 210 -24.44 -9.22 -2.73
CA ALA C 210 -24.08 -10.40 -1.90
C ALA C 210 -22.56 -10.47 -1.64
N ASP C 211 -22.15 -10.68 -0.40
CA ASP C 211 -20.73 -10.71 -0.10
C ASP C 211 -20.11 -12.06 -0.43
N LEU C 212 -19.45 -12.13 -1.58
CA LEU C 212 -18.81 -13.35 -2.03
C LEU C 212 -17.29 -13.30 -1.88
N SER C 213 -16.76 -12.44 -1.00
CA SER C 213 -15.30 -12.35 -0.87
C SER C 213 -14.66 -13.70 -0.50
N SER C 214 -15.30 -14.49 0.37
CA SER C 214 -14.79 -15.84 0.72
C SER C 214 -14.60 -16.79 -0.47
N LEU C 215 -15.38 -16.58 -1.52
CA LEU C 215 -15.28 -17.42 -2.71
C LEU C 215 -14.39 -16.81 -3.83
N CYS C 216 -14.11 -15.50 -3.75
CA CYS C 216 -13.44 -14.77 -4.84
C CYS C 216 -12.11 -14.13 -4.51
N GLU C 217 -11.90 -13.69 -3.27
CA GLU C 217 -10.66 -12.93 -2.95
C GLU C 217 -9.38 -13.75 -3.16
N HIS C 218 -9.41 -15.07 -2.97
CA HIS C 218 -8.23 -15.95 -3.25
C HIS C 218 -7.97 -16.27 -4.74
N ARG C 219 -8.85 -15.77 -5.61
CA ARG C 219 -8.76 -16.02 -7.03
C ARG C 219 -9.52 -14.93 -7.78
N LYS C 220 -8.95 -13.73 -7.75
CA LYS C 220 -9.63 -12.53 -8.22
C LYS C 220 -9.81 -12.57 -9.72
N GLY C 221 -11.06 -12.38 -10.15
CA GLY C 221 -11.36 -12.26 -11.55
C GLY C 221 -12.54 -11.34 -11.76
N ASP C 222 -12.68 -10.95 -13.01
CA ASP C 222 -13.76 -10.11 -13.48
C ASP C 222 -15.05 -10.92 -13.64
N MET C 223 -14.88 -12.19 -14.06
CA MET C 223 -15.97 -13.14 -14.33
C MET C 223 -15.69 -14.57 -13.86
N TYR C 224 -16.80 -15.30 -13.66
CA TYR C 224 -16.80 -16.69 -13.16
C TYR C 224 -17.87 -17.41 -13.93
N TRP C 225 -17.49 -18.30 -14.84
CA TRP C 225 -18.44 -18.93 -15.75
C TRP C 225 -18.76 -20.34 -15.32
N MET C 226 -20.04 -20.68 -15.36
CA MET C 226 -20.52 -21.96 -14.89
C MET C 226 -21.09 -22.74 -16.03
N PHE C 227 -20.74 -24.02 -16.09
CA PHE C 227 -21.42 -24.95 -16.96
C PHE C 227 -22.38 -25.74 -16.08
N ARG C 228 -23.68 -25.67 -16.38
CA ARG C 228 -24.71 -26.04 -15.40
C ARG C 228 -25.87 -26.81 -16.05
N ALA C 239 -23.96 -20.18 -18.36
CA ALA C 239 -24.24 -19.08 -17.45
C ALA C 239 -23.02 -18.36 -16.79
N ALA C 240 -23.11 -17.05 -16.66
CA ALA C 240 -21.96 -16.29 -16.21
C ALA C 240 -22.24 -15.48 -14.99
N LEU C 241 -21.19 -15.28 -14.21
CA LEU C 241 -21.26 -14.49 -13.01
C LEU C 241 -20.13 -13.46 -13.04
N ARG C 242 -20.52 -12.20 -13.25
CA ARG C 242 -19.58 -11.10 -13.49
C ARG C 242 -19.60 -10.13 -12.33
N MET C 243 -18.40 -9.74 -11.89
CA MET C 243 -18.21 -8.82 -10.76
C MET C 243 -18.41 -7.37 -11.19
N ILE C 244 -19.24 -6.63 -10.44
CA ILE C 244 -19.49 -5.20 -10.68
C ILE C 244 -18.72 -4.32 -9.71
N ARG C 245 -18.62 -4.75 -8.47
CA ARG C 245 -17.82 -4.06 -7.46
C ARG C 245 -17.22 -5.14 -6.62
N PRO C 246 -15.89 -5.12 -6.44
CA PRO C 246 -15.12 -6.26 -5.93
C PRO C 246 -15.77 -6.94 -4.73
N TRP C 247 -16.42 -8.06 -5.07
CA TRP C 247 -16.83 -9.20 -4.22
C TRP C 247 -18.17 -8.99 -3.54
N ASN C 248 -19.02 -8.22 -4.19
CA ASN C 248 -20.01 -7.46 -3.48
C ASN C 248 -21.27 -7.10 -4.25
N LYS C 249 -21.09 -6.43 -5.38
CA LYS C 249 -22.19 -6.13 -6.28
C LYS C 249 -21.91 -6.98 -7.54
N TRP C 250 -22.97 -7.51 -8.17
CA TRP C 250 -22.86 -8.56 -9.21
C TRP C 250 -23.97 -8.53 -10.25
N ILE C 251 -23.72 -9.10 -11.43
CA ILE C 251 -24.80 -9.60 -12.30
C ILE C 251 -24.57 -11.06 -12.59
N CYS C 252 -25.68 -11.79 -12.76
CA CYS C 252 -25.68 -13.15 -13.25
C CYS C 252 -26.28 -13.11 -14.64
N VAL C 253 -25.84 -13.95 -15.55
CA VAL C 253 -26.27 -13.78 -16.94
C VAL C 253 -27.14 -14.87 -17.57
N TRP C 254 -26.90 -16.13 -17.31
CA TRP C 254 -27.89 -17.18 -17.76
C TRP C 254 -28.18 -17.20 -19.27
N GLU C 268 -39.45 -13.57 -10.46
CA GLU C 268 -39.19 -12.47 -9.53
C GLU C 268 -38.44 -12.86 -8.23
N GLU C 269 -38.88 -13.92 -7.53
CA GLU C 269 -38.04 -14.63 -6.55
C GLU C 269 -37.61 -15.98 -7.15
N ALA C 270 -38.08 -16.28 -8.36
CA ALA C 270 -37.50 -17.31 -9.23
C ALA C 270 -36.01 -16.99 -9.49
N LYS C 271 -35.60 -15.75 -9.28
CA LYS C 271 -34.19 -15.43 -9.23
C LYS C 271 -33.57 -15.96 -7.91
N LYS C 272 -33.67 -17.26 -7.69
CA LYS C 272 -32.64 -18.00 -6.98
C LYS C 272 -32.18 -19.10 -7.97
N ILE C 273 -32.40 -18.85 -9.28
CA ILE C 273 -31.49 -19.34 -10.34
C ILE C 273 -30.10 -19.05 -9.77
N ILE C 274 -29.91 -17.80 -9.33
CA ILE C 274 -28.70 -17.34 -8.59
C ILE C 274 -28.12 -18.30 -7.58
N HIS C 275 -28.94 -18.76 -6.64
CA HIS C 275 -28.43 -19.64 -5.60
C HIS C 275 -27.81 -20.85 -6.28
N GLU C 276 -28.44 -21.33 -7.35
CA GLU C 276 -27.88 -22.45 -8.15
C GLU C 276 -26.48 -22.12 -8.70
N ILE C 277 -26.31 -20.89 -9.18
CA ILE C 277 -25.07 -20.45 -9.81
C ILE C 277 -23.95 -20.26 -8.77
N ILE C 278 -24.27 -19.62 -7.66
CA ILE C 278 -23.31 -19.55 -6.56
C ILE C 278 -23.09 -20.96 -6.00
N GLY C 279 -24.12 -21.79 -6.10
CA GLY C 279 -24.11 -23.12 -5.53
C GLY C 279 -24.36 -23.17 -4.01
N THR C 280 -25.04 -22.19 -3.41
CA THR C 280 -25.34 -22.26 -1.95
C THR C 280 -26.44 -21.28 -1.45
N ASP C 281 -27.24 -21.75 -0.50
CA ASP C 281 -28.22 -20.95 0.25
C ASP C 281 -27.55 -20.02 1.26
N GLU C 282 -26.42 -20.46 1.81
CA GLU C 282 -25.82 -19.81 2.99
C GLU C 282 -25.57 -18.29 2.84
N ILE C 283 -25.18 -17.81 1.64
CA ILE C 283 -24.83 -16.39 1.47
C ILE C 283 -26.09 -15.57 1.10
N PRO C 284 -26.47 -14.61 1.97
CA PRO C 284 -27.66 -13.81 1.73
C PRO C 284 -27.52 -12.96 0.47
N VAL C 285 -28.64 -12.69 -0.19
CA VAL C 285 -28.70 -12.09 -1.54
C VAL C 285 -29.85 -11.08 -1.74
N GLU C 286 -29.58 -9.82 -2.04
CA GLU C 286 -30.64 -8.89 -2.47
C GLU C 286 -30.67 -8.84 -3.99
N VAL C 287 -31.82 -9.12 -4.57
CA VAL C 287 -32.00 -9.05 -6.02
C VAL C 287 -32.29 -7.64 -6.51
N GLY C 288 -31.48 -7.16 -7.45
CA GLY C 288 -31.76 -5.91 -8.16
C GLY C 288 -32.59 -6.12 -9.44
N PRO C 289 -32.49 -5.17 -10.40
CA PRO C 289 -33.25 -5.27 -11.65
C PRO C 289 -32.80 -6.43 -12.51
N ILE C 290 -33.72 -6.91 -13.34
CA ILE C 290 -33.39 -7.92 -14.33
C ILE C 290 -33.67 -7.36 -15.73
N SER C 291 -32.95 -7.82 -16.75
CA SER C 291 -33.12 -7.35 -18.12
C SER C 291 -32.78 -8.44 -19.12
N THR C 292 -32.95 -8.17 -20.40
CA THR C 292 -32.71 -9.17 -21.45
C THR C 292 -31.74 -8.68 -22.54
N THR C 294 -30.13 -9.89 -26.46
CA THR C 294 -30.32 -10.73 -27.65
C THR C 294 -28.93 -10.90 -28.30
N ILE C 295 -28.81 -11.77 -29.29
CA ILE C 295 -27.52 -11.90 -29.97
C ILE C 295 -27.58 -11.14 -31.29
N ASN C 296 -26.73 -10.12 -31.45
CA ASN C 296 -26.72 -9.35 -32.70
C ASN C 296 -25.42 -9.52 -33.48
N GLN C 297 -25.54 -9.37 -34.80
CA GLN C 297 -24.39 -9.27 -35.69
C GLN C 297 -24.83 -8.40 -36.83
N GLN C 298 -24.87 -7.08 -36.61
CA GLN C 298 -25.24 -6.15 -37.65
C GLN C 298 -24.42 -4.88 -37.61
N TYR C 299 -23.95 -4.42 -38.76
CA TYR C 299 -23.18 -3.19 -38.81
C TYR C 299 -23.55 -2.38 -40.04
N ALA C 300 -23.29 -1.09 -40.00
CA ALA C 300 -23.53 -0.22 -41.14
C ALA C 300 -22.33 -0.26 -42.07
N VAL C 301 -22.64 -0.41 -43.35
CA VAL C 301 -21.64 -0.50 -44.41
C VAL C 301 -21.07 0.87 -44.68
N ARG C 302 -21.77 1.89 -44.26
CA ARG C 302 -21.44 3.25 -44.57
C ARG C 302 -22.07 4.06 -43.46
N ASN C 303 -21.26 4.91 -42.82
CA ASN C 303 -21.66 5.57 -41.60
C ASN C 303 -21.95 7.07 -41.78
N THR C 304 -21.92 7.54 -43.01
CA THR C 304 -22.11 8.97 -43.30
C THR C 304 -23.11 9.12 -44.44
N SER C 305 -23.92 10.18 -44.41
CA SER C 305 -24.88 10.46 -45.47
C SER C 305 -25.18 11.96 -45.41
N GLY C 306 -24.68 12.68 -46.41
CA GLY C 306 -24.51 14.10 -46.41
C GLY C 306 -24.89 14.82 -45.14
N ARG C 307 -23.90 15.20 -44.34
CA ARG C 307 -24.18 16.05 -43.16
C ARG C 307 -24.68 15.28 -41.93
N VAL C 308 -25.06 14.02 -42.08
CA VAL C 308 -25.33 13.17 -40.92
C VAL C 308 -24.23 12.12 -40.71
N PHE C 309 -23.64 12.10 -39.52
CA PHE C 309 -22.62 11.13 -39.14
C PHE C 309 -23.11 10.26 -38.00
N CYS C 310 -23.10 8.95 -38.18
CA CYS C 310 -23.54 8.03 -37.15
C CYS C 310 -22.38 7.30 -36.51
N MET C 311 -22.54 6.95 -35.24
CA MET C 311 -21.39 6.74 -34.40
C MET C 311 -21.24 5.41 -33.70
N GLY C 312 -22.01 5.09 -32.67
CA GLY C 312 -21.57 3.95 -31.82
C GLY C 312 -22.31 2.66 -32.08
N ASP C 313 -23.10 2.22 -31.11
CA ASP C 313 -24.05 1.13 -31.34
C ASP C 313 -24.94 1.45 -32.57
N ALA C 314 -25.08 2.72 -32.94
CA ALA C 314 -25.90 3.06 -34.07
C ALA C 314 -25.38 2.46 -35.35
N VAL C 315 -24.08 2.18 -35.42
CA VAL C 315 -23.50 1.60 -36.64
C VAL C 315 -22.78 0.28 -36.41
N HIS C 316 -22.64 -0.15 -35.17
CA HIS C 316 -22.14 -1.53 -34.91
C HIS C 316 -22.84 -2.12 -33.68
N ARG C 317 -23.63 -3.14 -33.94
CA ARG C 317 -24.39 -3.79 -32.89
C ARG C 317 -24.00 -5.26 -32.86
N HIS C 318 -23.59 -5.73 -31.68
CA HIS C 318 -22.87 -6.95 -31.57
C HIS C 318 -23.03 -7.47 -30.16
N THR C 319 -22.48 -8.66 -29.90
CA THR C 319 -22.55 -9.28 -28.58
C THR C 319 -21.47 -8.69 -27.70
N PRO C 320 -21.55 -8.95 -26.42
CA PRO C 320 -20.53 -8.44 -25.50
C PRO C 320 -19.16 -9.12 -25.53
N MET C 321 -18.93 -10.12 -26.36
CA MET C 321 -17.64 -10.84 -26.31
C MET C 321 -16.41 -10.01 -26.71
N GLY C 322 -15.68 -9.51 -25.71
CA GLY C 322 -14.35 -8.94 -25.93
C GLY C 322 -14.12 -7.50 -25.51
N GLY C 323 -15.15 -6.82 -25.01
CA GLY C 323 -15.04 -5.40 -24.56
C GLY C 323 -15.12 -4.34 -25.64
N LEU C 324 -15.43 -4.77 -26.84
CA LEU C 324 -15.17 -3.97 -28.01
C LEU C 324 -16.17 -2.86 -28.28
N GLY C 325 -17.36 -2.96 -27.70
CA GLY C 325 -18.46 -2.01 -28.01
C GLY C 325 -18.20 -0.60 -27.58
N LEU C 326 -18.00 -0.42 -26.30
CA LEU C 326 -17.77 0.91 -25.75
C LEU C 326 -16.49 1.50 -26.27
N ASN C 327 -15.44 0.68 -26.25
CA ASN C 327 -14.11 1.15 -26.71
C ASN C 327 -14.13 1.61 -28.16
N THR C 328 -14.82 0.90 -29.02
CA THR C 328 -14.95 1.30 -30.38
C THR C 328 -15.82 2.55 -30.56
N SER C 329 -16.83 2.71 -29.74
CA SER C 329 -17.65 3.87 -29.83
C SER C 329 -16.92 5.17 -29.48
N VAL C 330 -16.04 5.11 -28.48
CA VAL C 330 -15.31 6.30 -28.03
C VAL C 330 -14.27 6.67 -29.06
N GLN C 331 -13.67 5.65 -29.63
CA GLN C 331 -12.73 5.91 -30.70
C GLN C 331 -13.36 6.40 -31.98
N ASP C 332 -14.64 6.07 -32.23
CA ASP C 332 -15.38 6.64 -33.36
C ASP C 332 -15.45 8.17 -33.15
N ALA C 333 -15.77 8.58 -31.93
CA ALA C 333 -15.92 10.01 -31.63
C ALA C 333 -14.60 10.78 -31.72
N TYR C 334 -13.52 10.16 -31.28
CA TYR C 334 -12.19 10.77 -31.31
C TYR C 334 -11.74 11.04 -32.72
N ASN C 335 -12.12 10.15 -33.62
CA ASN C 335 -11.76 10.26 -35.02
C ASN C 335 -12.46 11.44 -35.69
N LEU C 336 -13.67 11.74 -35.28
CA LEU C 336 -14.48 12.69 -36.01
C LEU C 336 -14.39 14.11 -35.50
N ALA C 337 -14.19 14.29 -34.21
CA ALA C 337 -14.38 15.59 -33.62
C ALA C 337 -13.45 16.59 -34.28
N TRP C 338 -12.17 16.24 -34.30
CA TRP C 338 -11.15 17.17 -34.75
C TRP C 338 -11.34 17.53 -36.18
N LYS C 339 -11.91 16.62 -36.95
CA LYS C 339 -12.14 16.83 -38.37
C LYS C 339 -13.30 17.78 -38.57
N LEU C 340 -14.33 17.60 -37.76
CA LEU C 340 -15.49 18.51 -37.78
C LEU C 340 -15.06 19.91 -37.32
N ALA C 341 -14.23 19.98 -36.28
CA ALA C 341 -13.72 21.24 -35.80
C ALA C 341 -12.99 22.00 -36.90
N LEU C 342 -12.02 21.35 -37.50
CA LEU C 342 -11.28 21.95 -38.60
C LEU C 342 -12.22 22.45 -39.72
N VAL C 343 -13.22 21.64 -40.11
CA VAL C 343 -14.06 22.03 -41.22
C VAL C 343 -14.89 23.24 -40.84
N LEU C 344 -15.51 23.18 -39.69
CA LEU C 344 -16.34 24.29 -39.21
C LEU C 344 -15.57 25.60 -39.05
N LYS C 345 -14.25 25.53 -38.94
CA LYS C 345 -13.44 26.74 -38.81
C LYS C 345 -12.82 27.20 -40.12
N GLY C 346 -13.26 26.62 -41.22
CA GLY C 346 -12.66 26.87 -42.52
C GLY C 346 -11.18 26.53 -42.70
N GLN C 347 -10.57 25.81 -41.75
CA GLN C 347 -9.18 25.34 -41.89
C GLN C 347 -9.07 24.10 -42.75
N ALA C 348 -10.21 23.52 -43.11
CA ALA C 348 -10.19 22.30 -43.89
C ALA C 348 -11.42 22.23 -44.75
N ALA C 349 -11.30 21.61 -45.91
CA ALA C 349 -12.44 21.42 -46.76
C ALA C 349 -13.35 20.28 -46.26
N PRO C 350 -14.66 20.37 -46.57
CA PRO C 350 -15.59 19.32 -46.18
C PRO C 350 -15.19 17.92 -46.63
N THR C 351 -14.39 17.80 -47.69
CA THR C 351 -13.77 16.53 -48.09
C THR C 351 -13.14 15.69 -46.97
N LEU C 352 -12.48 16.37 -46.02
CA LEU C 352 -11.89 15.73 -44.86
C LEU C 352 -12.85 14.85 -44.06
N LEU C 353 -14.14 15.17 -44.08
CA LEU C 353 -15.13 14.38 -43.33
C LEU C 353 -15.42 13.02 -43.95
N ASP C 354 -15.13 12.86 -45.23
CA ASP C 354 -15.22 11.54 -45.84
C ASP C 354 -14.28 10.47 -45.21
N SER C 355 -13.18 10.89 -44.58
CA SER C 355 -12.26 9.91 -44.00
C SER C 355 -12.81 9.24 -42.76
N TYR C 356 -13.81 9.86 -42.13
CA TYR C 356 -14.50 9.20 -41.07
C TYR C 356 -15.06 7.88 -41.57
N ASP C 357 -15.77 7.87 -42.69
CA ASP C 357 -16.26 6.59 -43.22
C ASP C 357 -15.16 5.63 -43.65
N ALA C 358 -14.16 6.15 -44.34
CA ALA C 358 -13.07 5.30 -44.80
C ALA C 358 -12.33 4.64 -43.67
N GLU C 359 -12.09 5.38 -42.58
CA GLU C 359 -11.27 4.89 -41.51
C GLU C 359 -12.08 4.09 -40.52
N ARG C 360 -13.33 4.45 -40.37
CA ARG C 360 -14.10 3.92 -39.25
C ARG C 360 -15.04 2.74 -39.60
N SER C 361 -15.63 2.75 -40.78
CA SER C 361 -16.57 1.67 -41.18
C SER C 361 -15.93 0.30 -41.21
N PRO C 362 -14.69 0.20 -41.69
CA PRO C 362 -14.04 -1.09 -41.53
C PRO C 362 -14.01 -1.59 -40.08
N VAL C 363 -13.55 -0.74 -39.17
CA VAL C 363 -13.46 -1.14 -37.79
C VAL C 363 -14.82 -1.69 -37.27
N ALA C 364 -15.93 -1.14 -37.74
CA ALA C 364 -17.28 -1.57 -37.29
C ALA C 364 -17.60 -2.95 -37.72
N LYS C 365 -17.29 -3.23 -38.98
CA LYS C 365 -17.49 -4.56 -39.53
C LYS C 365 -16.60 -5.57 -38.82
N GLN C 366 -15.35 -5.20 -38.61
CA GLN C 366 -14.40 -6.04 -37.91
C GLN C 366 -14.88 -6.41 -36.51
N ILE C 367 -15.39 -5.43 -35.80
CA ILE C 367 -15.79 -5.58 -34.40
C ILE C 367 -16.97 -6.52 -34.28
N VAL C 368 -17.97 -6.32 -35.13
CA VAL C 368 -19.18 -7.10 -35.10
C VAL C 368 -18.88 -8.57 -35.45
N GLU C 369 -18.18 -8.81 -36.55
CA GLU C 369 -17.76 -10.15 -36.88
C GLU C 369 -16.90 -10.81 -35.78
N ARG C 370 -15.98 -10.07 -35.16
CA ARG C 370 -15.17 -10.67 -34.11
C ARG C 370 -16.04 -11.08 -32.92
N ALA C 371 -16.93 -10.21 -32.46
CA ALA C 371 -17.68 -10.53 -31.24
C ALA C 371 -18.52 -11.78 -31.42
N PHE C 372 -19.07 -11.96 -32.62
CA PHE C 372 -19.97 -13.08 -32.87
C PHE C 372 -19.18 -14.37 -32.98
N LYS C 373 -18.09 -14.30 -33.73
CA LYS C 373 -17.21 -15.42 -33.89
C LYS C 373 -16.66 -15.94 -32.56
N SER C 374 -16.61 -15.07 -31.54
CA SER C 374 -16.11 -15.47 -30.23
C SER C 374 -17.07 -16.41 -29.49
N LEU C 375 -18.33 -16.41 -29.90
CA LEU C 375 -19.30 -17.35 -29.33
C LEU C 375 -19.08 -18.78 -29.77
N SER C 376 -18.43 -18.99 -30.90
CA SER C 376 -18.13 -20.36 -31.34
C SER C 376 -17.14 -21.06 -30.43
N THR C 377 -16.45 -20.30 -29.57
CA THR C 377 -15.37 -20.91 -28.83
C THR C 377 -15.92 -21.74 -27.68
N PHE C 378 -17.21 -21.56 -27.37
CA PHE C 378 -17.84 -22.25 -26.23
C PHE C 378 -18.36 -23.66 -26.48
N PRO C 379 -19.12 -23.89 -27.55
CA PRO C 379 -19.58 -25.26 -27.80
C PRO C 379 -18.50 -26.30 -27.75
N PRO C 380 -17.33 -26.00 -28.34
CA PRO C 380 -16.26 -27.02 -28.24
C PRO C 380 -15.89 -27.44 -26.83
N VAL C 381 -16.27 -26.66 -25.83
CA VAL C 381 -16.09 -27.07 -24.44
C VAL C 381 -16.97 -28.28 -24.17
N PHE C 382 -18.26 -28.18 -24.48
CA PHE C 382 -19.17 -29.32 -24.32
C PHE C 382 -18.73 -30.50 -25.15
N GLU C 383 -18.33 -30.29 -26.38
CA GLU C 383 -17.78 -31.41 -27.13
C GLU C 383 -16.66 -32.13 -26.31
N ALA C 384 -15.73 -31.39 -25.73
CA ALA C 384 -14.60 -32.02 -25.01
C ALA C 384 -15.05 -32.85 -23.84
N LEU C 385 -16.20 -32.50 -23.24
CA LEU C 385 -16.81 -33.29 -22.16
C LEU C 385 -17.84 -34.32 -22.61
N SER C 386 -17.90 -34.60 -23.91
CA SER C 386 -19.01 -35.32 -24.49
C SER C 386 -20.34 -34.93 -23.85
N LEU C 387 -20.79 -33.72 -24.12
CA LEU C 387 -22.10 -33.28 -23.68
C LEU C 387 -22.89 -32.70 -24.83
N PRO C 388 -24.22 -32.89 -24.81
CA PRO C 388 -25.01 -32.20 -25.80
C PRO C 388 -25.20 -30.81 -25.27
N PRO C 389 -25.54 -29.84 -26.14
CA PRO C 389 -25.87 -28.53 -25.58
C PRO C 389 -27.13 -28.64 -24.71
N ALA C 390 -27.25 -27.75 -23.73
CA ALA C 390 -28.34 -27.79 -22.75
C ALA C 390 -28.47 -29.14 -22.02
N PRO C 391 -27.36 -29.70 -21.54
CA PRO C 391 -27.37 -31.03 -20.95
C PRO C 391 -28.20 -31.10 -19.65
N THR C 392 -28.36 -32.31 -19.12
CA THR C 392 -29.11 -32.54 -17.90
C THR C 392 -28.23 -32.93 -16.72
N GLU C 393 -28.69 -32.61 -15.52
CA GLU C 393 -27.89 -32.78 -14.29
C GLU C 393 -27.21 -34.14 -14.18
N SER C 394 -27.81 -35.17 -14.75
CA SER C 394 -27.16 -36.47 -14.74
C SER C 394 -25.95 -36.46 -15.66
N GLU C 395 -26.18 -36.13 -16.93
CA GLU C 395 -25.13 -36.15 -17.96
C GLU C 395 -23.92 -35.35 -17.56
N MET C 396 -24.18 -34.23 -16.88
CA MET C 396 -23.15 -33.35 -16.35
C MET C 396 -22.32 -34.09 -15.29
N ALA C 397 -23.00 -34.60 -14.30
CA ALA C 397 -22.36 -35.39 -13.27
C ALA C 397 -21.48 -36.54 -13.82
N GLU C 398 -21.94 -37.22 -14.88
CA GLU C 398 -21.15 -38.23 -15.55
C GLU C 398 -19.83 -37.63 -16.14
N ALA C 399 -19.94 -36.49 -16.80
CA ALA C 399 -18.80 -35.89 -17.45
C ALA C 399 -17.76 -35.50 -16.42
N LEU C 400 -18.23 -35.02 -15.28
CA LEU C 400 -17.32 -34.63 -14.23
C LEU C 400 -16.48 -35.82 -13.72
N VAL C 401 -17.09 -36.99 -13.60
CA VAL C 401 -16.33 -38.09 -13.07
C VAL C 401 -15.44 -38.73 -14.13
N ARG C 402 -15.82 -38.65 -15.40
CA ARG C 402 -14.92 -39.08 -16.47
C ARG C 402 -13.66 -38.24 -16.44
N LEU C 403 -13.82 -36.98 -16.09
CA LEU C 403 -12.71 -36.06 -16.04
C LEU C 403 -11.71 -36.49 -14.97
N LYS C 404 -12.22 -37.08 -13.90
CA LYS C 404 -11.35 -37.52 -12.82
C LYS C 404 -10.81 -38.93 -13.05
N ASP C 405 -11.05 -39.51 -14.23
CA ASP C 405 -10.79 -40.95 -14.51
C ASP C 405 -9.31 -41.24 -14.71
N ALA C 406 -8.77 -42.23 -14.02
CA ALA C 406 -7.36 -42.55 -14.16
C ALA C 406 -7.02 -43.38 -15.37
N SER C 407 -7.73 -43.19 -16.45
CA SER C 407 -7.43 -43.91 -17.69
C SER C 407 -6.75 -43.01 -18.71
N GLU C 408 -6.34 -43.58 -19.84
CA GLU C 408 -5.90 -42.79 -21.00
C GLU C 408 -7.11 -42.10 -21.65
N GLU C 409 -8.33 -42.62 -21.57
CA GLU C 409 -9.44 -41.90 -22.23
C GLU C 409 -9.64 -40.60 -21.45
N GLY C 410 -9.59 -40.70 -20.13
CA GLY C 410 -9.65 -39.51 -19.24
C GLY C 410 -8.52 -38.47 -19.43
N ALA C 411 -7.32 -38.92 -19.80
CA ALA C 411 -6.22 -38.03 -20.12
C ALA C 411 -6.52 -37.25 -21.39
N LYS C 412 -7.04 -37.94 -22.40
CA LYS C 412 -7.40 -37.29 -23.65
C LYS C 412 -8.49 -36.27 -23.43
N ARG C 413 -9.46 -36.56 -22.53
CA ARG C 413 -10.53 -35.60 -22.21
C ARG C 413 -9.93 -34.36 -21.58
N ARG C 414 -9.21 -34.56 -20.47
CA ARG C 414 -8.52 -33.48 -19.80
C ARG C 414 -7.83 -32.54 -20.81
N ALA C 415 -7.05 -33.11 -21.72
CA ALA C 415 -6.37 -32.33 -22.72
C ALA C 415 -7.33 -31.66 -23.70
N ALA C 416 -8.39 -32.37 -24.09
CA ALA C 416 -9.37 -31.78 -25.01
C ALA C 416 -9.98 -30.54 -24.37
N LEU C 417 -10.29 -30.67 -23.10
CA LEU C 417 -10.91 -29.59 -22.36
C LEU C 417 -9.95 -28.38 -22.27
N ARG C 418 -8.68 -28.64 -22.02
CA ARG C 418 -7.68 -27.60 -22.01
C ARG C 418 -7.62 -26.88 -23.35
N LYS C 419 -7.48 -27.64 -24.45
CA LYS C 419 -7.40 -27.04 -25.79
C LYS C 419 -8.67 -26.22 -25.98
N ALA C 420 -9.81 -26.70 -25.50
CA ALA C 420 -11.06 -25.97 -25.68
C ALA C 420 -11.10 -24.68 -24.87
N MET C 421 -10.76 -24.77 -23.59
CA MET C 421 -10.80 -23.63 -22.69
C MET C 421 -9.84 -22.52 -23.17
N ASP C 422 -8.60 -22.89 -23.52
CA ASP C 422 -7.60 -21.89 -23.96
C ASP C 422 -8.06 -21.09 -25.16
N ALA C 423 -8.69 -21.76 -26.10
CA ALA C 423 -9.25 -21.10 -27.25
C ALA C 423 -10.31 -20.02 -26.94
N THR C 424 -10.95 -20.07 -25.78
CA THR C 424 -11.94 -19.05 -25.48
C THR C 424 -11.33 -17.69 -25.15
N ILE C 425 -10.02 -17.69 -24.90
CA ILE C 425 -9.34 -16.50 -24.41
C ILE C 425 -9.38 -15.34 -25.39
N ILE C 426 -9.60 -15.63 -26.67
CA ILE C 426 -9.72 -14.59 -27.65
C ILE C 426 -10.84 -13.60 -27.31
N GLY C 427 -11.90 -14.11 -26.71
CA GLY C 427 -13.00 -13.25 -26.32
C GLY C 427 -12.82 -12.60 -24.97
N LEU C 428 -11.73 -12.93 -24.29
CA LEU C 428 -11.54 -12.60 -22.88
C LEU C 428 -10.17 -12.01 -22.59
N GLY C 429 -9.65 -11.20 -23.52
CA GLY C 429 -8.40 -10.46 -23.27
C GLY C 429 -7.27 -10.78 -24.19
N GLY C 430 -7.37 -11.90 -24.89
CA GLY C 430 -6.32 -12.30 -25.81
C GLY C 430 -6.28 -11.53 -27.12
N GLY C 431 -7.36 -10.82 -27.45
CA GLY C 431 -7.49 -10.13 -28.73
C GLY C 431 -6.91 -8.74 -28.73
N HIS C 432 -5.61 -8.66 -28.45
CA HIS C 432 -4.89 -7.40 -28.29
C HIS C 432 -4.71 -6.75 -29.65
N GLY C 433 -4.42 -7.56 -30.64
CA GLY C 433 -4.35 -7.08 -32.02
C GLY C 433 -5.66 -6.44 -32.50
N VAL C 434 -6.80 -7.07 -32.22
CA VAL C 434 -8.07 -6.49 -32.68
C VAL C 434 -8.25 -5.11 -32.05
N GLU C 435 -7.82 -4.99 -30.80
CA GLU C 435 -7.93 -3.74 -30.06
C GLU C 435 -7.04 -2.59 -30.61
N LEU C 436 -5.84 -2.88 -31.08
CA LEU C 436 -4.86 -1.84 -31.33
C LEU C 436 -4.39 -1.71 -32.77
N ASN C 437 -4.48 -2.79 -33.53
CA ASN C 437 -3.91 -2.78 -34.84
C ASN C 437 -4.75 -2.08 -35.89
N GLN C 438 -5.36 -0.94 -35.60
CA GLN C 438 -6.01 -0.17 -36.67
C GLN C 438 -4.97 0.20 -37.72
N ARG C 439 -5.34 0.11 -39.00
CA ARG C 439 -4.55 0.66 -40.12
C ARG C 439 -5.46 1.52 -41.05
N TYR C 440 -5.45 2.83 -40.87
CA TYR C 440 -6.32 3.66 -41.65
C TYR C 440 -5.77 3.75 -43.06
N VAL C 441 -6.67 3.84 -44.03
CA VAL C 441 -6.30 4.30 -45.37
C VAL C 441 -7.39 5.24 -45.91
N SER C 442 -7.01 6.48 -46.14
CA SER C 442 -7.91 7.55 -46.48
C SER C 442 -7.15 8.81 -46.93
N ARG C 443 -7.92 9.82 -47.34
CA ARG C 443 -7.35 11.09 -47.80
C ARG C 443 -6.60 11.79 -46.65
N ALA C 444 -6.86 11.34 -45.42
CA ALA C 444 -6.30 11.93 -44.24
C ALA C 444 -5.06 11.22 -43.79
N VAL C 445 -4.53 10.31 -44.61
CA VAL C 445 -3.15 9.87 -44.39
C VAL C 445 -2.35 9.93 -45.68
N PHE C 446 -1.18 10.50 -45.55
CA PHE C 446 -0.31 10.73 -46.66
C PHE C 446 0.72 9.62 -46.69
N PRO C 447 0.55 8.70 -47.65
CA PRO C 447 1.44 7.58 -47.81
C PRO C 447 2.89 8.02 -48.09
N ASP C 448 3.83 7.27 -47.58
CA ASP C 448 5.22 7.64 -47.64
C ASP C 448 5.95 6.83 -48.69
N GLY C 449 5.24 5.93 -49.36
CA GLY C 449 5.78 5.15 -50.47
C GLY C 449 6.35 3.83 -49.98
N THR C 450 6.14 3.51 -48.71
CA THR C 450 6.68 2.31 -48.13
C THR C 450 5.69 1.20 -48.43
N PRO C 451 6.19 0.01 -48.80
CA PRO C 451 5.27 -1.10 -48.92
C PRO C 451 4.63 -1.40 -47.58
N ASP C 452 3.38 -1.80 -47.59
CA ASP C 452 2.75 -2.19 -46.35
C ASP C 452 3.50 -3.40 -45.81
N PRO C 453 4.07 -3.31 -44.60
CA PRO C 453 4.56 -4.57 -44.08
C PRO C 453 3.32 -5.27 -43.60
N GLY C 454 3.40 -6.55 -43.42
CA GLY C 454 2.24 -7.23 -42.94
C GLY C 454 2.30 -7.25 -41.44
N PHE C 455 1.93 -8.39 -40.88
CA PHE C 455 2.14 -8.69 -39.48
C PHE C 455 2.99 -9.96 -39.37
N VAL C 456 4.06 -9.91 -38.57
CA VAL C 456 4.89 -11.08 -38.33
C VAL C 456 4.07 -12.13 -37.65
N ARG C 457 3.33 -11.72 -36.61
CA ARG C 457 2.44 -12.62 -35.86
C ARG C 457 0.96 -12.33 -36.03
N ASP C 458 0.13 -13.25 -35.57
CA ASP C 458 -1.30 -13.14 -35.76
C ASP C 458 -1.85 -11.78 -35.36
N GLN C 459 -2.52 -11.12 -36.28
CA GLN C 459 -2.98 -9.75 -36.09
C GLN C 459 -4.20 -9.57 -35.24
N GLU C 460 -4.87 -10.65 -34.90
CA GLU C 460 -5.96 -10.54 -33.92
C GLU C 460 -5.46 -10.67 -32.50
N PHE C 461 -4.54 -11.59 -32.28
CA PHE C 461 -3.97 -11.79 -30.96
C PHE C 461 -2.89 -10.81 -30.57
N PHE C 462 -2.10 -10.37 -31.54
CA PHE C 462 -0.92 -9.53 -31.26
C PHE C 462 -0.86 -8.17 -31.94
N TYR C 463 -0.60 -7.17 -31.12
CA TYR C 463 -0.34 -5.82 -31.60
C TYR C 463 1.02 -5.71 -32.22
N GLN C 464 1.08 -4.95 -33.32
CA GLN C 464 2.34 -4.62 -33.92
C GLN C 464 2.44 -3.14 -34.08
N ALA C 465 3.37 -2.57 -33.30
CA ALA C 465 3.71 -1.16 -33.41
C ALA C 465 4.17 -0.88 -34.85
N SER C 466 3.68 0.20 -35.41
CA SER C 466 4.11 0.68 -36.70
C SER C 466 4.14 2.19 -36.65
N THR C 467 5.04 2.76 -37.44
CA THR C 467 5.22 4.19 -37.52
C THR C 467 4.94 4.67 -38.93
N ARG C 468 4.43 3.73 -39.73
CA ARG C 468 4.01 4.01 -41.07
C ARG C 468 2.72 4.78 -41.04
N PRO C 469 2.53 5.73 -41.95
CA PRO C 469 1.29 6.52 -41.93
C PRO C 469 0.06 5.68 -42.01
N GLY C 470 -0.97 6.05 -41.25
CA GLY C 470 -2.18 5.25 -41.13
C GLY C 470 -2.19 4.42 -39.86
N ALA C 471 -1.03 4.19 -39.25
CA ALA C 471 -0.94 3.48 -37.96
C ALA C 471 -0.99 4.43 -36.80
N HIS C 472 -1.27 3.87 -35.62
CA HIS C 472 -1.31 4.67 -34.41
C HIS C 472 0.10 4.86 -33.93
N LEU C 473 0.36 6.06 -33.38
CA LEU C 473 1.71 6.39 -32.90
C LEU C 473 2.12 5.42 -31.81
N PRO C 474 3.29 4.80 -31.95
CA PRO C 474 3.71 3.91 -30.88
C PRO C 474 4.00 4.65 -29.63
N HIS C 475 3.86 3.96 -28.50
CA HIS C 475 4.28 4.42 -27.22
C HIS C 475 5.70 3.95 -26.92
N VAL C 476 6.52 4.87 -26.45
CA VAL C 476 7.75 4.55 -25.74
C VAL C 476 7.96 5.60 -24.66
N TRP C 477 8.81 5.31 -23.67
CA TRP C 477 9.11 6.26 -22.61
C TRP C 477 10.26 7.16 -23.01
N LEU C 478 10.00 8.46 -22.91
CA LEU C 478 11.01 9.48 -22.96
C LEU C 478 11.15 9.95 -21.54
N THR C 479 11.99 10.96 -21.32
CA THR C 479 12.02 11.71 -20.06
C THR C 479 11.83 13.21 -20.35
N GLU C 480 11.07 13.87 -19.48
CA GLU C 480 11.07 15.30 -19.29
C GLU C 480 11.47 15.55 -17.84
N ASN C 481 12.60 16.21 -17.64
CA ASN C 481 13.16 16.51 -16.33
C ASN C 481 13.43 15.26 -15.58
N GLN C 482 13.97 14.28 -16.27
CA GLN C 482 14.32 12.99 -15.67
C GLN C 482 13.10 12.17 -15.19
N ARG C 483 11.89 12.66 -15.47
CA ARG C 483 10.63 12.00 -15.07
C ARG C 483 10.08 11.39 -16.38
N ARG C 484 9.64 10.13 -16.34
CA ARG C 484 9.12 9.46 -17.53
C ARG C 484 7.88 10.13 -18.11
N ILE C 485 7.84 10.24 -19.43
CA ILE C 485 6.68 10.73 -20.15
C ILE C 485 6.53 9.89 -21.39
N SER C 486 5.29 9.65 -21.75
CA SER C 486 5.07 8.86 -22.92
C SER C 486 5.20 9.71 -24.13
N THR C 487 5.67 9.07 -25.17
CA THR C 487 5.62 9.62 -26.47
C THR C 487 4.19 10.13 -26.84
N LEU C 488 3.15 9.48 -26.32
CA LEU C 488 1.79 9.90 -26.61
C LEU C 488 1.39 11.20 -25.90
N ASP C 489 2.13 11.51 -24.83
CA ASP C 489 1.84 12.69 -24.02
C ASP C 489 2.38 13.93 -24.69
N LEU C 490 3.24 13.76 -25.68
CA LEU C 490 3.63 14.88 -26.51
C LEU C 490 2.59 15.28 -27.53
N CYS C 491 1.46 14.57 -27.66
CA CYS C 491 0.78 14.60 -28.97
C CYS C 491 -0.68 14.91 -29.19
N GLY C 492 -1.47 15.07 -28.16
CA GLY C 492 -2.90 15.25 -28.46
C GLY C 492 -3.33 16.72 -28.57
N LYS C 493 -4.17 17.10 -27.62
CA LYS C 493 -4.46 18.48 -27.32
C LYS C 493 -5.14 19.18 -28.52
N GLY C 494 -5.89 18.42 -29.32
CA GLY C 494 -6.62 18.97 -30.49
C GLY C 494 -5.76 19.58 -31.58
N ARG C 495 -4.50 19.13 -31.71
CA ARG C 495 -3.57 19.76 -32.64
C ARG C 495 -2.60 18.77 -33.27
N PHE C 496 -2.11 19.13 -34.45
CA PHE C 496 -1.11 18.29 -35.12
C PHE C 496 0.22 18.45 -34.43
N THR C 497 1.00 17.37 -34.38
CA THR C 497 2.31 17.41 -33.73
C THR C 497 3.30 16.79 -34.66
N LEU C 498 4.54 17.28 -34.65
CA LEU C 498 5.59 16.76 -35.50
C LEU C 498 6.80 16.37 -34.66
N LEU C 499 7.31 15.16 -34.82
CA LEU C 499 8.35 14.67 -33.92
C LEU C 499 9.63 14.43 -34.66
N THR C 500 10.77 14.70 -34.01
CA THR C 500 12.10 14.58 -34.64
C THR C 500 13.20 14.48 -33.62
N GLY C 501 14.40 14.16 -34.11
CA GLY C 501 15.63 14.24 -33.31
C GLY C 501 16.42 15.49 -33.66
N LEU C 502 17.52 15.68 -32.96
CA LEU C 502 18.35 16.88 -33.16
C LEU C 502 18.82 17.10 -34.59
N SER C 503 19.22 16.03 -35.29
CA SER C 503 19.62 16.15 -36.68
C SER C 503 18.50 16.72 -37.53
N GLY C 504 17.31 16.93 -36.94
CA GLY C 504 16.12 17.36 -37.70
C GLY C 504 15.58 18.73 -37.35
N ALA C 505 16.44 19.55 -36.77
CA ALA C 505 16.04 20.92 -36.39
C ALA C 505 15.38 21.71 -37.51
N ALA C 506 15.77 21.40 -38.74
CA ALA C 506 15.18 22.07 -39.91
C ALA C 506 13.67 21.94 -39.96
N TRP C 507 13.13 20.85 -39.45
CA TRP C 507 11.67 20.73 -39.41
C TRP C 507 11.03 21.87 -38.58
N LYS C 508 11.69 22.36 -37.52
CA LYS C 508 11.12 23.48 -36.69
C LYS C 508 10.74 24.65 -37.59
N HIS C 509 11.69 25.06 -38.41
CA HIS C 509 11.43 26.24 -39.25
C HIS C 509 10.41 25.91 -40.31
N GLU C 510 10.56 24.76 -40.95
CA GLU C 510 9.64 24.37 -41.97
C GLU C 510 8.19 24.30 -41.47
N ALA C 511 8.06 23.85 -40.23
CA ALA C 511 6.76 23.69 -39.64
C ALA C 511 6.13 25.06 -39.45
N GLU C 512 6.89 25.99 -38.86
CA GLU C 512 6.38 27.37 -38.63
C GLU C 512 5.86 27.97 -39.96
N GLN C 513 6.69 27.89 -41.01
CA GLN C 513 6.30 28.35 -42.33
C GLN C 513 4.95 27.76 -42.80
N VAL C 514 4.67 26.49 -42.47
CA VAL C 514 3.44 25.86 -42.89
C VAL C 514 2.25 26.26 -42.05
N SER C 515 2.45 26.37 -40.75
CA SER C 515 1.40 26.93 -39.89
C SER C 515 1.06 28.32 -40.36
N GLN C 516 2.06 29.15 -40.61
CA GLN C 516 1.76 30.51 -41.07
C GLN C 516 1.02 30.41 -42.39
N SER C 517 1.58 29.71 -43.34
CA SER C 517 0.98 29.56 -44.65
C SER C 517 -0.50 29.07 -44.68
N LEU C 518 -0.80 27.90 -44.12
CA LEU C 518 -2.18 27.39 -43.95
C LEU C 518 -2.49 27.80 -42.54
N GLY C 519 -3.73 27.97 -42.14
CA GLY C 519 -3.90 28.59 -40.83
C GLY C 519 -4.01 27.63 -39.65
N ILE C 520 -2.99 26.82 -39.35
CA ILE C 520 -3.17 25.82 -38.27
C ILE C 520 -2.00 25.68 -37.32
N GLU C 521 -2.30 25.26 -36.09
CA GLU C 521 -1.29 25.10 -35.06
C GLU C 521 -0.49 23.84 -35.36
N LEU C 522 0.81 23.88 -35.10
CA LEU C 522 1.62 22.70 -35.36
C LEU C 522 2.79 22.60 -34.43
N LYS C 523 2.58 21.93 -33.30
CA LYS C 523 3.65 21.77 -32.30
C LYS C 523 4.73 20.98 -32.96
N VAL C 524 5.96 21.35 -32.64
CA VAL C 524 7.14 20.58 -33.01
C VAL C 524 8.03 20.19 -31.81
N CYS C 525 8.30 18.90 -31.64
CA CYS C 525 9.18 18.40 -30.59
C CYS C 525 10.40 17.83 -31.18
N VAL C 526 11.53 18.39 -30.80
CA VAL C 526 12.82 17.87 -31.16
C VAL C 526 13.36 17.04 -30.01
N ILE C 527 13.35 15.75 -30.15
CA ILE C 527 13.73 14.88 -29.04
C ILE C 527 15.24 14.68 -29.08
N GLY C 528 15.89 14.92 -27.94
CA GLY C 528 17.30 14.57 -27.79
C GLY C 528 17.99 15.11 -26.56
N PRO C 529 19.29 14.78 -26.38
CA PRO C 529 20.09 14.99 -25.18
C PRO C 529 20.01 16.35 -24.55
N GLY C 530 20.14 17.40 -25.32
CA GLY C 530 19.95 18.70 -24.70
C GLY C 530 18.52 19.05 -24.26
N GLN C 531 17.51 18.54 -24.93
CA GLN C 531 16.21 19.23 -25.07
C GLN C 531 15.27 19.08 -23.87
N GLU C 532 14.11 19.76 -23.88
CA GLU C 532 12.88 19.21 -23.25
C GLU C 532 12.58 17.97 -24.04
N PHE C 533 12.16 16.94 -23.35
CA PHE C 533 12.02 15.64 -23.98
C PHE C 533 13.28 15.05 -24.57
N VAL C 534 13.79 14.01 -23.92
CA VAL C 534 14.98 13.33 -24.39
C VAL C 534 14.64 11.87 -24.40
N ASP C 535 15.23 11.03 -25.25
CA ASP C 535 14.98 9.62 -24.98
C ASP C 535 16.12 8.97 -24.24
N THR C 536 16.06 9.12 -22.92
CA THR C 536 17.02 8.48 -22.05
C THR C 536 17.18 6.97 -22.30
N TYR C 537 16.16 6.24 -22.80
CA TYR C 537 16.37 4.76 -23.04
C TYR C 537 16.71 4.34 -24.48
N GLY C 538 16.67 5.24 -25.44
CA GLY C 538 16.92 4.83 -26.82
C GLY C 538 15.74 4.14 -27.49
N GLU C 539 14.61 4.10 -26.81
CA GLU C 539 13.47 3.46 -27.38
C GLU C 539 13.01 4.23 -28.61
N TYR C 540 13.19 5.55 -28.64
CA TYR C 540 12.59 6.28 -29.73
C TYR C 540 13.39 5.96 -30.96
N ALA C 541 14.70 6.04 -30.82
CA ALA C 541 15.58 5.57 -31.87
C ALA C 541 15.24 4.16 -32.36
N LYS C 542 15.12 3.21 -31.41
CA LYS C 542 14.81 1.82 -31.76
C LYS C 542 13.47 1.70 -32.45
N ILE C 543 12.46 2.42 -31.99
CA ILE C 543 11.08 2.12 -32.42
C ILE C 543 10.76 2.72 -33.79
N SER C 544 11.11 3.98 -34.01
CA SER C 544 10.81 4.62 -35.30
C SER C 544 11.60 3.88 -36.35
N GLU C 545 11.08 3.87 -37.57
CA GLU C 545 11.69 3.04 -38.60
C GLU C 545 12.42 3.97 -39.61
N ILE C 546 13.24 4.89 -39.06
CA ILE C 546 13.47 6.24 -39.57
C ILE C 546 14.72 6.73 -38.88
N GLY C 547 15.52 7.51 -39.58
CA GLY C 547 16.76 8.04 -38.98
C GLY C 547 16.47 9.21 -38.06
N GLU C 548 17.44 9.62 -37.27
CA GLU C 548 17.25 10.75 -36.38
C GLU C 548 16.64 12.00 -37.06
N SER C 549 17.13 12.41 -38.22
CA SER C 549 16.60 13.64 -38.87
C SER C 549 15.17 13.48 -39.47
N GLY C 550 14.62 12.27 -39.50
CA GLY C 550 13.31 12.04 -40.05
C GLY C 550 12.23 12.66 -39.16
N ALA C 551 10.97 12.59 -39.58
CA ALA C 551 9.90 13.15 -38.79
C ALA C 551 8.59 12.45 -38.96
N LEU C 552 7.79 12.49 -37.90
CA LEU C 552 6.45 11.91 -37.92
C LEU C 552 5.46 13.02 -37.70
N LEU C 553 4.49 13.15 -38.60
CA LEU C 553 3.38 14.08 -38.35
C LEU C 553 2.24 13.25 -37.76
N VAL C 554 1.85 13.62 -36.54
CA VAL C 554 0.80 12.95 -35.80
C VAL C 554 -0.46 13.80 -35.78
N ARG C 555 -1.60 13.15 -36.06
CA ARG C 555 -2.89 13.81 -36.08
C ARG C 555 -3.38 14.07 -34.66
N PRO C 556 -4.41 14.92 -34.50
CA PRO C 556 -5.01 15.15 -33.19
C PRO C 556 -5.42 13.85 -32.59
N ASP C 557 -5.96 12.94 -33.40
CA ASP C 557 -6.41 11.67 -32.86
C ASP C 557 -5.29 10.64 -32.73
N MET C 558 -4.03 11.09 -32.73
CA MET C 558 -2.90 10.23 -32.39
C MET C 558 -2.42 9.23 -33.49
N PHE C 559 -3.01 9.33 -34.67
CA PHE C 559 -2.61 8.55 -35.82
C PHE C 559 -1.61 9.33 -36.64
N ILE C 560 -0.58 8.63 -37.13
CA ILE C 560 0.46 9.21 -38.01
C ILE C 560 -0.12 9.48 -39.40
N ALA C 561 -0.04 10.72 -39.86
CA ALA C 561 -0.50 11.05 -41.22
C ALA C 561 0.62 11.24 -42.22
N PHE C 562 1.86 11.28 -41.75
CA PHE C 562 2.97 11.59 -42.62
C PHE C 562 4.27 11.20 -41.93
N ARG C 563 5.20 10.65 -42.71
CA ARG C 563 6.51 10.27 -42.24
C ARG C 563 7.62 10.57 -43.27
N ALA C 564 8.73 11.15 -42.83
CA ALA C 564 9.86 11.43 -43.74
C ALA C 564 11.14 10.74 -43.28
N LYS C 565 11.88 10.14 -44.21
CA LYS C 565 13.08 9.31 -43.86
C LYS C 565 14.05 10.16 -43.13
N ASP C 566 14.17 11.44 -43.57
CA ASP C 566 15.28 12.36 -43.19
C ASP C 566 14.88 13.82 -43.35
N ALA C 567 15.78 14.76 -43.10
CA ALA C 567 15.47 16.21 -43.25
C ALA C 567 16.08 16.87 -44.50
N SER C 568 16.26 16.11 -45.57
CA SER C 568 16.70 16.65 -46.83
C SER C 568 15.67 17.65 -47.32
N ARG C 569 16.05 18.51 -48.24
CA ARG C 569 15.08 19.49 -48.71
C ARG C 569 13.91 18.81 -49.47
N GLU C 570 14.17 17.66 -50.13
CA GLU C 570 13.08 16.95 -50.84
C GLU C 570 12.04 16.53 -49.83
N GLY C 571 12.51 16.07 -48.67
CA GLY C 571 11.64 15.64 -47.58
C GLY C 571 10.93 16.80 -46.96
N LEU C 572 11.65 17.90 -46.75
CA LEU C 572 11.06 19.10 -46.18
C LEU C 572 9.98 19.75 -47.06
N GLU C 573 10.14 19.70 -48.38
CA GLU C 573 9.18 20.29 -49.31
C GLU C 573 7.87 19.51 -49.21
N GLN C 574 7.96 18.21 -49.02
CA GLN C 574 6.77 17.35 -49.00
C GLN C 574 5.75 17.71 -47.93
N LEU C 575 6.23 18.26 -46.80
CA LEU C 575 5.37 18.47 -45.63
C LEU C 575 4.18 19.32 -45.93
N ASN C 576 4.48 20.46 -46.50
CA ASN C 576 3.48 21.40 -46.93
C ASN C 576 2.44 20.77 -47.87
N VAL C 577 2.86 19.85 -48.71
CA VAL C 577 1.95 19.20 -49.61
C VAL C 577 1.08 18.21 -48.84
N ALA C 578 1.74 17.36 -48.07
CA ALA C 578 1.03 16.39 -47.23
C ALA C 578 -0.05 17.08 -46.42
N VAL C 579 0.29 18.21 -45.82
CA VAL C 579 -0.71 18.91 -45.07
C VAL C 579 -1.85 19.49 -45.92
N LYS C 580 -1.57 20.23 -46.99
CA LYS C 580 -2.67 20.71 -47.87
C LYS C 580 -3.57 19.54 -48.26
N SER C 581 -2.94 18.42 -48.60
CA SER C 581 -3.65 17.27 -49.11
C SER C 581 -4.58 16.70 -48.06
N ILE C 582 -4.03 16.52 -46.86
CA ILE C 582 -4.77 15.94 -45.74
C ILE C 582 -6.00 16.78 -45.45
N LEU C 583 -5.87 18.09 -45.49
CA LEU C 583 -7.00 18.99 -45.24
C LEU C 583 -7.88 19.33 -46.47
N GLY C 584 -7.53 18.82 -47.66
CA GLY C 584 -8.34 18.99 -48.85
C GLY C 584 -8.20 20.34 -49.51
N ARG C 585 -7.01 20.91 -49.45
CA ARG C 585 -6.75 22.29 -49.88
C ARG C 585 -5.66 22.47 -50.98
N ALA D 5 -46.79 21.13 -17.31
CA ALA D 5 -46.15 20.03 -16.52
C ALA D 5 -46.57 19.95 -15.02
N GLU D 6 -46.56 18.74 -14.48
CA GLU D 6 -46.97 18.55 -13.11
C GLU D 6 -45.92 17.65 -12.44
N THR D 7 -45.61 17.92 -11.18
CA THR D 7 -44.71 17.07 -10.45
C THR D 7 -45.01 17.30 -8.97
N ASP D 8 -44.47 16.48 -8.09
CA ASP D 8 -44.66 16.73 -6.64
C ASP D 8 -43.86 17.92 -6.07
N VAL D 9 -42.54 17.85 -6.16
CA VAL D 9 -41.70 18.93 -5.74
C VAL D 9 -40.98 19.52 -6.96
N LEU D 10 -40.94 20.84 -7.02
CA LEU D 10 -40.06 21.54 -7.91
C LEU D 10 -38.82 22.06 -7.15
N ILE D 11 -37.62 21.59 -7.49
CA ILE D 11 -36.38 22.06 -6.88
C ILE D 11 -35.67 23.07 -7.80
N VAL D 12 -35.53 24.30 -7.35
CA VAL D 12 -34.86 25.31 -8.17
C VAL D 12 -33.44 25.49 -7.69
N GLY D 13 -32.46 25.07 -8.50
CA GLY D 13 -31.04 25.04 -8.08
C GLY D 13 -30.52 23.63 -8.02
N ALA D 14 -29.30 23.43 -8.51
CA ALA D 14 -28.69 22.10 -8.53
C ALA D 14 -27.33 22.16 -7.92
N GLY D 15 -27.18 23.05 -6.95
CA GLY D 15 -26.00 23.04 -6.12
C GLY D 15 -26.14 21.84 -5.22
N PRO D 16 -25.25 21.72 -4.23
CA PRO D 16 -25.30 20.51 -3.40
C PRO D 16 -26.62 20.27 -2.66
N ALA D 17 -27.31 21.31 -2.25
CA ALA D 17 -28.53 21.12 -1.53
C ALA D 17 -29.67 20.66 -2.43
N GLY D 18 -29.87 21.31 -3.57
CA GLY D 18 -30.96 20.92 -4.49
C GLY D 18 -30.77 19.51 -5.00
N ALA D 19 -29.54 19.19 -5.38
CA ALA D 19 -29.20 17.85 -5.89
C ALA D 19 -29.45 16.79 -4.86
N MET D 20 -28.90 17.01 -3.66
CA MET D 20 -29.14 16.08 -2.56
C MET D 20 -30.66 15.92 -2.29
N SER D 21 -31.37 17.04 -2.27
CA SER D 21 -32.82 16.99 -2.20
C SER D 21 -33.41 16.09 -3.26
N ALA D 22 -33.01 16.26 -4.52
CA ALA D 22 -33.59 15.41 -5.61
C ALA D 22 -33.34 13.92 -5.43
N THR D 23 -32.11 13.61 -5.05
CA THR D 23 -31.71 12.25 -4.83
C THR D 23 -32.62 11.64 -3.79
N LEU D 24 -32.76 12.33 -2.66
CA LEU D 24 -33.44 11.75 -1.48
C LEU D 24 -34.91 11.60 -1.73
N LEU D 25 -35.51 12.61 -2.35
CA LEU D 25 -36.90 12.49 -2.75
C LEU D 25 -37.11 11.40 -3.81
N ALA D 26 -36.19 11.29 -4.77
CA ALA D 26 -36.30 10.21 -5.72
C ALA D 26 -36.16 8.87 -5.02
N SER D 27 -35.27 8.76 -4.04
CA SER D 27 -35.10 7.49 -3.29
C SER D 27 -36.33 7.09 -2.50
N LEU D 28 -37.18 8.05 -2.12
CA LEU D 28 -38.40 7.76 -1.36
C LEU D 28 -39.65 7.76 -2.24
N GLY D 29 -39.47 7.61 -3.53
CA GLY D 29 -40.63 7.50 -4.40
C GLY D 29 -41.41 8.76 -4.68
N ILE D 30 -40.76 9.91 -4.62
CA ILE D 30 -41.43 11.18 -4.81
C ILE D 30 -40.96 11.77 -6.09
N ARG D 31 -41.88 12.29 -6.88
CA ARG D 31 -41.56 12.88 -8.18
C ARG D 31 -41.04 14.32 -8.03
N SER D 32 -39.79 14.54 -8.40
CA SER D 32 -39.20 15.86 -8.42
C SER D 32 -38.72 16.30 -9.81
N LEU D 33 -38.88 17.58 -10.12
CA LEU D 33 -38.23 18.24 -11.27
C LEU D 33 -37.20 19.23 -10.74
N MET D 34 -35.93 18.95 -10.99
CA MET D 34 -34.88 19.84 -10.57
C MET D 34 -34.45 20.68 -11.72
N ILE D 35 -34.27 21.98 -11.50
CA ILE D 35 -33.85 22.89 -12.57
C ILE D 35 -32.68 23.79 -12.18
N ASN D 36 -32.10 24.42 -13.19
CA ASN D 36 -30.86 25.20 -13.05
C ASN D 36 -30.68 26.15 -14.23
N ARG D 37 -30.44 27.42 -13.95
CA ARG D 37 -30.34 28.42 -15.00
C ARG D 37 -29.11 28.05 -15.85
N TRP D 38 -28.07 27.58 -15.22
CA TRP D 38 -26.81 27.46 -15.91
C TRP D 38 -26.69 26.27 -16.79
N ARG D 39 -25.70 26.31 -17.67
CA ARG D 39 -25.42 25.20 -18.59
C ARG D 39 -24.88 23.93 -17.87
N SER D 40 -24.21 24.11 -16.72
CA SER D 40 -23.59 22.99 -16.01
C SER D 40 -23.56 23.16 -14.47
N THR D 41 -22.92 22.19 -13.81
CA THR D 41 -22.64 22.28 -12.39
C THR D 41 -21.58 23.38 -12.18
N SER D 42 -21.38 23.81 -10.94
CA SER D 42 -20.43 24.85 -10.63
C SER D 42 -19.01 24.46 -11.11
N PRO D 43 -18.45 25.27 -12.03
CA PRO D 43 -17.02 25.12 -12.40
C PRO D 43 -16.07 25.76 -11.40
N GLY D 44 -16.57 26.77 -10.68
CA GLY D 44 -15.73 27.68 -9.95
C GLY D 44 -15.10 27.06 -8.73
N ARG D 46 -14.91 26.65 -5.05
CA ARG D 46 -15.90 26.81 -4.00
C ARG D 46 -15.49 25.90 -2.86
N SER D 47 -16.46 25.15 -2.32
CA SER D 47 -16.26 24.31 -1.15
C SER D 47 -15.41 23.11 -1.44
N HIS D 48 -14.76 22.59 -0.41
CA HIS D 48 -14.01 21.35 -0.59
C HIS D 48 -13.85 20.50 0.64
N ILE D 49 -13.99 21.06 1.84
CA ILE D 49 -13.95 20.26 3.05
C ILE D 49 -15.29 19.53 3.22
N ILE D 50 -15.21 18.20 3.28
CA ILE D 50 -16.35 17.33 3.53
C ILE D 50 -16.21 16.73 4.92
N ASN D 51 -17.12 17.10 5.79
CA ASN D 51 -17.06 16.63 7.15
C ASN D 51 -17.84 15.35 7.36
N GLN D 52 -17.78 14.85 8.58
CA GLN D 52 -18.32 13.55 8.88
C GLN D 52 -19.82 13.45 8.66
N ARG D 53 -20.56 14.51 8.98
CA ARG D 53 -22.02 14.46 8.81
C ARG D 53 -22.43 14.31 7.35
N THR D 54 -21.78 15.01 6.47
CA THR D 54 -22.04 14.81 5.04
C THR D 54 -21.59 13.41 4.57
N MET D 55 -20.46 12.91 5.04
CA MET D 55 -20.04 11.55 4.67
C MET D 55 -21.01 10.51 5.19
N GLU D 56 -21.50 10.65 6.41
CA GLU D 56 -22.54 9.74 6.89
C GLU D 56 -23.74 9.72 5.96
N ILE D 57 -24.15 10.87 5.45
CA ILE D 57 -25.28 10.92 4.58
C ILE D 57 -25.01 10.24 3.22
N LEU D 58 -23.86 10.48 2.63
CA LEU D 58 -23.46 9.69 1.47
C LEU D 58 -23.42 8.18 1.78
N ARG D 59 -23.00 7.83 2.98
CA ARG D 59 -22.99 6.43 3.41
C ARG D 59 -24.39 5.86 3.47
N ASP D 60 -25.35 6.66 3.87
CA ASP D 60 -26.73 6.22 3.89
C ASP D 60 -27.26 5.99 2.48
N ILE D 61 -26.82 6.79 1.55
CA ILE D 61 -27.29 6.79 0.15
C ILE D 61 -26.43 5.85 -0.67
N GLY D 62 -25.40 5.29 -0.03
CA GLY D 62 -24.43 4.47 -0.73
C GLY D 62 -23.61 5.20 -1.77
N LEU D 63 -23.33 6.48 -1.57
CA LEU D 63 -22.30 7.12 -2.35
C LEU D 63 -20.97 7.34 -1.65
N GLU D 64 -20.79 6.78 -0.47
CA GLU D 64 -19.59 7.11 0.29
C GLU D 64 -18.33 6.58 -0.41
N GLU D 65 -18.31 5.33 -0.83
CA GLU D 65 -17.12 4.77 -1.46
C GLU D 65 -16.72 5.53 -2.76
N SER D 66 -17.70 6.06 -3.48
CA SER D 66 -17.38 6.88 -4.65
C SER D 66 -16.70 8.17 -4.26
N ALA D 67 -17.29 8.90 -3.32
CA ALA D 67 -16.69 10.15 -2.91
C ALA D 67 -15.26 9.87 -2.43
N LYS D 68 -15.06 8.88 -1.57
CA LYS D 68 -13.73 8.57 -1.06
C LYS D 68 -12.74 8.29 -2.12
N SER D 69 -13.20 7.64 -3.19
CA SER D 69 -12.34 7.39 -4.36
C SER D 69 -11.81 8.65 -5.00
N LEU D 70 -12.68 9.65 -5.17
CA LEU D 70 -12.25 10.87 -5.80
C LEU D 70 -11.68 11.86 -4.82
N ALA D 71 -11.85 11.67 -3.52
CA ALA D 71 -11.45 12.70 -2.58
C ALA D 71 -10.06 12.45 -2.12
N VAL D 72 -9.38 13.51 -1.69
CA VAL D 72 -8.13 13.41 -0.96
C VAL D 72 -8.38 13.05 0.50
N PRO D 73 -7.65 12.06 1.01
CA PRO D 73 -7.87 11.58 2.39
C PRO D 73 -7.34 12.54 3.46
N LYS D 74 -7.95 12.47 4.62
CA LYS D 74 -7.45 13.14 5.82
C LYS D 74 -5.92 13.19 6.00
N GLU D 75 -5.24 12.07 5.73
CA GLU D 75 -3.76 11.92 5.94
C GLU D 75 -2.92 12.98 5.17
N TYR D 76 -3.48 13.47 4.05
CA TYR D 76 -2.88 14.54 3.21
C TYR D 76 -3.35 15.96 3.57
N MET D 77 -4.29 16.09 4.50
CA MET D 77 -4.86 17.38 4.86
C MET D 77 -4.24 17.99 6.14
N GLY D 78 -3.32 17.28 6.80
CA GLY D 78 -2.95 17.62 8.18
C GLY D 78 -2.14 18.88 8.50
N GLU D 79 -1.13 19.18 7.69
CA GLU D 79 -0.18 20.27 7.95
C GLU D 79 -0.61 21.62 7.38
N HIS D 80 -1.13 22.48 8.24
CA HIS D 80 -1.40 23.87 7.87
C HIS D 80 -0.17 24.72 8.14
N VAL D 81 0.47 25.27 7.09
CA VAL D 81 1.69 26.02 7.33
C VAL D 81 1.47 27.49 7.05
N TYR D 82 2.02 28.29 7.95
CA TYR D 82 2.05 29.71 7.85
C TYR D 82 3.46 30.12 7.51
N ALA D 83 3.63 30.88 6.44
CA ALA D 83 4.98 31.21 5.98
C ALA D 83 5.06 32.50 5.22
N THR D 84 6.27 32.87 4.86
CA THR D 84 6.53 34.06 4.05
C THR D 84 6.15 33.80 2.60
N SER D 85 6.47 32.59 2.15
CA SER D 85 6.13 32.07 0.82
C SER D 85 6.32 30.54 0.87
N LEU D 86 5.80 29.80 -0.10
CA LEU D 86 5.96 28.31 -0.06
C LEU D 86 7.44 27.94 -0.03
N ALA D 87 8.29 28.69 -0.73
CA ALA D 87 9.71 28.40 -0.77
C ALA D 87 10.49 29.11 0.34
N GLY D 88 9.89 30.14 0.94
CA GLY D 88 10.50 30.90 2.03
C GLY D 88 10.49 30.21 3.39
N GLU D 89 10.54 31.00 4.47
CA GLU D 89 10.61 30.46 5.86
C GLU D 89 9.22 30.37 6.51
N GLU D 90 9.00 29.27 7.24
CA GLU D 90 7.76 29.03 7.98
C GLU D 90 7.75 29.76 9.33
N PHE D 91 6.66 30.47 9.60
CA PHE D 91 6.39 30.98 10.94
C PHE D 91 6.03 29.84 11.86
N GLY D 92 5.44 28.78 11.32
CA GLY D 92 5.00 27.67 12.15
C GLY D 92 3.90 26.89 11.46
N ARG D 93 3.48 25.82 12.12
CA ARG D 93 2.42 24.98 11.61
C ARG D 93 1.42 24.71 12.73
N ILE D 94 0.15 24.60 12.37
CA ILE D 94 -0.85 24.02 13.26
C ILE D 94 -1.36 22.68 12.70
N PRO D 95 -1.84 21.79 13.58
CA PRO D 95 -2.38 20.51 13.14
C PRO D 95 -3.82 20.63 12.71
N ALA D 96 -4.01 20.96 11.43
CA ALA D 96 -5.35 21.16 10.86
C ALA D 96 -6.08 19.88 10.52
N TRP D 97 -7.39 20.04 10.35
CA TRP D 97 -8.31 18.95 10.08
C TRP D 97 -8.08 17.71 10.98
N ALA D 98 -8.22 17.94 12.29
CA ALA D 98 -8.03 16.92 13.33
C ALA D 98 -6.79 16.03 13.20
N SER D 99 -5.68 16.59 12.71
CA SER D 99 -4.42 15.82 12.54
C SER D 99 -3.69 15.58 13.85
N HIS D 100 -3.96 16.39 14.86
CA HIS D 100 -3.41 16.13 16.19
C HIS D 100 -4.00 14.80 16.71
N PRO D 101 -3.14 13.92 17.26
CA PRO D 101 -3.55 12.58 17.75
C PRO D 101 -4.83 12.57 18.58
N GLN D 102 -4.92 13.45 19.57
CA GLN D 102 -6.15 13.62 20.34
C GLN D 102 -7.36 14.10 19.51
N ALA D 103 -7.19 15.11 18.66
CA ALA D 103 -8.28 15.52 17.77
C ALA D 103 -8.73 14.37 16.89
N HIS D 104 -7.79 13.54 16.49
CA HIS D 104 -8.07 12.42 15.62
C HIS D 104 -8.85 11.33 16.33
N ALA D 105 -8.52 11.11 17.58
CA ALA D 105 -9.23 10.17 18.39
C ALA D 105 -10.69 10.62 18.56
N GLU D 106 -10.89 11.88 18.94
CA GLU D 106 -12.25 12.41 19.09
C GLU D 106 -13.00 12.34 17.75
N HIS D 107 -12.28 12.38 16.64
CA HIS D 107 -12.83 12.24 15.30
C HIS D 107 -13.31 10.81 15.02
N GLU D 108 -12.42 9.82 15.24
CA GLU D 108 -12.73 8.37 15.03
C GLU D 108 -13.94 7.89 15.84
N LEU D 109 -13.98 8.26 17.11
CA LEU D 109 -15.07 7.91 18.01
C LEU D 109 -16.40 8.52 17.62
N ALA D 110 -16.37 9.70 17.01
CA ALA D 110 -17.59 10.40 16.71
C ALA D 110 -18.42 9.84 15.59
N SER D 111 -17.78 9.10 14.70
CA SER D 111 -18.42 8.71 13.45
C SER D 111 -17.62 7.61 12.73
N PRO D 112 -18.30 6.84 11.90
CA PRO D 112 -17.57 5.90 11.08
C PRO D 112 -16.93 6.59 9.88
N SER D 113 -17.35 7.80 9.56
CA SER D 113 -16.81 8.56 8.45
C SER D 113 -15.65 9.47 8.84
N ARG D 114 -15.01 10.06 7.85
CA ARG D 114 -13.81 10.88 8.04
C ARG D 114 -13.79 12.11 7.16
N TYR D 115 -12.98 13.08 7.53
CA TYR D 115 -12.81 14.26 6.73
C TYR D 115 -12.23 13.85 5.41
N CYS D 116 -12.55 14.58 4.37
CA CYS D 116 -11.80 14.41 3.14
C CYS D 116 -12.00 15.64 2.27
N ASP D 117 -11.10 15.86 1.33
CA ASP D 117 -11.19 17.03 0.49
C ASP D 117 -11.65 16.61 -0.87
N LEU D 118 -12.73 17.21 -1.32
CA LEU D 118 -13.35 16.88 -2.59
C LEU D 118 -14.03 18.11 -3.13
N PRO D 119 -13.37 18.78 -4.07
CA PRO D 119 -13.88 19.97 -4.71
C PRO D 119 -15.32 19.81 -5.13
N GLN D 120 -16.12 20.76 -4.72
CA GLN D 120 -17.52 20.85 -5.13
C GLN D 120 -17.66 20.58 -6.61
N LEU D 121 -16.64 20.97 -7.36
CA LEU D 121 -16.55 20.68 -8.77
C LEU D 121 -16.80 19.20 -9.15
N TYR D 122 -16.39 18.24 -8.31
CA TYR D 122 -16.65 16.80 -8.56
C TYR D 122 -17.90 16.34 -7.80
N PHE D 123 -18.02 16.79 -6.56
CA PHE D 123 -19.17 16.47 -5.76
C PHE D 123 -20.47 16.72 -6.53
N GLU D 124 -20.69 17.92 -7.06
CA GLU D 124 -21.98 18.25 -7.67
C GLU D 124 -22.43 17.26 -8.71
N PRO D 125 -21.62 17.03 -9.75
CA PRO D 125 -22.10 16.12 -10.81
C PRO D 125 -22.29 14.67 -10.32
N MET D 126 -21.55 14.30 -9.28
CA MET D 126 -21.74 12.97 -8.73
C MET D 126 -23.21 12.85 -8.30
N VAL D 127 -23.68 13.81 -7.52
CA VAL D 127 -24.98 13.76 -6.91
C VAL D 127 -26.06 14.09 -7.92
N VAL D 128 -25.80 14.97 -8.87
CA VAL D 128 -26.81 15.23 -9.90
C VAL D 128 -27.09 13.97 -10.72
N SER D 129 -26.07 13.20 -11.02
CA SER D 129 -26.29 12.02 -11.85
C SER D 129 -26.96 10.89 -11.08
N GLU D 130 -26.73 10.83 -9.78
CA GLU D 130 -27.42 9.82 -8.96
C GLU D 130 -28.92 10.16 -8.83
N ALA D 131 -29.22 11.44 -8.65
CA ALA D 131 -30.59 11.88 -8.53
C ALA D 131 -31.38 11.47 -9.77
N ALA D 132 -30.88 11.81 -10.94
CA ALA D 132 -31.51 11.37 -12.16
C ALA D 132 -31.63 9.84 -12.23
N LEU D 133 -30.60 9.09 -11.80
CA LEU D 133 -30.63 7.62 -11.85
C LEU D 133 -31.68 7.03 -10.94
N ARG D 134 -31.84 7.64 -9.77
CA ARG D 134 -32.86 7.22 -8.83
C ARG D 134 -34.31 7.68 -9.19
N GLY D 135 -34.49 8.54 -10.18
CA GLY D 135 -35.84 8.89 -10.60
C GLY D 135 -36.20 10.35 -10.74
N ALA D 136 -35.33 11.26 -10.34
CA ALA D 136 -35.64 12.69 -10.50
C ALA D 136 -35.50 13.12 -11.97
N ASP D 137 -36.32 14.09 -12.39
CA ASP D 137 -36.17 14.73 -13.70
C ASP D 137 -35.29 15.98 -13.53
N VAL D 138 -34.32 16.15 -14.40
CA VAL D 138 -33.27 17.13 -14.20
C VAL D 138 -33.11 17.94 -15.46
N ARG D 139 -33.39 19.24 -15.39
CA ARG D 139 -33.26 20.09 -16.55
C ARG D 139 -32.42 21.31 -16.29
N PHE D 140 -31.29 21.39 -16.96
CA PHE D 140 -30.41 22.58 -16.90
C PHE D 140 -30.82 23.63 -17.96
N LEU D 141 -30.20 24.81 -17.95
CA LEU D 141 -30.59 25.92 -18.83
C LEU D 141 -32.09 26.24 -18.76
N THR D 142 -32.65 26.14 -17.56
CA THR D 142 -34.03 26.48 -17.34
C THR D 142 -34.10 27.43 -16.15
N GLU D 143 -34.74 28.59 -16.36
CA GLU D 143 -34.75 29.67 -15.39
C GLU D 143 -36.12 29.82 -14.72
N TYR D 144 -36.07 29.87 -13.40
CA TYR D 144 -37.25 30.21 -12.61
C TYR D 144 -37.52 31.69 -12.70
N LEU D 145 -38.68 32.03 -13.23
CA LEU D 145 -39.09 33.43 -13.35
C LEU D 145 -40.03 33.87 -12.22
N GLY D 146 -40.76 32.94 -11.61
CA GLY D 146 -41.69 33.29 -10.54
C GLY D 146 -42.76 32.24 -10.38
N HIS D 147 -43.57 32.42 -9.33
CA HIS D 147 -44.64 31.48 -9.00
C HIS D 147 -45.82 32.11 -8.24
N VAL D 148 -46.95 31.41 -8.19
CA VAL D 148 -48.10 31.77 -7.36
C VAL D 148 -48.53 30.54 -6.58
N GLU D 149 -48.91 30.71 -5.32
CA GLU D 149 -49.38 29.59 -4.49
C GLU D 149 -50.89 29.66 -4.31
N ASP D 150 -51.46 28.54 -3.96
CA ASP D 150 -52.82 28.47 -3.50
C ASP D 150 -52.97 27.33 -2.45
N GLN D 151 -54.19 26.96 -2.14
CA GLN D 151 -54.43 26.00 -1.09
C GLN D 151 -53.99 24.59 -1.48
N ASP D 152 -54.02 24.25 -2.77
CA ASP D 152 -53.66 22.86 -3.14
C ASP D 152 -52.23 22.75 -3.69
N GLY D 153 -51.49 23.86 -3.84
CA GLY D 153 -50.12 23.81 -4.37
C GLY D 153 -49.58 25.08 -5.01
N VAL D 154 -48.56 24.94 -5.84
CA VAL D 154 -47.97 26.11 -6.47
C VAL D 154 -47.78 25.93 -7.95
N THR D 155 -47.80 27.04 -8.66
CA THR D 155 -47.54 27.05 -10.10
C THR D 155 -46.43 28.05 -10.38
N ALA D 156 -45.35 27.55 -11.02
CA ALA D 156 -44.19 28.39 -11.36
C ALA D 156 -44.07 28.59 -12.87
N ARG D 157 -43.45 29.71 -13.27
CA ARG D 157 -43.23 30.02 -14.67
C ARG D 157 -41.74 29.83 -14.93
N LEU D 158 -41.42 29.00 -15.93
CA LEU D 158 -40.04 28.75 -16.29
C LEU D 158 -39.72 29.26 -17.70
N LEU D 159 -38.46 29.66 -17.89
CA LEU D 159 -37.97 30.07 -19.20
C LEU D 159 -36.87 29.13 -19.62
N ASP D 160 -37.06 28.50 -20.77
CA ASP D 160 -36.10 27.50 -21.29
C ASP D 160 -35.08 28.15 -22.26
N HIS D 161 -33.82 28.15 -21.87
CA HIS D 161 -32.81 28.87 -22.65
C HIS D 161 -32.33 28.14 -23.88
N VAL D 162 -32.82 26.94 -24.12
CA VAL D 162 -32.41 26.22 -25.30
C VAL D 162 -33.49 26.48 -26.33
N SER D 163 -34.70 26.04 -26.03
CA SER D 163 -35.83 26.19 -26.94
C SER D 163 -36.29 27.62 -27.05
N GLY D 164 -36.09 28.42 -25.99
CA GLY D 164 -36.60 29.79 -25.95
C GLY D 164 -37.97 29.89 -25.30
N ALA D 165 -38.67 28.77 -25.17
CA ALA D 165 -40.03 28.76 -24.70
C ALA D 165 -40.20 29.07 -23.22
N GLU D 166 -41.33 29.65 -22.85
CA GLU D 166 -41.78 29.71 -21.45
C GLU D 166 -42.94 28.70 -21.23
N TYR D 167 -42.95 28.02 -20.11
CA TYR D 167 -44.02 27.11 -19.76
C TYR D 167 -44.27 27.12 -18.23
N GLU D 168 -45.35 26.48 -17.82
CA GLU D 168 -45.78 26.52 -16.43
C GLU D 168 -45.58 25.14 -15.81
N VAL D 169 -45.27 25.11 -14.51
CA VAL D 169 -45.10 23.85 -13.76
C VAL D 169 -45.91 23.87 -12.49
N ARG D 170 -46.77 22.88 -12.36
CA ARG D 170 -47.64 22.72 -11.18
C ARG D 170 -46.96 21.75 -10.21
N ALA D 171 -46.94 22.11 -8.94
CA ALA D 171 -46.28 21.28 -7.95
C ALA D 171 -46.92 21.46 -6.59
N LYS D 172 -46.80 20.45 -5.77
CA LYS D 172 -47.28 20.57 -4.39
C LYS D 172 -46.32 21.45 -3.56
N TYR D 173 -45.01 21.34 -3.73
CA TYR D 173 -44.04 22.19 -2.98
C TYR D 173 -42.90 22.70 -3.84
N ILE D 174 -42.19 23.71 -3.33
CA ILE D 174 -41.02 24.29 -4.02
C ILE D 174 -39.85 24.45 -3.09
N ILE D 175 -38.71 23.93 -3.50
CA ILE D 175 -37.52 24.05 -2.73
C ILE D 175 -36.63 25.05 -3.42
N GLY D 176 -36.41 26.17 -2.75
CA GLY D 176 -35.51 27.20 -3.22
C GLY D 176 -34.09 26.85 -2.81
N ALA D 177 -33.35 26.32 -3.77
CA ALA D 177 -31.95 26.01 -3.58
C ALA D 177 -31.12 26.72 -4.62
N ASP D 178 -31.59 27.85 -5.13
CA ASP D 178 -30.71 28.73 -5.91
C ASP D 178 -29.68 29.25 -4.90
N GLY D 179 -28.73 30.07 -5.31
CA GLY D 179 -27.61 30.31 -4.41
C GLY D 179 -27.84 31.43 -3.43
N ALA D 180 -26.79 32.22 -3.26
CA ALA D 180 -26.81 33.38 -2.40
C ALA D 180 -27.58 34.59 -2.96
N HIS D 181 -28.07 34.55 -4.20
CA HIS D 181 -28.95 35.62 -4.67
C HIS D 181 -30.32 35.08 -5.00
N SER D 182 -30.76 34.11 -4.19
CA SER D 182 -31.96 33.35 -4.49
C SER D 182 -33.16 34.24 -4.85
N LEU D 183 -33.69 34.12 -6.06
CA LEU D 183 -34.94 34.76 -6.40
C LEU D 183 -36.14 34.07 -5.74
N VAL D 184 -36.03 32.77 -5.53
CA VAL D 184 -37.06 32.03 -4.80
C VAL D 184 -37.24 32.57 -3.38
N ALA D 185 -36.14 32.92 -2.70
CA ALA D 185 -36.21 33.52 -1.34
C ALA D 185 -36.83 34.89 -1.41
N GLN D 186 -36.53 35.62 -2.48
CA GLN D 186 -37.03 36.98 -2.63
C GLN D 186 -38.53 36.89 -2.80
N ASN D 187 -39.03 36.02 -3.66
CA ASN D 187 -40.47 35.93 -3.85
C ASN D 187 -41.20 35.43 -2.61
N ALA D 188 -40.65 34.43 -1.93
CA ALA D 188 -41.28 33.89 -0.71
C ALA D 188 -41.31 34.91 0.43
N GLY D 189 -40.51 35.96 0.29
CA GLY D 189 -40.53 37.05 1.24
C GLY D 189 -39.84 36.71 2.54
N LEU D 190 -38.77 35.93 2.49
CA LEU D 190 -38.11 35.56 3.74
C LEU D 190 -37.32 36.73 4.29
N PRO D 191 -37.35 36.90 5.60
CA PRO D 191 -36.51 37.86 6.30
C PRO D 191 -35.09 37.39 6.53
N PHE D 192 -34.14 38.27 6.28
CA PHE D 192 -32.72 38.07 6.56
C PHE D 192 -32.18 39.05 7.61
N GLU D 193 -31.14 38.65 8.32
CA GLU D 193 -30.37 39.55 9.19
C GLU D 193 -28.95 39.44 8.67
N GLY D 194 -28.21 40.54 8.74
CA GLY D 194 -26.82 40.63 8.26
C GLY D 194 -26.63 41.26 6.87
N GLN D 195 -25.36 41.56 6.55
CA GLN D 195 -24.97 42.30 5.37
C GLN D 195 -24.24 41.36 4.41
N MET D 196 -23.99 41.82 3.19
CA MET D 196 -23.35 40.95 2.19
C MET D 196 -22.00 41.33 1.60
N GLY D 197 -21.62 42.59 1.60
CA GLY D 197 -20.20 42.92 1.50
C GLY D 197 -19.87 43.59 2.82
N ILE D 198 -19.00 42.99 3.64
CA ILE D 198 -18.70 43.55 4.95
C ILE D 198 -17.82 44.79 4.88
N GLY D 199 -16.58 44.63 4.45
CA GLY D 199 -15.68 45.78 4.32
C GLY D 199 -15.44 46.08 2.86
N SER D 203 -11.73 39.16 -1.95
CA SER D 203 -10.65 38.24 -2.32
C SER D 203 -10.69 37.87 -3.81
N ILE D 204 -9.52 37.56 -4.37
CA ILE D 204 -9.39 37.23 -5.79
C ILE D 204 -8.89 35.79 -5.91
N ASN D 205 -9.57 34.94 -6.68
CA ASN D 205 -9.24 33.53 -6.70
C ASN D 205 -8.61 33.11 -7.99
N ILE D 206 -7.28 33.02 -8.01
CA ILE D 206 -6.54 32.60 -9.20
C ILE D 206 -6.31 31.10 -9.22
N GLU D 207 -6.95 30.41 -10.14
CA GLU D 207 -6.72 29.00 -10.30
C GLU D 207 -5.47 28.77 -11.18
N PHE D 208 -4.68 27.75 -10.86
CA PHE D 208 -3.49 27.49 -11.63
C PHE D 208 -2.92 26.10 -11.41
N SER D 209 -1.89 25.77 -12.19
CA SER D 209 -1.38 24.43 -12.31
C SER D 209 0.13 24.52 -12.23
N ALA D 210 0.77 23.54 -11.60
CA ALA D 210 2.21 23.63 -11.29
C ALA D 210 2.65 22.50 -10.34
N ASP D 211 3.74 21.82 -10.66
CA ASP D 211 4.17 20.71 -9.82
C ASP D 211 4.96 21.22 -8.61
N LEU D 212 4.29 21.29 -7.46
CA LEU D 212 4.89 21.75 -6.24
C LEU D 212 5.17 20.59 -5.28
N SER D 213 5.31 19.35 -5.77
CA SER D 213 5.57 18.23 -4.86
C SER D 213 6.86 18.40 -4.04
N SER D 214 7.92 18.93 -4.64
CA SER D 214 9.17 19.22 -3.90
C SER D 214 9.01 20.17 -2.69
N LEU D 215 7.99 21.03 -2.73
CA LEU D 215 7.71 21.95 -1.63
C LEU D 215 6.63 21.43 -0.64
N CYS D 216 5.83 20.44 -1.06
CA CYS D 216 4.66 19.99 -0.28
C CYS D 216 4.66 18.55 0.21
N GLU D 217 5.30 17.63 -0.52
CA GLU D 217 5.18 16.20 -0.18
C GLU D 217 5.77 15.88 1.19
N HIS D 218 6.81 16.58 1.63
CA HIS D 218 7.39 16.37 2.99
C HIS D 218 6.59 17.02 4.14
N ARG D 219 5.50 17.72 3.80
CA ARG D 219 4.67 18.39 4.78
C ARG D 219 3.28 18.58 4.18
N LYS D 220 2.55 17.46 4.08
CA LYS D 220 1.28 17.44 3.34
C LYS D 220 0.19 18.24 4.07
N GLY D 221 -0.40 19.19 3.35
CA GLY D 221 -1.53 19.92 3.88
C GLY D 221 -2.49 20.28 2.78
N ASP D 222 -3.69 20.67 3.21
CA ASP D 222 -4.75 21.13 2.34
C ASP D 222 -4.49 22.56 1.88
N MET D 223 -3.92 23.36 2.78
CA MET D 223 -3.62 24.78 2.58
C MET D 223 -2.26 25.22 3.13
N TYR D 224 -1.78 26.32 2.55
CA TYR D 224 -0.51 26.94 2.87
C TYR D 224 -0.73 28.46 2.87
N TRP D 225 -0.69 29.09 4.04
CA TRP D 225 -1.04 30.50 4.15
C TRP D 225 0.21 31.35 4.31
N MET D 226 0.22 32.46 3.59
CA MET D 226 1.36 33.36 3.53
C MET D 226 1.01 34.70 4.11
N PHE D 227 1.89 35.23 4.97
CA PHE D 227 1.81 36.61 5.42
C PHE D 227 2.83 37.47 4.69
N ALA D 239 -2.76 36.17 2.33
CA ALA D 239 -2.95 35.30 1.11
C ALA D 239 -2.80 33.78 1.27
N ALA D 240 -3.62 33.01 0.55
CA ALA D 240 -3.70 31.56 0.80
C ALA D 240 -3.46 30.76 -0.42
N LEU D 241 -2.88 29.60 -0.20
CA LEU D 241 -2.55 28.71 -1.28
C LEU D 241 -3.11 27.34 -0.92
N ARG D 242 -4.17 26.95 -1.64
CA ARG D 242 -4.94 25.75 -1.33
C ARG D 242 -4.78 24.71 -2.41
N MET D 243 -4.57 23.47 -1.97
CA MET D 243 -4.37 22.34 -2.87
C MET D 243 -5.70 21.83 -3.40
N ILE D 244 -5.78 21.66 -4.73
CA ILE D 244 -6.96 21.08 -5.40
C ILE D 244 -6.76 19.61 -5.77
N ARG D 245 -5.57 19.25 -6.22
CA ARG D 245 -5.20 17.88 -6.53
C ARG D 245 -3.76 17.72 -6.13
N PRO D 246 -3.42 16.69 -5.35
CA PRO D 246 -2.19 16.63 -4.53
C PRO D 246 -0.93 16.95 -5.31
N TRP D 247 -0.50 18.20 -5.08
CA TRP D 247 0.82 18.83 -5.40
C TRP D 247 0.96 19.36 -6.84
N ASN D 248 -0.15 19.77 -7.41
CA ASN D 248 -0.34 19.72 -8.83
C ASN D 248 -1.34 20.71 -9.45
N LYS D 249 -2.59 20.66 -8.98
CA LYS D 249 -3.63 21.61 -9.36
C LYS D 249 -3.93 22.45 -8.10
N TRP D 250 -4.16 23.76 -8.26
CA TRP D 250 -4.15 24.75 -7.14
C TRP D 250 -5.04 25.96 -7.36
N ILE D 251 -5.45 26.61 -6.28
CA ILE D 251 -5.88 28.01 -6.34
C ILE D 251 -5.05 28.83 -5.38
N CYS D 252 -4.84 30.08 -5.74
CA CYS D 252 -4.26 31.09 -4.88
C CYS D 252 -5.38 32.07 -4.51
N VAL D 253 -5.39 32.62 -3.30
CA VAL D 253 -6.56 33.40 -2.88
C VAL D 253 -6.36 34.93 -2.71
N TRP D 254 -5.27 35.40 -2.13
CA TRP D 254 -5.02 36.88 -2.09
C TRP D 254 -6.14 37.73 -1.43
N GLU D 268 -3.93 39.85 -16.05
CA GLU D 268 -3.95 38.67 -16.92
C GLU D 268 -2.70 37.72 -16.87
N GLU D 269 -1.50 38.27 -17.11
CA GLU D 269 -0.22 37.61 -16.71
C GLU D 269 0.34 38.41 -15.51
N ALA D 270 -0.38 39.46 -15.07
CA ALA D 270 -0.22 40.04 -13.72
C ALA D 270 -0.45 38.99 -12.63
N LYS D 271 -1.12 37.89 -12.98
CA LYS D 271 -1.10 36.71 -12.15
C LYS D 271 0.28 36.01 -12.18
N LYS D 272 1.31 36.76 -11.80
CA LYS D 272 2.49 36.20 -11.16
C LYS D 272 2.60 36.94 -9.82
N ILE D 273 1.47 37.52 -9.35
CA ILE D 273 1.19 37.61 -7.91
C ILE D 273 1.58 36.21 -7.36
N ILE D 274 1.08 35.16 -8.02
CA ILE D 274 1.46 33.74 -7.78
C ILE D 274 2.92 33.44 -7.53
N HIS D 275 3.78 33.87 -8.44
CA HIS D 275 5.19 33.61 -8.28
C HIS D 275 5.64 34.18 -6.92
N GLU D 276 5.12 35.36 -6.56
CA GLU D 276 5.38 35.97 -5.24
C GLU D 276 4.97 35.03 -4.09
N ILE D 277 3.81 34.39 -4.23
CA ILE D 277 3.25 33.52 -3.19
C ILE D 277 4.02 32.19 -3.06
N ILE D 278 4.36 31.59 -4.19
CA ILE D 278 5.23 30.41 -4.17
C ILE D 278 6.61 30.84 -3.71
N GLY D 279 6.95 32.09 -4.03
CA GLY D 279 8.28 32.63 -3.78
C GLY D 279 9.37 32.20 -4.76
N THR D 280 9.04 31.87 -6.01
CA THR D 280 10.08 31.53 -7.00
C THR D 280 9.61 31.52 -8.46
N ASP D 281 10.51 31.98 -9.35
CA ASP D 281 10.34 31.88 -10.82
C ASP D 281 10.52 30.47 -11.33
N GLU D 282 11.37 29.70 -10.66
CA GLU D 282 11.86 28.41 -11.21
C GLU D 282 10.77 27.44 -11.64
N ILE D 283 9.65 27.39 -10.91
CA ILE D 283 8.60 26.39 -11.17
C ILE D 283 7.63 26.90 -12.21
N PRO D 284 7.51 26.18 -13.35
CA PRO D 284 6.59 26.60 -14.40
C PRO D 284 5.13 26.54 -13.93
N VAL D 285 4.30 27.43 -14.46
CA VAL D 285 2.94 27.67 -14.02
C VAL D 285 1.96 27.97 -15.15
N GLU D 286 0.93 27.15 -15.34
CA GLU D 286 -0.15 27.54 -16.24
C GLU D 286 -1.29 28.18 -15.42
N VAL D 287 -1.71 29.38 -15.79
CA VAL D 287 -2.83 30.06 -15.14
C VAL D 287 -4.19 29.66 -15.68
N GLY D 288 -5.08 29.21 -14.79
CA GLY D 288 -6.49 28.98 -15.12
C GLY D 288 -7.39 30.20 -14.89
N PRO D 289 -8.70 29.98 -14.71
CA PRO D 289 -9.63 31.10 -14.47
C PRO D 289 -9.40 31.84 -13.16
N ILE D 290 -9.80 33.09 -13.12
CA ILE D 290 -9.74 33.87 -11.91
C ILE D 290 -11.17 34.34 -11.59
N SER D 291 -11.46 34.56 -10.31
CA SER D 291 -12.80 35.01 -9.87
C SER D 291 -12.68 35.82 -8.60
N THR D 292 -13.80 36.33 -8.11
CA THR D 292 -13.80 37.18 -6.91
C THR D 292 -14.78 36.72 -5.83
N TRP D 293 -14.34 36.79 -4.58
CA TRP D 293 -15.18 36.50 -3.42
C TRP D 293 -15.32 37.81 -2.62
N THR D 294 -16.46 37.97 -1.94
CA THR D 294 -16.73 39.08 -1.01
C THR D 294 -16.84 38.49 0.41
N ILE D 295 -16.91 39.32 1.44
CA ILE D 295 -17.14 38.81 2.81
C ILE D 295 -18.61 38.96 3.21
N ASN D 296 -19.32 37.86 3.48
CA ASN D 296 -20.75 37.92 3.85
C ASN D 296 -21.01 37.43 5.26
N GLN D 297 -22.06 37.98 5.87
CA GLN D 297 -22.57 37.46 7.16
C GLN D 297 -24.05 37.73 7.14
N GLN D 298 -24.80 36.91 6.41
CA GLN D 298 -26.24 37.10 6.27
C GLN D 298 -26.98 35.78 6.25
N TYR D 299 -28.04 35.66 7.04
CA TYR D 299 -28.79 34.43 7.09
C TYR D 299 -30.24 34.73 7.18
N ALA D 300 -31.07 33.79 6.76
CA ALA D 300 -32.51 33.94 6.85
C ALA D 300 -32.96 33.53 8.26
N VAL D 301 -33.80 34.35 8.83
CA VAL D 301 -34.32 34.15 10.17
C VAL D 301 -35.37 33.07 10.14
N ARG D 302 -35.89 32.80 8.96
CA ARG D 302 -37.00 31.91 8.80
C ARG D 302 -36.85 31.42 7.38
N ASN D 303 -36.88 30.10 7.21
CA ASN D 303 -36.56 29.47 5.92
C ASN D 303 -37.76 28.93 5.16
N THR D 304 -38.95 29.13 5.68
CA THR D 304 -40.14 28.53 5.12
C THR D 304 -41.21 29.61 5.00
N SER D 305 -42.03 29.55 3.97
CA SER D 305 -43.11 30.50 3.78
C SER D 305 -44.12 29.81 2.88
N GLY D 306 -45.25 29.47 3.49
CA GLY D 306 -46.21 28.52 2.99
C GLY D 306 -45.86 27.82 1.71
N ARG D 307 -45.39 26.59 1.80
CA ARG D 307 -45.18 25.80 0.56
C ARG D 307 -43.88 26.06 -0.20
N VAL D 308 -43.17 27.12 0.16
CA VAL D 308 -41.81 27.31 -0.33
C VAL D 308 -40.79 27.06 0.79
N PHE D 309 -39.86 26.15 0.56
CA PHE D 309 -38.77 25.87 1.48
C PHE D 309 -37.44 26.24 0.86
N CYS D 310 -36.67 27.07 1.53
CA CYS D 310 -35.36 27.46 1.04
C CYS D 310 -34.24 26.79 1.81
N MET D 311 -33.13 26.58 1.12
CA MET D 311 -32.22 25.54 1.54
C MET D 311 -30.79 25.91 1.83
N GLY D 312 -29.96 26.18 0.84
CA GLY D 312 -28.49 26.18 1.18
C GLY D 312 -27.85 27.55 1.39
N ASP D 313 -26.98 27.95 0.48
CA ASP D 313 -26.57 29.35 0.38
C ASP D 313 -27.78 30.30 0.29
N ALA D 314 -28.93 29.83 -0.15
CA ALA D 314 -30.11 30.70 -0.23
C ALA D 314 -30.54 31.22 1.12
N VAL D 315 -30.21 30.51 2.20
CA VAL D 315 -30.58 30.96 3.53
C VAL D 315 -29.41 31.13 4.46
N HIS D 316 -28.22 30.74 4.05
CA HIS D 316 -27.03 31.08 4.85
C HIS D 316 -25.89 31.42 3.89
N ARG D 317 -25.47 32.68 3.92
CA ARG D 317 -24.37 33.14 3.11
C ARG D 317 -23.28 33.70 4.02
N HIS D 318 -22.08 33.17 3.84
CA HIS D 318 -21.05 33.34 4.84
C HIS D 318 -19.69 33.15 4.13
N THR D 319 -18.62 33.35 4.88
CA THR D 319 -17.25 33.22 4.37
C THR D 319 -16.87 31.76 4.40
N PRO D 320 -15.76 31.42 3.75
CA PRO D 320 -15.34 30.01 3.70
C PRO D 320 -14.67 29.45 4.96
N MET D 321 -14.53 30.23 6.02
CA MET D 321 -13.86 29.72 7.22
C MET D 321 -14.56 28.55 7.94
N GLY D 322 -14.09 27.33 7.69
CA GLY D 322 -14.47 26.16 8.49
C GLY D 322 -15.09 24.97 7.78
N GLY D 323 -15.33 25.08 6.47
CA GLY D 323 -15.96 24.01 5.71
C GLY D 323 -17.49 23.92 5.79
N LEU D 324 -18.10 24.90 6.45
CA LEU D 324 -19.45 24.74 6.96
C LEU D 324 -20.53 24.91 5.95
N GLY D 325 -20.23 25.59 4.84
CA GLY D 325 -21.25 25.90 3.83
C GLY D 325 -21.90 24.70 3.14
N LEU D 326 -21.06 23.90 2.48
CA LEU D 326 -21.56 22.76 1.75
C LEU D 326 -22.14 21.74 2.69
N ASN D 327 -21.41 21.48 3.78
CA ASN D 327 -21.87 20.50 4.75
C ASN D 327 -23.22 20.83 5.40
N THR D 328 -23.42 22.09 5.73
CA THR D 328 -24.71 22.53 6.20
C THR D 328 -25.86 22.50 5.14
N SER D 329 -25.53 22.78 3.90
CA SER D 329 -26.47 22.69 2.83
C SER D 329 -27.00 21.27 2.57
N VAL D 330 -26.12 20.29 2.64
CA VAL D 330 -26.52 18.90 2.43
C VAL D 330 -27.38 18.42 3.62
N GLN D 331 -27.01 18.84 4.81
CA GLN D 331 -27.77 18.45 5.96
C GLN D 331 -29.13 19.16 6.03
N ASP D 332 -29.27 20.34 5.40
CA ASP D 332 -30.57 20.99 5.26
C ASP D 332 -31.48 20.06 4.43
N ALA D 333 -30.94 19.52 3.34
CA ALA D 333 -31.72 18.65 2.46
C ALA D 333 -32.12 17.34 3.13
N TYR D 334 -31.22 16.78 3.92
CA TYR D 334 -31.47 15.51 4.60
C TYR D 334 -32.56 15.62 5.66
N ASN D 335 -32.64 16.77 6.30
CA ASN D 335 -33.69 17.05 7.24
C ASN D 335 -35.08 17.12 6.60
N LEU D 336 -35.16 17.61 5.38
CA LEU D 336 -36.45 17.97 4.83
C LEU D 336 -37.07 16.88 3.99
N ALA D 337 -36.25 16.12 3.30
CA ALA D 337 -36.76 15.22 2.27
C ALA D 337 -37.77 14.26 2.89
N TRP D 338 -37.38 13.63 3.99
CA TRP D 338 -38.18 12.57 4.53
C TRP D 338 -39.49 13.10 5.03
N LYS D 339 -39.46 14.34 5.47
CA LYS D 339 -40.66 14.95 6.01
C LYS D 339 -41.62 15.24 4.89
N LEU D 340 -41.07 15.74 3.79
CA LEU D 340 -41.86 16.05 2.61
C LEU D 340 -42.49 14.75 2.06
N ALA D 341 -41.70 13.71 2.03
CA ALA D 341 -42.14 12.42 1.56
C ALA D 341 -43.34 11.97 2.38
N LEU D 342 -43.19 11.94 3.70
CA LEU D 342 -44.25 11.53 4.57
C LEU D 342 -45.53 12.36 4.33
N VAL D 343 -45.38 13.68 4.17
CA VAL D 343 -46.54 14.52 4.06
C VAL D 343 -47.22 14.28 2.75
N LEU D 344 -46.46 14.26 1.68
CA LEU D 344 -46.99 13.95 0.35
C LEU D 344 -47.66 12.57 0.22
N LYS D 345 -47.36 11.64 1.12
CA LYS D 345 -47.98 10.32 1.11
C LYS D 345 -49.11 10.17 2.11
N GLY D 346 -49.53 11.28 2.69
CA GLY D 346 -50.58 11.27 3.71
C GLY D 346 -50.27 10.49 4.98
N GLN D 347 -48.99 10.10 5.17
CA GLN D 347 -48.57 9.48 6.42
C GLN D 347 -48.25 10.49 7.52
N ALA D 348 -48.26 11.78 7.19
CA ALA D 348 -48.03 12.78 8.18
C ALA D 348 -48.76 14.06 7.83
N ALA D 349 -49.12 14.83 8.84
CA ALA D 349 -49.78 16.09 8.62
C ALA D 349 -48.80 17.17 8.20
N PRO D 350 -49.25 18.14 7.38
CA PRO D 350 -48.37 19.21 6.94
C PRO D 350 -47.68 19.92 8.09
N THR D 351 -48.24 19.88 9.30
CA THR D 351 -47.56 20.38 10.53
C THR D 351 -46.09 19.96 10.69
N LEU D 352 -45.81 18.71 10.33
CA LEU D 352 -44.46 18.20 10.35
C LEU D 352 -43.42 19.04 9.61
N LEU D 353 -43.83 19.76 8.57
CA LEU D 353 -42.90 20.56 7.79
C LEU D 353 -42.45 21.80 8.52
N ASP D 354 -43.21 22.21 9.52
CA ASP D 354 -42.74 23.32 10.37
C ASP D 354 -41.39 23.02 11.05
N SER D 355 -41.06 21.74 11.30
CA SER D 355 -39.87 21.43 12.10
C SER D 355 -38.61 21.68 11.31
N TYR D 356 -38.75 21.75 9.98
CA TYR D 356 -37.64 22.16 9.16
C TYR D 356 -37.15 23.51 9.62
N ASP D 357 -38.04 24.48 9.77
CA ASP D 357 -37.62 25.79 10.25
C ASP D 357 -37.11 25.78 11.69
N ALA D 358 -37.80 25.05 12.55
CA ALA D 358 -37.40 24.99 13.92
C ALA D 358 -36.02 24.39 14.05
N GLU D 359 -35.71 23.35 13.30
CA GLU D 359 -34.50 22.60 13.51
C GLU D 359 -33.37 23.20 12.74
N ARG D 360 -33.69 23.78 11.60
CA ARG D 360 -32.65 24.17 10.64
C ARG D 360 -32.24 25.67 10.63
N SER D 361 -33.18 26.57 10.85
CA SER D 361 -32.85 28.00 10.96
C SER D 361 -31.82 28.38 12.04
N PRO D 362 -31.88 27.76 13.22
CA PRO D 362 -30.82 28.03 14.16
C PRO D 362 -29.46 27.67 13.57
N VAL D 363 -29.32 26.49 13.00
CA VAL D 363 -28.05 26.06 12.48
C VAL D 363 -27.52 27.09 11.48
N ALA D 364 -28.40 27.74 10.71
CA ALA D 364 -27.99 28.73 9.67
C ALA D 364 -27.40 29.96 10.27
N LYS D 365 -28.03 30.44 11.33
CA LYS D 365 -27.52 31.56 12.06
C LYS D 365 -26.19 31.20 12.68
N GLN D 366 -26.11 30.03 13.30
CA GLN D 366 -24.91 29.59 13.97
C GLN D 366 -23.74 29.54 13.02
N ILE D 367 -23.99 29.01 11.85
CA ILE D 367 -22.95 28.80 10.84
C ILE D 367 -22.40 30.12 10.33
N VAL D 368 -23.29 31.06 10.03
CA VAL D 368 -22.90 32.36 9.52
C VAL D 368 -22.10 33.15 10.56
N GLU D 369 -22.60 33.24 11.77
CA GLU D 369 -21.85 33.86 12.84
C GLU D 369 -20.51 33.18 13.11
N ARG D 370 -20.44 31.86 13.07
CA ARG D 370 -19.17 31.20 13.31
C ARG D 370 -18.19 31.56 12.22
N ALA D 371 -18.58 31.49 10.96
CA ALA D 371 -17.59 31.67 9.87
C ALA D 371 -16.98 33.06 9.92
N PHE D 372 -17.79 34.04 10.29
CA PHE D 372 -17.33 35.42 10.28
C PHE D 372 -16.42 35.69 11.47
N LYS D 373 -16.83 35.21 12.62
CA LYS D 373 -16.05 35.28 13.83
C LYS D 373 -14.68 34.61 13.69
N SER D 374 -14.56 33.61 12.80
CA SER D 374 -13.28 32.96 12.56
C SER D 374 -12.26 33.88 11.86
N LEU D 375 -12.73 34.93 11.19
CA LEU D 375 -11.84 35.92 10.60
C LEU D 375 -11.15 36.80 11.62
N SER D 376 -11.72 36.94 12.81
CA SER D 376 -11.03 37.68 13.87
C SER D 376 -9.78 37.00 14.37
N THR D 377 -9.60 35.72 14.06
CA THR D 377 -8.48 35.03 14.63
C THR D 377 -7.18 35.42 13.93
N PHE D 378 -7.27 36.08 12.77
CA PHE D 378 -6.08 36.43 11.98
C PHE D 378 -5.38 37.71 12.34
N PRO D 379 -6.09 38.85 12.46
CA PRO D 379 -5.40 40.05 12.89
C PRO D 379 -4.49 39.88 14.10
N PRO D 380 -4.94 39.14 15.13
CA PRO D 380 -4.03 38.95 16.27
C PRO D 380 -2.69 38.31 15.92
N VAL D 381 -2.57 37.69 14.75
CA VAL D 381 -1.29 37.23 14.28
C VAL D 381 -0.39 38.47 14.04
N PHE D 382 -0.87 39.43 13.24
CA PHE D 382 -0.11 40.66 13.01
C PHE D 382 0.20 41.38 14.31
N GLU D 383 -0.75 41.51 15.21
CA GLU D 383 -0.44 42.12 16.50
C GLU D 383 0.77 41.41 17.14
N ALA D 384 0.80 40.07 17.15
CA ALA D 384 1.90 39.35 17.79
C ALA D 384 3.25 39.68 17.16
N LEU D 385 3.26 40.01 15.87
CA LEU D 385 4.49 40.41 15.17
C LEU D 385 4.75 41.91 15.15
N SER D 386 4.01 42.66 15.97
CA SER D 386 3.96 44.11 15.83
C SER D 386 3.95 44.51 14.36
N LEU D 387 2.85 44.25 13.68
CA LEU D 387 2.67 44.74 12.33
C LEU D 387 1.33 45.44 12.17
N PRO D 388 1.29 46.47 11.33
CA PRO D 388 -0.02 47.01 11.03
C PRO D 388 -0.62 46.10 9.99
N PRO D 389 -1.96 46.13 9.84
CA PRO D 389 -2.51 45.39 8.71
C PRO D 389 -2.00 45.97 7.38
N ALA D 390 -1.93 45.13 6.35
CA ALA D 390 -1.38 45.50 5.04
C ALA D 390 0.06 46.09 5.11
N PRO D 391 0.95 45.44 5.88
CA PRO D 391 2.30 45.97 6.12
C PRO D 391 3.16 46.02 4.85
N THR D 392 4.34 46.62 4.99
CA THR D 392 5.26 46.78 3.86
C THR D 392 6.46 45.87 3.98
N GLU D 393 7.03 45.50 2.83
CA GLU D 393 8.14 44.53 2.77
C GLU D 393 9.25 44.78 3.79
N SER D 394 9.50 46.04 4.14
CA SER D 394 10.50 46.34 5.13
C SER D 394 10.01 45.87 6.49
N GLU D 395 8.85 46.38 6.90
CA GLU D 395 8.27 46.12 8.22
C GLU D 395 8.16 44.62 8.50
N MET D 396 7.84 43.88 7.44
CA MET D 396 7.77 42.43 7.49
C MET D 396 9.14 41.84 7.81
N ALA D 397 10.10 42.21 7.00
CA ALA D 397 11.46 41.73 7.18
C ALA D 397 11.98 41.99 8.59
N GLU D 398 11.65 43.14 9.16
CA GLU D 398 11.99 43.44 10.55
C GLU D 398 11.34 42.43 11.53
N ALA D 399 10.06 42.15 11.34
CA ALA D 399 9.34 41.25 12.23
C ALA D 399 9.93 39.85 12.19
N LEU D 400 10.33 39.42 11.00
CA LEU D 400 10.96 38.11 10.87
C LEU D 400 12.26 38.00 11.69
N VAL D 401 13.05 39.06 11.73
CA VAL D 401 14.31 38.95 12.44
C VAL D 401 14.12 39.14 13.93
N ARG D 402 13.11 39.90 14.33
CA ARG D 402 12.78 40.03 15.73
C ARG D 402 12.42 38.65 16.26
N LEU D 403 11.78 37.86 15.40
CA LEU D 403 11.35 36.52 15.77
C LEU D 403 12.53 35.62 16.08
N LYS D 404 13.64 35.85 15.40
CA LYS D 404 14.83 35.06 15.59
C LYS D 404 15.71 35.55 16.71
N ASP D 405 15.25 36.59 17.39
CA ASP D 405 16.05 37.34 18.33
C ASP D 405 16.32 36.55 19.62
N ALA D 406 17.55 36.42 20.04
CA ALA D 406 17.86 35.74 21.30
C ALA D 406 17.57 36.52 22.59
N SER D 407 16.59 37.40 22.61
CA SER D 407 16.28 38.19 23.78
C SER D 407 15.01 37.70 24.42
N GLU D 408 14.67 38.27 25.56
CA GLU D 408 13.40 38.02 26.20
C GLU D 408 12.26 38.68 25.41
N GLU D 409 12.51 39.77 24.71
CA GLU D 409 11.41 40.39 23.99
C GLU D 409 11.05 39.43 22.90
N GLY D 410 12.06 38.88 22.23
CA GLY D 410 11.86 37.84 21.20
C GLY D 410 11.13 36.56 21.67
N ALA D 411 11.34 36.15 22.92
CA ALA D 411 10.67 35.02 23.50
C ALA D 411 9.22 35.32 23.66
N LYS D 412 8.91 36.52 24.14
CA LYS D 412 7.52 36.96 24.31
C LYS D 412 6.81 36.99 22.96
N ARG D 413 7.52 37.43 21.90
CA ARG D 413 6.93 37.43 20.54
C ARG D 413 6.63 36.02 20.07
N ARG D 414 7.65 35.18 20.03
CA ARG D 414 7.46 33.77 19.72
C ARG D 414 6.20 33.17 20.40
N ALA D 415 6.07 33.33 21.70
CA ALA D 415 4.92 32.83 22.42
C ALA D 415 3.63 33.49 21.98
N ALA D 416 3.68 34.80 21.75
CA ALA D 416 2.47 35.52 21.33
C ALA D 416 1.97 34.95 20.01
N LEU D 417 2.93 34.70 19.14
CA LEU D 417 2.65 34.21 17.83
C LEU D 417 2.02 32.83 17.93
N ARG D 418 2.58 31.98 18.78
CA ARG D 418 2.03 30.65 19.03
C ARG D 418 0.61 30.75 19.52
N LYS D 419 0.35 31.56 20.56
CA LYS D 419 -1.02 31.68 21.10
C LYS D 419 -1.90 32.14 19.95
N ALA D 420 -1.42 33.06 19.10
CA ALA D 420 -2.25 33.61 18.04
C ALA D 420 -2.54 32.55 17.03
N MET D 421 -1.50 31.84 16.57
CA MET D 421 -1.66 30.83 15.52
C MET D 421 -2.61 29.72 15.97
N ASP D 422 -2.41 29.21 17.19
CA ASP D 422 -3.24 28.11 17.69
C ASP D 422 -4.70 28.47 17.68
N ALA D 423 -5.01 29.69 18.07
CA ALA D 423 -6.37 30.16 18.07
C ALA D 423 -7.03 30.16 16.69
N THR D 424 -6.26 30.18 15.60
CA THR D 424 -6.90 30.16 14.28
C THR D 424 -7.48 28.78 13.94
N ILE D 425 -7.11 27.74 14.73
CA ILE D 425 -7.47 26.36 14.42
C ILE D 425 -8.98 26.14 14.44
N ILE D 426 -9.71 26.99 15.16
CA ILE D 426 -11.16 26.91 15.19
C ILE D 426 -11.78 26.97 13.77
N GLY D 427 -11.15 27.74 12.91
CA GLY D 427 -11.62 27.85 11.55
C GLY D 427 -11.06 26.78 10.65
N LEU D 428 -10.18 25.94 11.17
CA LEU D 428 -9.40 25.00 10.36
C LEU D 428 -9.41 23.57 10.89
N GLY D 429 -10.53 23.12 11.43
CA GLY D 429 -10.67 21.72 11.84
C GLY D 429 -10.91 21.50 13.30
N GLY D 430 -10.69 22.52 14.10
CA GLY D 430 -10.92 22.41 15.54
C GLY D 430 -12.36 22.51 16.00
N GLY D 431 -13.25 22.99 15.13
CA GLY D 431 -14.64 23.23 15.49
C GLY D 431 -15.51 22.02 15.28
N HIS D 432 -15.17 20.94 16.00
CA HIS D 432 -15.82 19.66 15.85
C HIS D 432 -17.23 19.72 16.46
N GLY D 433 -17.34 20.41 17.58
CA GLY D 433 -18.63 20.66 18.19
C GLY D 433 -19.60 21.41 17.28
N VAL D 434 -19.15 22.45 16.60
CA VAL D 434 -20.02 23.19 15.71
C VAL D 434 -20.55 22.25 14.64
N GLU D 435 -19.67 21.36 14.18
CA GLU D 435 -20.02 20.42 13.14
C GLU D 435 -21.11 19.37 13.56
N LEU D 436 -21.09 18.91 14.80
CA LEU D 436 -21.81 17.71 15.17
C LEU D 436 -22.80 17.88 16.28
N ASN D 437 -22.62 18.87 17.12
CA ASN D 437 -23.49 19.02 18.27
C ASN D 437 -24.88 19.65 17.99
N GLN D 438 -25.54 19.31 16.89
CA GLN D 438 -26.91 19.77 16.70
C GLN D 438 -27.74 19.25 17.83
N ARG D 439 -28.65 20.10 18.33
CA ARG D 439 -29.71 19.72 19.32
C ARG D 439 -31.06 20.29 18.83
N TYR D 440 -31.83 19.47 18.17
CA TYR D 440 -33.07 19.91 17.65
C TYR D 440 -34.09 20.07 18.76
N VAL D 441 -34.96 21.08 18.65
CA VAL D 441 -36.14 21.17 19.48
C VAL D 441 -37.35 21.59 18.65
N SER D 442 -38.31 20.69 18.54
CA SER D 442 -39.41 20.82 17.60
C SER D 442 -40.47 19.74 17.80
N ARG D 443 -41.56 19.84 17.01
CA ARG D 443 -42.69 18.90 17.09
C ARG D 443 -42.23 17.53 16.78
N ALA D 444 -41.12 17.46 16.09
CA ALA D 444 -40.58 16.21 15.60
C ALA D 444 -39.59 15.58 16.55
N VAL D 445 -39.45 16.08 17.79
CA VAL D 445 -38.82 15.29 18.84
C VAL D 445 -39.62 15.25 20.16
N PHE D 446 -39.76 14.04 20.67
CA PHE D 446 -40.59 13.76 21.80
C PHE D 446 -39.75 13.62 23.06
N PRO D 447 -39.87 14.61 23.93
CA PRO D 447 -39.07 14.66 25.14
C PRO D 447 -39.33 13.50 26.08
N ASP D 448 -38.30 13.07 26.76
CA ASP D 448 -38.40 11.88 27.59
C ASP D 448 -38.44 12.20 29.09
N GLY D 449 -38.35 13.47 29.43
CA GLY D 449 -38.43 13.84 30.84
C GLY D 449 -37.12 13.66 31.56
N THR D 450 -36.06 13.83 30.80
CA THR D 450 -34.73 13.95 31.34
C THR D 450 -34.38 15.41 31.36
N PRO D 451 -33.71 15.85 32.42
CA PRO D 451 -33.25 17.26 32.41
C PRO D 451 -32.29 17.45 31.22
N ASP D 452 -32.06 18.66 30.78
CA ASP D 452 -31.14 18.87 29.69
C ASP D 452 -29.80 18.91 30.29
N PRO D 453 -28.91 17.94 29.80
CA PRO D 453 -27.59 18.03 30.41
C PRO D 453 -26.86 19.00 29.55
N GLY D 454 -25.99 19.81 30.10
CA GLY D 454 -25.31 20.75 29.20
C GLY D 454 -24.21 20.05 28.45
N PHE D 455 -23.08 20.73 28.31
CA PHE D 455 -21.86 20.14 27.79
C PHE D 455 -20.80 20.21 28.92
N VAL D 456 -20.10 19.11 29.14
CA VAL D 456 -18.97 19.10 30.05
C VAL D 456 -17.87 19.99 29.50
N ARG D 457 -17.54 19.83 28.22
CA ARG D 457 -16.51 20.63 27.53
C ARG D 457 -17.04 21.59 26.47
N ASP D 458 -16.21 22.53 26.05
CA ASP D 458 -16.63 23.53 25.10
C ASP D 458 -17.36 22.96 23.89
N GLN D 459 -18.57 23.43 23.67
CA GLN D 459 -19.45 22.88 22.65
C GLN D 459 -19.18 23.30 21.22
N GLU D 460 -18.30 24.28 21.01
CA GLU D 460 -17.85 24.57 19.65
C GLU D 460 -16.67 23.68 19.25
N PHE D 461 -15.75 23.47 20.18
CA PHE D 461 -14.56 22.66 19.93
C PHE D 461 -14.79 21.16 20.05
N PHE D 462 -15.67 20.74 20.97
CA PHE D 462 -15.87 19.31 21.27
C PHE D 462 -17.30 18.78 21.11
N TYR D 463 -17.38 17.68 20.38
CA TYR D 463 -18.60 16.90 20.21
C TYR D 463 -18.89 16.13 21.48
N GLN D 464 -20.17 16.13 21.85
CA GLN D 464 -20.65 15.32 22.95
C GLN D 464 -21.78 14.43 22.46
N ALA D 465 -21.49 13.13 22.42
CA ALA D 465 -22.49 12.12 22.11
C ALA D 465 -23.60 12.21 23.15
N SER D 466 -24.84 12.17 22.66
CA SER D 466 -26.00 12.16 23.49
C SER D 466 -27.02 11.28 22.80
N THR D 467 -27.82 10.65 23.64
CA THR D 467 -28.86 9.73 23.17
C THR D 467 -30.25 10.27 23.54
N ARG D 468 -30.24 11.49 24.09
CA ARG D 468 -31.43 12.18 24.48
C ARG D 468 -32.13 12.66 23.24
N PRO D 469 -33.47 12.68 23.23
CA PRO D 469 -34.16 13.04 22.01
C PRO D 469 -33.79 14.44 21.56
N GLY D 470 -33.64 14.63 20.26
CA GLY D 470 -33.19 15.88 19.67
C GLY D 470 -31.72 15.84 19.29
N ALA D 471 -30.96 14.90 19.89
CA ALA D 471 -29.54 14.67 19.51
C ALA D 471 -29.39 13.67 18.38
N HIS D 472 -28.21 13.70 17.76
CA HIS D 472 -27.90 12.76 16.69
C HIS D 472 -27.48 11.43 17.28
N LEU D 473 -27.87 10.33 16.65
CA LEU D 473 -27.61 8.98 17.18
C LEU D 473 -26.12 8.77 17.27
N PRO D 474 -25.62 8.36 18.41
CA PRO D 474 -24.18 8.18 18.49
C PRO D 474 -23.76 6.99 17.68
N HIS D 475 -22.53 7.01 17.23
CA HIS D 475 -21.89 5.94 16.56
C HIS D 475 -21.15 5.11 17.56
N VAL D 476 -21.33 3.80 17.48
CA VAL D 476 -20.41 2.84 18.04
C VAL D 476 -20.35 1.64 17.07
N TRP D 477 -19.31 0.79 17.21
CA TRP D 477 -19.19 -0.41 16.41
C TRP D 477 -19.92 -1.56 17.04
N LEU D 478 -20.81 -2.16 16.26
CA LEU D 478 -21.41 -3.45 16.53
C LEU D 478 -20.72 -4.42 15.60
N THR D 479 -21.16 -5.68 15.62
CA THR D 479 -20.78 -6.66 14.62
C THR D 479 -22.03 -7.28 14.03
N GLU D 480 -21.98 -7.49 12.70
CA GLU D 480 -22.88 -8.40 11.97
C GLU D 480 -21.99 -9.43 11.29
N ASN D 481 -22.13 -10.70 11.66
CA ASN D 481 -21.27 -11.78 11.17
C ASN D 481 -19.82 -11.52 11.47
N GLN D 482 -19.54 -11.05 12.68
CA GLN D 482 -18.16 -10.82 13.15
C GLN D 482 -17.46 -9.72 12.39
N ARG D 483 -18.20 -9.05 11.50
CA ARG D 483 -17.65 -7.98 10.69
C ARG D 483 -18.22 -6.67 11.34
N ARG D 484 -17.41 -5.64 11.51
CA ARG D 484 -17.86 -4.39 12.11
C ARG D 484 -18.92 -3.68 11.29
N ILE D 485 -19.94 -3.17 11.98
CA ILE D 485 -20.93 -2.34 11.40
C ILE D 485 -21.22 -1.20 12.35
N SER D 486 -21.47 -0.04 11.82
CA SER D 486 -21.79 1.07 12.66
C SER D 486 -23.24 1.01 13.09
N THR D 487 -23.47 1.50 14.29
CA THR D 487 -24.79 1.73 14.77
C THR D 487 -25.62 2.59 13.77
N LEU D 488 -24.96 3.48 13.04
CA LEU D 488 -25.65 4.32 12.07
C LEU D 488 -26.07 3.56 10.83
N ASP D 489 -25.43 2.42 10.59
CA ASP D 489 -25.74 1.59 9.43
C ASP D 489 -26.99 0.78 9.66
N LEU D 490 -27.43 0.68 10.90
CA LEU D 490 -28.74 0.10 11.14
C LEU D 490 -29.93 1.02 10.79
N CYS D 491 -29.70 2.27 10.40
CA CYS D 491 -30.70 3.29 10.70
C CYS D 491 -31.28 4.22 9.68
N GLY D 492 -30.77 4.25 8.47
CA GLY D 492 -31.31 5.27 7.58
C GLY D 492 -32.44 4.77 6.71
N LYS D 493 -32.14 4.72 5.42
CA LYS D 493 -32.96 4.04 4.42
C LYS D 493 -34.39 4.60 4.35
N GLY D 494 -34.54 5.89 4.63
CA GLY D 494 -35.83 6.57 4.56
C GLY D 494 -36.91 6.09 5.53
N ARG D 495 -36.52 5.54 6.67
CA ARG D 495 -37.49 4.93 7.55
C ARG D 495 -37.09 5.11 9.03
N PHE D 496 -38.10 5.06 9.90
CA PHE D 496 -37.86 5.10 11.32
C PHE D 496 -37.29 3.78 11.78
N THR D 497 -36.42 3.82 12.77
CA THR D 497 -35.79 2.62 13.29
C THR D 497 -35.86 2.66 14.80
N LEU D 498 -36.01 1.52 15.44
CA LEU D 498 -36.09 1.44 16.88
C LEU D 498 -35.08 0.44 17.41
N LEU D 499 -34.29 0.83 18.40
CA LEU D 499 -33.14 0.03 18.81
C LEU D 499 -33.30 -0.42 20.21
N THR D 500 -32.85 -1.64 20.52
CA THR D 500 -33.04 -2.26 21.85
C THR D 500 -32.08 -3.40 22.09
N GLY D 501 -32.02 -3.85 23.34
CA GLY D 501 -31.36 -5.10 23.70
C GLY D 501 -32.35 -6.23 23.91
N LEU D 502 -31.83 -7.43 24.20
CA LEU D 502 -32.67 -8.62 24.36
C LEU D 502 -33.79 -8.50 25.39
N SER D 503 -33.49 -7.85 26.50
CA SER D 503 -34.51 -7.62 27.53
C SER D 503 -35.68 -6.82 26.98
N GLY D 504 -35.59 -6.34 25.74
CA GLY D 504 -36.57 -5.40 25.20
C GLY D 504 -37.37 -5.94 24.04
N ALA D 505 -37.39 -7.26 23.89
CA ALA D 505 -38.10 -7.88 22.78
C ALA D 505 -39.56 -7.38 22.65
N ALA D 506 -40.17 -7.00 23.77
CA ALA D 506 -41.53 -6.46 23.77
C ALA D 506 -41.69 -5.32 22.77
N TRP D 507 -40.64 -4.54 22.56
CA TRP D 507 -40.75 -3.43 21.64
C TRP D 507 -41.05 -3.97 20.23
N LYS D 508 -40.54 -5.15 19.87
CA LYS D 508 -40.82 -5.73 18.52
C LYS D 508 -42.32 -5.74 18.28
N HIS D 509 -43.07 -6.30 19.25
CA HIS D 509 -44.51 -6.46 19.05
C HIS D 509 -45.21 -5.12 19.08
N GLU D 510 -44.81 -4.30 20.03
CA GLU D 510 -45.38 -2.98 20.14
C GLU D 510 -45.16 -2.12 18.86
N ALA D 511 -44.01 -2.32 18.24
CA ALA D 511 -43.68 -1.58 17.04
C ALA D 511 -44.57 -2.01 15.90
N GLU D 512 -44.72 -3.32 15.71
CA GLU D 512 -45.58 -3.84 14.63
C GLU D 512 -46.95 -3.22 14.75
N GLN D 513 -47.51 -3.28 15.96
CA GLN D 513 -48.84 -2.72 16.19
C GLN D 513 -48.95 -1.28 15.72
N VAL D 514 -47.91 -0.50 15.92
CA VAL D 514 -47.95 0.90 15.58
C VAL D 514 -47.79 1.13 14.09
N SER D 515 -46.92 0.38 13.44
CA SER D 515 -46.84 0.37 11.98
C SER D 515 -48.16 0.00 11.37
N GLN D 516 -48.79 -1.07 11.86
CA GLN D 516 -50.10 -1.45 11.34
C GLN D 516 -51.05 -0.28 11.58
N SER D 517 -51.19 0.13 12.82
CA SER D 517 -52.14 1.17 13.18
C SER D 517 -52.01 2.46 12.35
N LEU D 518 -50.82 3.08 12.35
CA LEU D 518 -50.55 4.26 11.49
C LEU D 518 -49.88 3.64 10.34
N GLY D 519 -49.86 4.26 9.18
CA GLY D 519 -49.37 3.49 8.06
C GLY D 519 -47.88 3.62 7.77
N ILE D 520 -46.98 3.26 8.67
CA ILE D 520 -45.56 3.49 8.39
C ILE D 520 -44.62 2.34 8.73
N GLU D 521 -43.49 2.29 8.03
CA GLU D 521 -42.49 1.25 8.22
C GLU D 521 -41.75 1.57 9.50
N LEU D 522 -41.42 0.54 10.25
CA LEU D 522 -40.68 0.78 11.45
C LEU D 522 -39.78 -0.39 11.77
N LYS D 523 -38.56 -0.35 11.25
CA LYS D 523 -37.61 -1.42 11.52
C LYS D 523 -37.37 -1.45 13.02
N VAL D 524 -37.22 -2.67 13.53
CA VAL D 524 -36.77 -2.88 14.88
C VAL D 524 -35.52 -3.75 14.93
N CYS D 525 -34.45 -3.26 15.53
CA CYS D 525 -33.25 -4.05 15.79
C CYS D 525 -33.11 -4.35 17.27
N VAL D 526 -33.04 -5.65 17.57
CA VAL D 526 -32.74 -6.13 18.90
C VAL D 526 -31.27 -6.50 18.97
N ILE D 527 -30.45 -5.68 19.62
CA ILE D 527 -29.01 -5.90 19.62
C ILE D 527 -28.68 -6.81 20.79
N GLY D 528 -27.95 -7.89 20.51
CA GLY D 528 -27.39 -8.74 21.55
C GLY D 528 -26.76 -10.05 21.08
N PRO D 529 -26.18 -10.82 22.02
CA PRO D 529 -25.38 -12.02 21.81
C PRO D 529 -25.87 -12.99 20.78
N GLY D 530 -27.15 -13.34 20.82
CA GLY D 530 -27.61 -14.25 19.78
C GLY D 530 -27.73 -13.66 18.39
N GLN D 531 -28.01 -12.37 18.30
CA GLN D 531 -28.80 -11.79 17.20
C GLN D 531 -28.00 -11.51 15.96
N GLU D 532 -28.64 -10.87 14.96
CA GLU D 532 -27.95 -10.44 13.73
C GLU D 532 -26.89 -9.38 14.06
N PHE D 533 -27.30 -8.32 14.75
CA PHE D 533 -26.38 -7.29 15.21
C PHE D 533 -26.10 -7.59 16.68
N VAL D 534 -24.84 -7.64 17.08
CA VAL D 534 -24.48 -7.86 18.47
C VAL D 534 -23.50 -6.78 18.86
N ASP D 535 -23.41 -6.37 20.13
CA ASP D 535 -22.28 -5.47 20.40
C ASP D 535 -21.12 -6.20 21.04
N THR D 536 -20.32 -6.80 20.18
CA THR D 536 -19.12 -7.45 20.62
C THR D 536 -18.20 -6.58 21.50
N TYR D 537 -18.20 -5.25 21.40
CA TYR D 537 -17.33 -4.45 22.33
C TYR D 537 -18.00 -3.83 23.58
N GLY D 538 -19.32 -3.93 23.71
CA GLY D 538 -20.00 -3.30 24.83
C GLY D 538 -20.22 -1.82 24.68
N GLU D 539 -19.87 -1.27 23.53
CA GLU D 539 -19.97 0.15 23.33
C GLU D 539 -21.43 0.56 23.32
N TYR D 540 -22.34 -0.31 22.90
CA TYR D 540 -23.73 0.10 22.86
C TYR D 540 -24.28 0.22 24.28
N ALA D 541 -24.06 -0.80 25.08
CA ALA D 541 -24.32 -0.72 26.51
C ALA D 541 -23.72 0.51 27.15
N LYS D 542 -22.43 0.75 26.93
CA LYS D 542 -21.73 1.90 27.52
C LYS D 542 -22.33 3.22 27.07
N ILE D 543 -22.65 3.35 25.79
CA ILE D 543 -22.96 4.67 25.21
C ILE D 543 -24.38 5.12 25.47
N SER D 544 -25.38 4.24 25.28
CA SER D 544 -26.78 4.61 25.57
C SER D 544 -26.89 4.91 27.07
N GLU D 545 -27.80 5.80 27.41
CA GLU D 545 -27.83 6.27 28.79
C GLU D 545 -29.08 5.63 29.46
N ILE D 546 -29.20 4.32 29.33
CA ILE D 546 -30.48 3.60 29.19
C ILE D 546 -30.19 2.12 29.44
N GLY D 547 -31.13 1.40 30.05
CA GLY D 547 -30.94 0.00 30.36
C GLY D 547 -31.17 -0.87 29.16
N GLU D 548 -30.79 -2.14 29.25
CA GLU D 548 -30.89 -3.02 28.12
C GLU D 548 -32.31 -3.00 27.49
N SER D 549 -33.34 -3.07 28.30
CA SER D 549 -34.70 -3.13 27.78
C SER D 549 -35.20 -1.81 27.18
N GLY D 550 -34.47 -0.71 27.37
CA GLY D 550 -34.92 0.58 26.88
C GLY D 550 -34.90 0.62 25.37
N ALA D 551 -35.33 1.72 24.78
CA ALA D 551 -35.31 1.84 23.32
C ALA D 551 -35.11 3.26 22.80
N LEU D 552 -34.50 3.37 21.61
CA LEU D 552 -34.30 4.66 20.96
C LEU D 552 -35.06 4.62 19.66
N LEU D 553 -35.90 5.61 19.43
CA LEU D 553 -36.52 5.74 18.16
C LEU D 553 -35.68 6.74 17.41
N VAL D 554 -35.17 6.31 16.27
CA VAL D 554 -34.38 7.12 15.39
C VAL D 554 -35.19 7.52 14.17
N ARG D 555 -35.08 8.78 13.81
CA ARG D 555 -35.66 9.30 12.57
C ARG D 555 -34.91 8.85 11.31
N PRO D 556 -35.55 8.97 10.12
CA PRO D 556 -34.85 8.81 8.85
C PRO D 556 -33.59 9.61 8.77
N ASP D 557 -33.62 10.83 9.24
CA ASP D 557 -32.42 11.64 9.20
C ASP D 557 -31.44 11.38 10.35
N MET D 558 -31.58 10.26 11.04
CA MET D 558 -30.59 9.82 12.01
C MET D 558 -30.60 10.50 13.41
N PHE D 559 -31.58 11.36 13.65
CA PHE D 559 -31.77 12.01 14.92
C PHE D 559 -32.76 11.22 15.74
N ILE D 560 -32.48 11.14 17.02
CA ILE D 560 -33.36 10.45 17.96
C ILE D 560 -34.61 11.29 18.24
N ALA D 561 -35.78 10.70 18.04
CA ALA D 561 -37.03 11.41 18.37
C ALA D 561 -37.72 10.93 19.65
N PHE D 562 -37.27 9.83 20.23
CA PHE D 562 -37.95 9.24 21.37
C PHE D 562 -37.01 8.23 22.04
N ARG D 563 -37.06 8.19 23.37
CA ARG D 563 -36.23 7.28 24.16
C ARG D 563 -37.03 6.78 25.38
N ALA D 564 -36.94 5.50 25.69
CA ALA D 564 -37.58 4.94 26.87
C ALA D 564 -36.57 4.24 27.79
N LYS D 565 -36.66 4.49 29.10
CA LYS D 565 -35.74 3.97 30.12
C LYS D 565 -35.67 2.46 30.04
N ASP D 566 -36.83 1.85 29.83
CA ASP D 566 -37.03 0.39 29.97
C ASP D 566 -38.25 -0.09 29.16
N ALA D 567 -38.56 -1.37 29.22
CA ALA D 567 -39.72 -1.91 28.48
C ALA D 567 -40.95 -2.16 29.37
N SER D 568 -41.10 -1.38 30.43
CA SER D 568 -42.31 -1.42 31.24
C SER D 568 -43.51 -1.04 30.38
N ARG D 569 -44.71 -1.39 30.84
CA ARG D 569 -45.91 -1.13 30.07
C ARG D 569 -46.14 0.39 29.93
N GLU D 570 -45.75 1.16 30.95
CA GLU D 570 -45.87 2.60 30.91
C GLU D 570 -45.05 3.15 29.75
N GLY D 571 -43.85 2.60 29.61
CA GLY D 571 -42.94 2.97 28.54
C GLY D 571 -43.47 2.55 27.18
N LEU D 572 -43.97 1.33 27.11
CA LEU D 572 -44.48 0.78 25.87
C LEU D 572 -45.72 1.50 25.33
N GLU D 573 -46.55 1.99 26.23
CA GLU D 573 -47.74 2.74 25.86
C GLU D 573 -47.37 4.06 25.16
N GLN D 574 -46.31 4.69 25.68
CA GLN D 574 -45.86 5.99 25.17
C GLN D 574 -45.50 6.02 23.69
N LEU D 575 -45.01 4.90 23.16
CA LEU D 575 -44.47 4.88 21.82
C LEU D 575 -45.47 5.36 20.79
N ASN D 576 -46.62 4.73 20.82
CA ASN D 576 -47.72 5.06 19.95
C ASN D 576 -48.10 6.55 20.01
N VAL D 577 -47.97 7.15 21.19
CA VAL D 577 -48.30 8.56 21.32
C VAL D 577 -47.21 9.42 20.74
N ALA D 578 -45.96 9.11 21.10
CA ALA D 578 -44.82 9.80 20.56
C ALA D 578 -44.89 9.83 19.05
N VAL D 579 -45.19 8.68 18.46
CA VAL D 579 -45.27 8.63 17.00
C VAL D 579 -46.43 9.46 16.42
N LYS D 580 -47.65 9.28 16.92
CA LYS D 580 -48.76 10.14 16.45
C LYS D 580 -48.39 11.65 16.57
N SER D 581 -47.77 12.01 17.68
CA SER D 581 -47.41 13.40 17.95
C SER D 581 -46.37 13.91 16.98
N ILE D 582 -45.31 13.14 16.79
CA ILE D 582 -44.24 13.52 15.86
C ILE D 582 -44.82 13.81 14.46
N LEU D 583 -45.76 12.98 14.00
CA LEU D 583 -46.32 13.08 12.65
C LEU D 583 -47.54 13.97 12.56
N GLY D 584 -47.96 14.53 13.70
CA GLY D 584 -49.05 15.50 13.73
C GLY D 584 -50.43 14.90 13.63
N ARG D 585 -50.60 13.72 14.22
CA ARG D 585 -51.81 12.89 14.02
C ARG D 585 -52.50 12.41 15.32
#